data_4KNU
#
_entry.id   4KNU
#
_cell.length_a   51.087
_cell.length_b   136.940
_cell.length_c   121.486
_cell.angle_alpha   90.00
_cell.angle_beta   101.18
_cell.angle_gamma   90.00
#
_symmetry.space_group_name_H-M   'P 1 21 1'
#
loop_
_entity.id
_entity.type
_entity.pdbx_description
1 polymer 'Multicopper oxidase type 1'
2 non-polymer 'COPPER (II) ION'
3 non-polymer GLYCEROL
4 non-polymer 'CHLORIDE ION'
5 water water
#
_entity_poly.entity_id   1
_entity_poly.type   'polypeptide(L)'
_entity_poly.pdbx_seq_one_letter_code
;KTVQVTLHAVETDVAYDNKGSTYRAWTFDGKVPGPVVRVTEGDTVEFTLINDKNSKNSHSMDFHAARLDVVEDFESIKPG
ETKKYTFTADNPGVFFYHCGSDPMIQHIARGMYGVIIVDPKDANALPKADREYVLIQAEHYENPDDKTAMMQNKWSNVVF
NGGVFKYDPVHDSEATSWLQAKPGERVRIYFVNAGPNELSSLHPIAGIWDRVYPSGNPKNVQYALQSYLIGAGDAATLDL
ISPVEGANAIVDHSMRHAHSGAIAVIMFTNDADPEAGRGENILIR
;
_entity_poly.pdbx_strand_id   A,B,C,D,E,F
#
loop_
_chem_comp.id
_chem_comp.type
_chem_comp.name
_chem_comp.formula
CL non-polymer 'CHLORIDE ION' 'Cl -1'
CU non-polymer 'COPPER (II) ION' 'Cu 2'
GOL non-polymer GLYCEROL 'C3 H8 O3'
#
# COMPACT_ATOMS: atom_id res chain seq x y z
N LYS A 1 -5.57 -43.46 -19.13
CA LYS A 1 -5.73 -44.28 -17.88
C LYS A 1 -7.19 -44.27 -17.41
N THR A 2 -7.49 -45.14 -16.45
CA THR A 2 -8.81 -45.17 -15.82
C THR A 2 -8.66 -44.61 -14.42
N VAL A 3 -9.54 -43.68 -14.07
CA VAL A 3 -9.50 -43.01 -12.78
C VAL A 3 -10.84 -43.21 -12.09
N GLN A 4 -10.82 -43.33 -10.77
CA GLN A 4 -12.06 -43.48 -10.01
C GLN A 4 -12.33 -42.18 -9.29
N VAL A 5 -13.54 -41.67 -9.44
CA VAL A 5 -13.93 -40.44 -8.78
C VAL A 5 -15.20 -40.71 -7.99
N THR A 6 -15.15 -40.50 -6.68
CA THR A 6 -16.32 -40.67 -5.82
C THR A 6 -16.60 -39.37 -5.09
N LEU A 7 -17.83 -38.89 -5.20
CA LEU A 7 -18.26 -37.70 -4.49
C LEU A 7 -19.53 -37.98 -3.68
N HIS A 8 -19.70 -37.27 -2.57
CA HIS A 8 -20.91 -37.32 -1.77
C HIS A 8 -21.75 -36.09 -2.01
N ALA A 9 -23.06 -36.29 -2.11
CA ALA A 9 -24.00 -35.17 -1.98
C ALA A 9 -24.23 -34.95 -0.48
N VAL A 10 -23.88 -33.75 -0.01
CA VAL A 10 -23.86 -33.40 1.41
C VAL A 10 -24.55 -32.06 1.61
N GLU A 11 -25.53 -32.04 2.51
CA GLU A 11 -26.25 -30.82 2.84
C GLU A 11 -25.76 -30.38 4.20
N THR A 12 -25.18 -29.19 4.25
CA THR A 12 -24.50 -28.75 5.45
C THR A 12 -24.30 -27.24 5.42
N ASP A 13 -24.20 -26.63 6.60
CA ASP A 13 -23.89 -25.20 6.71
C ASP A 13 -22.48 -24.88 6.21
N VAL A 14 -22.36 -23.83 5.37
CA VAL A 14 -21.04 -23.37 4.91
C VAL A 14 -21.00 -21.83 4.94
N ALA A 15 -19.80 -21.27 5.10
CA ALA A 15 -19.64 -19.81 5.19
C ALA A 15 -19.60 -19.22 3.79
N TYR A 16 -20.22 -18.05 3.59
CA TYR A 16 -20.23 -17.44 2.26
C TYR A 16 -19.66 -16.02 2.22
N ASP A 17 -19.13 -15.55 3.35
CA ASP A 17 -18.47 -14.25 3.40
C ASP A 17 -17.31 -14.22 4.38
N ASN A 18 -16.63 -13.09 4.48
CA ASN A 18 -15.43 -13.00 5.30
C ASN A 18 -15.71 -12.80 6.79
N LYS A 19 -16.94 -12.48 7.13
CA LYS A 19 -17.34 -12.26 8.53
C LYS A 19 -18.03 -13.47 9.16
N GLY A 20 -17.96 -14.61 8.48
CA GLY A 20 -18.47 -15.88 9.01
C GLY A 20 -19.93 -16.19 8.79
N SER A 21 -20.67 -15.33 8.06
CA SER A 21 -22.07 -15.62 7.76
C SER A 21 -22.18 -16.99 7.06
N THR A 22 -23.14 -17.80 7.47
CA THR A 22 -23.35 -19.13 6.86
C THR A 22 -24.73 -19.27 6.23
N TYR A 23 -24.91 -20.31 5.42
CA TYR A 23 -26.23 -20.69 4.90
C TYR A 23 -26.27 -22.21 4.78
N ARG A 24 -27.47 -22.77 4.64
CA ARG A 24 -27.59 -24.21 4.47
C ARG A 24 -27.34 -24.54 3.01
N ALA A 25 -26.12 -24.98 2.74
CA ALA A 25 -25.69 -25.29 1.39
C ALA A 25 -26.07 -26.71 1.00
N TRP A 26 -26.18 -26.95 -0.31
CA TRP A 26 -26.19 -28.31 -0.82
C TRP A 26 -24.91 -28.41 -1.59
N THR A 27 -24.15 -29.49 -1.38
CA THR A 27 -22.76 -29.53 -1.82
C THR A 27 -22.34 -30.91 -2.30
N PHE A 28 -21.22 -30.94 -3.02
CA PHE A 28 -20.43 -32.14 -3.19
C PHE A 28 -19.30 -32.14 -2.16
N ASP A 29 -19.24 -33.20 -1.37
CA ASP A 29 -18.19 -33.39 -0.35
C ASP A 29 -18.13 -32.34 0.77
N GLY A 30 -19.24 -31.64 0.98
CA GLY A 30 -19.35 -30.74 2.14
C GLY A 30 -18.71 -29.38 1.95
N LYS A 31 -18.27 -29.06 0.74
CA LYS A 31 -17.65 -27.75 0.47
C LYS A 31 -18.17 -27.12 -0.83
N VAL A 32 -18.08 -25.80 -0.90
CA VAL A 32 -18.47 -25.05 -2.10
C VAL A 32 -17.25 -24.19 -2.55
N PRO A 33 -16.84 -24.32 -3.83
CA PRO A 33 -17.30 -25.25 -4.84
C PRO A 33 -16.90 -26.68 -4.47
N GLY A 34 -17.41 -27.65 -5.21
CA GLY A 34 -16.99 -29.04 -5.01
C GLY A 34 -15.50 -29.26 -5.28
N PRO A 35 -15.00 -30.47 -5.00
CA PRO A 35 -13.61 -30.80 -5.25
C PRO A 35 -13.25 -30.65 -6.71
N VAL A 36 -12.04 -30.14 -6.98
CA VAL A 36 -11.51 -30.10 -8.35
C VAL A 36 -11.34 -31.54 -8.85
N VAL A 37 -11.86 -31.84 -10.02
CA VAL A 37 -11.62 -33.16 -10.63
C VAL A 37 -10.67 -32.85 -11.77
N ARG A 38 -9.61 -33.64 -11.91
CA ARG A 38 -8.62 -33.42 -12.94
C ARG A 38 -8.19 -34.72 -13.62
N VAL A 39 -8.36 -34.78 -14.93
CA VAL A 39 -8.04 -35.97 -15.72
C VAL A 39 -7.29 -35.56 -17.00
N THR A 40 -6.86 -36.55 -17.79
CA THR A 40 -6.24 -36.27 -19.09
C THR A 40 -7.22 -36.62 -20.20
N GLU A 41 -7.21 -35.83 -21.27
CA GLU A 41 -7.95 -36.11 -22.48
C GLU A 41 -7.80 -37.59 -22.85
N GLY A 42 -8.91 -38.27 -23.02
CA GLY A 42 -8.93 -39.69 -23.37
C GLY A 42 -9.07 -40.63 -22.19
N ASP A 43 -8.89 -40.13 -20.97
CA ASP A 43 -9.05 -40.95 -19.77
C ASP A 43 -10.47 -41.48 -19.61
N THR A 44 -10.59 -42.66 -19.01
CA THR A 44 -11.89 -43.19 -18.58
C THR A 44 -12.15 -42.77 -17.14
N VAL A 45 -13.30 -42.16 -16.90
CA VAL A 45 -13.68 -41.75 -15.55
C VAL A 45 -14.75 -42.69 -15.03
N GLU A 46 -14.45 -43.40 -13.93
CA GLU A 46 -15.44 -44.25 -13.27
C GLU A 46 -15.96 -43.47 -12.08
N PHE A 47 -17.14 -42.89 -12.27
CA PHE A 47 -17.69 -41.96 -11.33
C PHE A 47 -18.73 -42.64 -10.42
N THR A 48 -18.70 -42.26 -9.15
CA THR A 48 -19.68 -42.73 -8.16
C THR A 48 -20.22 -41.51 -7.40
N LEU A 49 -21.55 -41.39 -7.32
CA LEU A 49 -22.18 -40.39 -6.46
C LEU A 49 -22.86 -41.13 -5.31
N ILE A 50 -22.50 -40.75 -4.09
CA ILE A 50 -23.19 -41.22 -2.89
C ILE A 50 -24.05 -40.09 -2.31
N ASN A 51 -25.36 -40.24 -2.33
CA ASN A 51 -26.22 -39.28 -1.67
C ASN A 51 -26.34 -39.65 -0.19
N ASP A 52 -25.80 -38.78 0.67
CA ASP A 52 -25.73 -39.11 2.10
C ASP A 52 -27.11 -39.34 2.71
N LYS A 53 -27.18 -40.31 3.62
CA LYS A 53 -28.44 -40.70 4.22
C LYS A 53 -29.20 -39.53 4.88
N ASN A 54 -28.46 -38.57 5.43
CA ASN A 54 -29.06 -37.42 6.08
C ASN A 54 -29.43 -36.24 5.15
N SER A 55 -29.23 -36.40 3.85
CA SER A 55 -29.78 -35.42 2.90
C SER A 55 -31.30 -35.46 2.96
N LYS A 56 -31.93 -34.31 2.71
CA LYS A 56 -33.38 -34.22 2.65
C LYS A 56 -33.90 -34.26 1.22
N ASN A 57 -32.99 -34.22 0.25
CA ASN A 57 -33.33 -34.06 -1.17
C ASN A 57 -32.63 -35.08 -2.05
N SER A 58 -33.22 -35.37 -3.21
CA SER A 58 -32.56 -36.17 -4.25
C SER A 58 -31.52 -35.31 -4.96
N HIS A 59 -30.41 -35.93 -5.37
CA HIS A 59 -29.31 -35.23 -6.04
C HIS A 59 -28.77 -36.06 -7.17
N SER A 60 -27.99 -35.44 -8.06
CA SER A 60 -27.48 -36.12 -9.24
C SER A 60 -26.14 -35.51 -9.63
N MET A 61 -25.55 -35.99 -10.73
CA MET A 61 -24.32 -35.38 -11.24
C MET A 61 -24.31 -35.26 -12.75
N ASP A 62 -24.08 -34.02 -13.21
CA ASP A 62 -23.94 -33.67 -14.62
C ASP A 62 -22.51 -33.16 -14.82
N PHE A 63 -21.70 -33.86 -15.63
CA PHE A 63 -20.35 -33.36 -16.02
C PHE A 63 -20.45 -32.84 -17.46
N HIS A 64 -20.09 -31.57 -17.67
CA HIS A 64 -20.02 -31.03 -19.04
C HIS A 64 -18.93 -31.70 -19.85
N ALA A 65 -18.07 -32.48 -19.19
CA ALA A 65 -17.00 -33.21 -19.89
C ALA A 65 -17.48 -34.55 -20.43
N ALA A 66 -18.72 -34.91 -20.09
CA ALA A 66 -19.27 -36.23 -20.41
C ALA A 66 -20.22 -36.19 -21.61
N ARG A 67 -20.20 -37.26 -22.41
CA ARG A 67 -21.17 -37.47 -23.50
C ARG A 67 -21.95 -38.74 -23.20
N LEU A 68 -23.16 -38.58 -22.69
CA LEU A 68 -23.90 -39.70 -22.08
C LEU A 68 -25.37 -39.58 -22.38
N ASP A 69 -26.21 -40.23 -21.60
CA ASP A 69 -27.66 -40.11 -21.74
C ASP A 69 -28.19 -39.36 -20.52
N VAL A 70 -28.81 -38.20 -20.76
CA VAL A 70 -29.33 -37.37 -19.68
C VAL A 70 -30.33 -38.12 -18.78
N VAL A 71 -31.13 -38.98 -19.39
CA VAL A 71 -32.22 -39.62 -18.66
C VAL A 71 -31.68 -40.67 -17.68
N GLU A 72 -30.78 -41.54 -18.14
CA GLU A 72 -30.29 -42.59 -17.26
C GLU A 72 -29.08 -42.16 -16.42
N ASP A 73 -28.07 -41.61 -17.09
CA ASP A 73 -26.83 -41.25 -16.41
C ASP A 73 -26.94 -40.09 -15.42
N PHE A 74 -27.66 -39.02 -15.82
CA PHE A 74 -27.80 -37.84 -14.95
C PHE A 74 -29.02 -37.90 -14.04
N GLU A 75 -29.61 -39.09 -13.89
CA GLU A 75 -30.79 -39.26 -13.03
C GLU A 75 -30.53 -38.92 -11.56
N SER A 76 -31.59 -38.43 -10.92
CA SER A 76 -31.61 -38.11 -9.50
C SER A 76 -31.68 -39.37 -8.63
N ILE A 77 -30.93 -39.35 -7.53
CA ILE A 77 -31.00 -40.43 -6.55
C ILE A 77 -31.40 -39.92 -5.16
N LYS A 78 -32.08 -40.78 -4.42
CA LYS A 78 -32.62 -40.45 -3.11
C LYS A 78 -31.51 -40.42 -2.05
N PRO A 79 -31.77 -39.72 -0.92
CA PRO A 79 -30.87 -39.85 0.21
C PRO A 79 -30.66 -41.33 0.55
N GLY A 80 -29.39 -41.71 0.74
CA GLY A 80 -29.03 -43.10 1.08
C GLY A 80 -28.75 -44.00 -0.11
N GLU A 81 -28.91 -43.47 -1.32
CA GLU A 81 -28.67 -44.22 -2.55
C GLU A 81 -27.29 -43.89 -3.13
N THR A 82 -26.81 -44.75 -4.03
CA THR A 82 -25.51 -44.59 -4.68
C THR A 82 -25.68 -44.88 -6.16
N LYS A 83 -25.13 -44.00 -7.01
CA LYS A 83 -25.22 -44.10 -8.47
C LYS A 83 -23.83 -44.19 -9.07
N LYS A 84 -23.68 -45.04 -10.10
CA LYS A 84 -22.42 -45.17 -10.83
C LYS A 84 -22.63 -44.94 -12.32
N TYR A 85 -21.70 -44.21 -12.93
CA TYR A 85 -21.56 -44.22 -14.37
C TYR A 85 -20.13 -43.99 -14.79
N THR A 86 -19.83 -44.37 -16.03
CA THR A 86 -18.50 -44.27 -16.59
C THR A 86 -18.56 -43.44 -17.86
N PHE A 87 -17.60 -42.54 -18.02
CA PHE A 87 -17.44 -41.82 -19.30
C PHE A 87 -15.98 -41.58 -19.67
N THR A 88 -15.72 -41.40 -20.96
CA THR A 88 -14.40 -40.99 -21.40
C THR A 88 -14.39 -39.48 -21.53
N ALA A 89 -13.27 -38.86 -21.17
CA ALA A 89 -13.11 -37.41 -21.33
C ALA A 89 -12.59 -37.14 -22.74
N ASP A 90 -13.51 -37.04 -23.69
CA ASP A 90 -13.18 -37.01 -25.13
C ASP A 90 -12.51 -35.72 -25.59
N ASN A 91 -12.76 -34.63 -24.87
CA ASN A 91 -12.26 -33.33 -25.30
C ASN A 91 -11.49 -32.59 -24.24
N PRO A 92 -10.31 -32.06 -24.60
CA PRO A 92 -9.52 -31.34 -23.60
C PRO A 92 -10.11 -29.97 -23.27
N GLY A 93 -9.80 -29.47 -22.08
CA GLY A 93 -10.23 -28.13 -21.70
C GLY A 93 -10.68 -28.02 -20.26
N VAL A 94 -11.70 -27.19 -20.04
CA VAL A 94 -12.20 -26.92 -18.71
C VAL A 94 -13.73 -26.95 -18.75
N PHE A 95 -14.32 -27.67 -17.80
CA PHE A 95 -15.75 -27.99 -17.89
C PHE A 95 -16.47 -27.84 -16.56
N PHE A 96 -17.66 -27.28 -16.63
CA PHE A 96 -18.58 -27.14 -15.51
C PHE A 96 -19.09 -28.54 -15.12
N TYR A 97 -19.18 -28.82 -13.82
CA TYR A 97 -19.98 -29.96 -13.32
C TYR A 97 -20.94 -29.45 -12.26
N HIS A 98 -22.11 -30.08 -12.16
CA HIS A 98 -23.11 -29.63 -11.19
C HIS A 98 -24.18 -30.67 -10.99
N CYS A 99 -24.91 -30.54 -9.88
CA CYS A 99 -26.13 -31.34 -9.70
C CYS A 99 -27.14 -30.95 -10.78
N GLY A 100 -27.79 -31.96 -11.36
CA GLY A 100 -28.86 -31.76 -12.33
C GLY A 100 -30.28 -32.03 -11.82
N SER A 101 -30.46 -32.03 -10.50
CA SER A 101 -31.76 -32.39 -9.94
C SER A 101 -32.77 -31.24 -9.97
N ASP A 102 -34.03 -31.58 -9.67
CA ASP A 102 -35.16 -30.64 -9.76
C ASP A 102 -35.33 -29.77 -8.50
N PRO A 103 -35.31 -28.42 -8.67
CA PRO A 103 -35.05 -27.65 -9.89
C PRO A 103 -33.57 -27.28 -9.96
N MET A 104 -32.96 -27.47 -11.12
CA MET A 104 -31.53 -27.19 -11.27
C MET A 104 -31.10 -25.82 -10.79
N ILE A 105 -31.93 -24.79 -11.04
CA ILE A 105 -31.61 -23.44 -10.61
C ILE A 105 -31.22 -23.43 -9.12
N GLN A 106 -31.97 -24.17 -8.32
CA GLN A 106 -31.77 -24.18 -6.88
C GLN A 106 -30.59 -25.05 -6.45
N HIS A 107 -30.47 -26.24 -7.04
CA HIS A 107 -29.34 -27.12 -6.71
C HIS A 107 -28.02 -26.46 -7.03
N ILE A 108 -27.96 -25.74 -8.14
CA ILE A 108 -26.76 -24.94 -8.47
C ILE A 108 -26.58 -23.79 -7.49
N ALA A 109 -27.63 -22.98 -7.31
CA ALA A 109 -27.57 -21.81 -6.43
C ALA A 109 -27.13 -22.15 -5.00
N ARG A 110 -27.54 -23.31 -4.50
CA ARG A 110 -27.23 -23.72 -3.13
C ARG A 110 -25.82 -24.30 -2.97
N GLY A 111 -25.12 -24.51 -4.09
CA GLY A 111 -23.70 -24.78 -4.02
C GLY A 111 -23.19 -26.05 -4.69
N MET A 112 -24.08 -26.75 -5.41
CA MET A 112 -23.69 -28.04 -6.03
C MET A 112 -23.09 -27.83 -7.40
N TYR A 113 -21.87 -27.31 -7.41
CA TYR A 113 -21.14 -27.07 -8.64
C TYR A 113 -19.64 -27.19 -8.40
N GLY A 114 -18.92 -27.44 -9.48
CA GLY A 114 -17.48 -27.58 -9.46
C GLY A 114 -16.91 -27.52 -10.86
N VAL A 115 -15.62 -27.81 -10.96
CA VAL A 115 -14.94 -27.89 -12.25
C VAL A 115 -14.27 -29.24 -12.46
N ILE A 116 -14.32 -29.74 -13.70
CA ILE A 116 -13.44 -30.82 -14.12
C ILE A 116 -12.49 -30.27 -15.17
N ILE A 117 -11.20 -30.42 -14.89
CA ILE A 117 -10.15 -29.99 -15.83
C ILE A 117 -9.72 -31.22 -16.62
N VAL A 118 -9.70 -31.11 -17.96
CA VAL A 118 -9.27 -32.20 -18.85
C VAL A 118 -7.99 -31.73 -19.56
N ASP A 119 -6.85 -32.16 -19.03
CA ASP A 119 -5.55 -31.79 -19.59
C ASP A 119 -5.40 -32.35 -21.01
N PRO A 120 -4.88 -31.53 -21.96
CA PRO A 120 -4.68 -32.05 -23.31
C PRO A 120 -3.75 -33.26 -23.34
N LYS A 121 -4.08 -34.26 -24.16
CA LYS A 121 -3.21 -35.43 -24.30
C LYS A 121 -1.84 -34.98 -24.83
N ASP A 122 -1.87 -34.02 -25.75
CA ASP A 122 -0.63 -33.38 -26.20
C ASP A 122 -0.22 -32.31 -25.20
N ALA A 123 0.79 -32.63 -24.40
CA ALA A 123 1.28 -31.74 -23.35
C ALA A 123 1.83 -30.42 -23.87
N ASN A 124 2.08 -30.33 -25.18
CA ASN A 124 2.63 -29.11 -25.77
C ASN A 124 1.57 -28.20 -26.41
N ALA A 125 0.30 -28.61 -26.34
CA ALA A 125 -0.79 -27.87 -27.01
C ALA A 125 -1.09 -26.51 -26.37
N LEU A 126 -0.88 -26.41 -25.05
CA LEU A 126 -0.97 -25.15 -24.32
C LEU A 126 0.43 -24.73 -23.92
N PRO A 127 0.71 -23.41 -23.92
CA PRO A 127 2.00 -22.97 -23.37
C PRO A 127 2.10 -23.35 -21.91
N LYS A 128 3.32 -23.58 -21.42
CA LYS A 128 3.46 -24.04 -20.04
C LYS A 128 3.03 -22.97 -19.03
N ALA A 129 2.15 -23.35 -18.11
CA ALA A 129 1.72 -22.44 -17.04
C ALA A 129 2.64 -22.55 -15.82
N ASP A 130 2.98 -21.41 -15.21
CA ASP A 130 3.79 -21.40 -14.00
C ASP A 130 2.91 -21.41 -12.75
N ARG A 131 1.65 -21.01 -12.92
CA ARG A 131 0.65 -21.06 -11.84
C ARG A 131 -0.69 -21.42 -12.46
N GLU A 132 -1.52 -22.10 -11.68
CA GLU A 132 -2.89 -22.41 -12.09
C GLU A 132 -3.83 -22.06 -10.95
N TYR A 133 -4.91 -21.34 -11.27
CA TYR A 133 -5.97 -21.07 -10.29
C TYR A 133 -7.35 -21.33 -10.86
N VAL A 134 -8.21 -21.94 -10.05
CA VAL A 134 -9.61 -22.14 -10.41
C VAL A 134 -10.43 -21.00 -9.80
N LEU A 135 -11.26 -20.36 -10.61
CA LEU A 135 -12.23 -19.41 -10.12
C LEU A 135 -13.59 -19.80 -10.70
N ILE A 136 -14.56 -20.01 -9.83
CA ILE A 136 -15.93 -20.33 -10.25
C ILE A 136 -16.88 -19.25 -9.76
N GLN A 137 -17.50 -18.57 -10.71
CA GLN A 137 -18.50 -17.56 -10.39
C GLN A 137 -19.86 -18.18 -10.18
N ALA A 138 -20.57 -17.70 -9.16
CA ALA A 138 -21.98 -18.05 -8.94
C ALA A 138 -22.71 -16.87 -8.31
N GLU A 139 -24.05 -16.88 -8.42
CA GLU A 139 -24.88 -15.96 -7.63
C GLU A 139 -25.21 -16.57 -6.27
N HIS A 140 -25.19 -15.74 -5.26
CA HIS A 140 -25.65 -16.13 -3.92
C HIS A 140 -27.00 -15.54 -3.69
N TYR A 141 -27.94 -16.38 -3.27
CA TYR A 141 -29.30 -15.93 -2.99
C TYR A 141 -29.49 -15.93 -1.48
N GLU A 142 -30.05 -14.84 -0.96
CA GLU A 142 -30.20 -14.65 0.49
C GLU A 142 -30.91 -15.83 1.17
N ASN A 143 -32.02 -16.27 0.58
CA ASN A 143 -32.79 -17.38 1.13
C ASN A 143 -32.72 -18.59 0.19
N PRO A 144 -31.99 -19.63 0.59
CA PRO A 144 -31.75 -20.80 -0.29
C PRO A 144 -33.05 -21.58 -0.62
N ASP A 145 -34.09 -21.38 0.18
CA ASP A 145 -35.38 -22.04 -0.04
C ASP A 145 -36.31 -21.27 -1.00
N ASP A 146 -35.97 -20.02 -1.29
CA ASP A 146 -36.83 -19.17 -2.11
C ASP A 146 -36.57 -19.31 -3.63
N LYS A 147 -37.28 -20.23 -4.26
CA LYS A 147 -37.13 -20.51 -5.69
C LYS A 147 -37.64 -19.37 -6.59
N THR A 148 -38.61 -18.61 -6.07
CA THR A 148 -39.17 -17.47 -6.78
C THR A 148 -38.15 -16.35 -6.96
N ALA A 149 -37.40 -16.03 -5.89
CA ALA A 149 -36.34 -15.04 -6.00
C ALA A 149 -35.31 -15.48 -7.04
N MET A 150 -35.01 -16.78 -7.06
CA MET A 150 -34.06 -17.32 -8.04
C MET A 150 -34.59 -17.19 -9.47
N MET A 151 -35.85 -17.54 -9.67
CA MET A 151 -36.48 -17.40 -10.99
C MET A 151 -36.54 -15.94 -11.47
N GLN A 152 -36.62 -15.03 -10.49
CA GLN A 152 -36.70 -13.58 -10.74
C GLN A 152 -35.31 -12.93 -10.78
N ASN A 153 -34.26 -13.74 -10.62
CA ASN A 153 -32.89 -13.26 -10.69
C ASN A 153 -32.57 -12.25 -9.58
N LYS A 154 -33.20 -12.41 -8.42
CA LYS A 154 -32.97 -11.50 -7.29
C LYS A 154 -31.88 -12.02 -6.38
N TRP A 155 -30.64 -12.03 -6.88
CA TRP A 155 -29.49 -12.44 -6.10
C TRP A 155 -29.07 -11.37 -5.12
N SER A 156 -28.33 -11.78 -4.09
CA SER A 156 -27.80 -10.84 -3.12
CA SER A 156 -27.80 -10.85 -3.11
C SER A 156 -26.35 -10.48 -3.43
N ASN A 157 -25.59 -11.46 -3.89
CA ASN A 157 -24.20 -11.23 -4.24
C ASN A 157 -23.83 -12.07 -5.45
N VAL A 158 -22.80 -11.62 -6.16
CA VAL A 158 -22.17 -12.45 -7.18
C VAL A 158 -20.77 -12.75 -6.66
N VAL A 159 -20.37 -14.04 -6.64
CA VAL A 159 -19.16 -14.44 -5.91
C VAL A 159 -18.22 -15.33 -6.72
N PHE A 160 -16.96 -15.41 -6.30
CA PHE A 160 -16.01 -16.39 -6.79
C PHE A 160 -15.74 -17.44 -5.70
N ASN A 161 -15.77 -18.71 -6.09
CA ASN A 161 -15.52 -19.84 -5.19
C ASN A 161 -16.31 -19.75 -3.86
N GLY A 162 -17.56 -19.31 -4.00
CA GLY A 162 -18.56 -19.35 -2.92
C GLY A 162 -18.51 -18.26 -1.86
N GLY A 163 -17.59 -17.31 -1.97
CA GLY A 163 -17.42 -16.30 -0.93
C GLY A 163 -17.43 -14.87 -1.45
N VAL A 164 -18.20 -14.01 -0.80
CA VAL A 164 -18.22 -12.58 -1.13
C VAL A 164 -16.84 -11.98 -0.89
N PHE A 165 -16.26 -11.37 -1.93
CA PHE A 165 -14.89 -10.81 -1.84
C PHE A 165 -13.92 -11.77 -1.14
N LYS A 166 -14.05 -13.07 -1.43
CA LYS A 166 -13.15 -14.08 -0.82
C LYS A 166 -11.69 -13.74 -1.03
N TYR A 167 -11.36 -13.21 -2.22
CA TYR A 167 -9.96 -12.97 -2.56
C TYR A 167 -9.63 -11.48 -2.68
N ASP A 168 -10.36 -10.61 -1.97
CA ASP A 168 -10.17 -9.18 -2.13
C ASP A 168 -9.83 -8.46 -0.82
N PRO A 169 -8.56 -8.51 -0.41
CA PRO A 169 -8.21 -7.81 0.84
C PRO A 169 -8.13 -6.31 0.65
N VAL A 170 -8.18 -5.84 -0.60
CA VAL A 170 -8.25 -4.40 -0.89
C VAL A 170 -9.63 -3.84 -0.51
N HIS A 171 -10.70 -4.53 -0.91
CA HIS A 171 -12.07 -4.05 -0.66
C HIS A 171 -12.68 -4.55 0.62
N ASP A 172 -12.08 -5.59 1.21
CA ASP A 172 -12.56 -6.16 2.46
C ASP A 172 -11.34 -6.57 3.26
N SER A 173 -11.06 -5.84 4.34
CA SER A 173 -9.88 -6.12 5.16
C SER A 173 -9.99 -7.45 5.91
N GLU A 174 -11.20 -8.01 5.96
CA GLU A 174 -11.41 -9.32 6.60
C GLU A 174 -11.10 -10.49 5.67
N ALA A 175 -10.90 -10.22 4.37
CA ALA A 175 -10.46 -11.26 3.45
C ALA A 175 -9.06 -11.73 3.81
N THR A 176 -8.84 -13.04 3.70
CA THR A 176 -7.58 -13.65 4.15
C THR A 176 -6.90 -14.47 3.05
N SER A 177 -7.46 -14.45 1.84
CA SER A 177 -6.90 -15.22 0.72
C SER A 177 -6.73 -14.33 -0.52
N TRP A 178 -5.76 -14.69 -1.36
CA TRP A 178 -5.58 -14.03 -2.67
C TRP A 178 -4.70 -14.86 -3.55
N LEU A 179 -4.64 -14.50 -4.83
CA LEU A 179 -3.86 -15.28 -5.77
C LEU A 179 -2.44 -14.74 -5.78
N GLN A 180 -1.46 -15.58 -6.07
CA GLN A 180 -0.06 -15.16 -6.12
C GLN A 180 0.67 -15.61 -7.38
N ALA A 181 1.65 -14.81 -7.81
CA ALA A 181 2.54 -15.17 -8.88
C ALA A 181 3.71 -14.22 -8.84
N LYS A 182 4.73 -14.52 -9.63
CA LYS A 182 5.87 -13.63 -9.80
C LYS A 182 5.70 -12.91 -11.14
N PRO A 183 6.29 -11.71 -11.31
CA PRO A 183 6.23 -11.06 -12.62
C PRO A 183 6.87 -11.95 -13.68
N GLY A 184 6.30 -11.96 -14.89
CA GLY A 184 6.84 -12.77 -15.99
C GLY A 184 6.29 -14.18 -16.09
N GLU A 185 5.71 -14.69 -15.01
CA GLU A 185 5.10 -16.03 -14.99
C GLU A 185 3.79 -16.06 -15.76
N ARG A 186 3.52 -17.18 -16.44
CA ARG A 186 2.22 -17.40 -17.05
C ARG A 186 1.27 -17.96 -16.00
N VAL A 187 0.27 -17.16 -15.62
CA VAL A 187 -0.79 -17.60 -14.71
C VAL A 187 -1.99 -18.06 -15.54
N ARG A 188 -2.39 -19.32 -15.35
CA ARG A 188 -3.54 -19.90 -16.07
C ARG A 188 -4.77 -19.92 -15.15
N ILE A 189 -5.83 -19.25 -15.58
CA ILE A 189 -7.08 -19.22 -14.83
C ILE A 189 -8.09 -20.17 -15.47
N TYR A 190 -8.49 -21.17 -14.70
CA TYR A 190 -9.57 -22.06 -15.11
C TYR A 190 -10.87 -21.46 -14.56
N PHE A 191 -11.66 -20.84 -15.44
CA PHE A 191 -12.85 -20.11 -15.01
C PHE A 191 -14.13 -20.83 -15.40
N VAL A 192 -15.03 -21.00 -14.45
CA VAL A 192 -16.34 -21.54 -14.75
C VAL A 192 -17.37 -20.54 -14.27
N ASN A 193 -18.35 -20.24 -15.11
CA ASN A 193 -19.51 -19.48 -14.64
C ASN A 193 -20.66 -20.43 -14.33
N ALA A 194 -20.85 -20.73 -13.06
CA ALA A 194 -21.92 -21.65 -12.63
C ALA A 194 -23.31 -21.06 -12.78
N GLY A 195 -23.40 -19.73 -12.78
CA GLY A 195 -24.69 -19.06 -12.77
C GLY A 195 -25.30 -19.17 -11.38
N PRO A 196 -26.56 -19.62 -11.28
CA PRO A 196 -27.35 -20.26 -12.33
C PRO A 196 -27.83 -19.36 -13.47
N ASN A 197 -27.94 -18.04 -13.23
CA ASN A 197 -28.57 -17.13 -14.21
C ASN A 197 -27.65 -16.18 -15.00
N GLU A 198 -26.63 -15.64 -14.34
CA GLU A 198 -25.91 -14.46 -14.83
C GLU A 198 -24.76 -14.76 -15.77
N LEU A 199 -24.41 -13.78 -16.59
CA LEU A 199 -23.19 -13.84 -17.41
C LEU A 199 -22.05 -13.15 -16.66
N SER A 200 -20.82 -13.46 -17.05
CA SER A 200 -19.63 -12.80 -16.52
C SER A 200 -18.87 -12.14 -17.67
N SER A 201 -18.42 -10.91 -17.47
CA SER A 201 -17.57 -10.21 -18.43
C SER A 201 -16.23 -10.03 -17.74
N LEU A 202 -15.33 -11.01 -17.89
CA LEU A 202 -14.17 -11.13 -17.03
C LEU A 202 -12.97 -10.33 -17.55
N HIS A 203 -12.41 -9.50 -16.67
CA HIS A 203 -11.32 -8.58 -17.00
C HIS A 203 -10.32 -8.53 -15.87
N PRO A 204 -9.01 -8.59 -16.20
CA PRO A 204 -8.00 -8.36 -15.16
C PRO A 204 -7.66 -6.86 -15.11
N ILE A 205 -8.12 -6.18 -14.05
CA ILE A 205 -7.83 -4.76 -13.88
C ILE A 205 -6.32 -4.55 -13.77
N ALA A 206 -5.80 -3.65 -14.61
CA ALA A 206 -4.36 -3.39 -14.78
C ALA A 206 -3.55 -4.47 -15.55
N GLY A 207 -4.27 -5.39 -16.20
CA GLY A 207 -3.64 -6.39 -17.07
C GLY A 207 -4.45 -6.64 -18.34
N ILE A 208 -4.10 -7.71 -19.04
CA ILE A 208 -4.82 -8.12 -20.25
C ILE A 208 -4.74 -9.65 -20.27
N TRP A 209 -5.73 -10.35 -20.86
CA TRP A 209 -5.60 -11.80 -21.03
C TRP A 209 -4.67 -12.07 -22.17
N ASP A 210 -3.53 -12.69 -21.87
CA ASP A 210 -2.54 -13.00 -22.89
C ASP A 210 -3.20 -13.86 -23.96
N ARG A 211 -3.91 -14.91 -23.51
CA ARG A 211 -4.66 -15.80 -24.37
C ARG A 211 -5.92 -16.22 -23.66
N VAL A 212 -6.97 -16.49 -24.44
CA VAL A 212 -8.21 -17.04 -23.90
C VAL A 212 -8.62 -18.25 -24.75
N TYR A 213 -8.95 -19.36 -24.08
CA TYR A 213 -9.44 -20.57 -24.74
C TYR A 213 -10.89 -20.90 -24.35
N PRO A 214 -11.85 -20.62 -25.26
CA PRO A 214 -13.24 -21.08 -25.07
C PRO A 214 -13.32 -22.59 -24.77
N SER A 215 -14.03 -22.94 -23.70
CA SER A 215 -14.10 -24.31 -23.18
C SER A 215 -12.75 -24.92 -22.89
N GLY A 216 -11.70 -24.11 -22.88
CA GLY A 216 -10.36 -24.57 -22.52
C GLY A 216 -9.66 -25.24 -23.69
N ASN A 217 -10.31 -25.28 -24.85
CA ASN A 217 -9.78 -26.02 -25.98
C ASN A 217 -8.72 -25.25 -26.78
N PRO A 218 -7.51 -25.84 -26.95
CA PRO A 218 -6.41 -25.20 -27.68
C PRO A 218 -6.77 -24.68 -29.07
N LYS A 219 -7.67 -25.38 -29.78
CA LYS A 219 -8.09 -24.99 -31.14
C LYS A 219 -8.81 -23.63 -31.23
N ASN A 220 -9.29 -23.13 -30.11
CA ASN A 220 -10.16 -21.95 -30.09
C ASN A 220 -9.47 -20.68 -29.61
N VAL A 221 -8.15 -20.74 -29.50
CA VAL A 221 -7.35 -19.63 -28.92
C VAL A 221 -7.67 -18.24 -29.49
N GLN A 222 -7.81 -17.29 -28.55
CA GLN A 222 -7.91 -15.87 -28.88
C GLN A 222 -6.81 -15.14 -28.14
N TYR A 223 -6.35 -14.02 -28.69
CA TYR A 223 -5.17 -13.37 -28.17
C TYR A 223 -5.44 -11.98 -27.65
N ALA A 224 -4.75 -11.61 -26.56
CA ALA A 224 -4.70 -10.22 -26.09
C ALA A 224 -6.10 -9.59 -25.94
N LEU A 225 -6.95 -10.28 -25.18
CA LEU A 225 -8.33 -9.81 -24.93
C LEU A 225 -8.40 -9.05 -23.61
N GLN A 226 -8.95 -7.84 -23.65
CA GLN A 226 -9.13 -7.10 -22.41
C GLN A 226 -10.18 -7.73 -21.52
N SER A 227 -11.21 -8.30 -22.16
CA SER A 227 -12.32 -8.92 -21.45
C SER A 227 -12.83 -10.14 -22.23
N TYR A 228 -13.55 -11.02 -21.55
CA TYR A 228 -14.11 -12.18 -22.21
C TYR A 228 -15.45 -12.54 -21.58
N LEU A 229 -16.44 -12.84 -22.42
CA LEU A 229 -17.79 -13.16 -21.94
C LEU A 229 -17.96 -14.64 -21.70
N ILE A 230 -18.28 -14.98 -20.45
CA ILE A 230 -18.60 -16.36 -20.06
C ILE A 230 -20.06 -16.41 -19.63
N GLY A 231 -20.88 -17.02 -20.50
CA GLY A 231 -22.29 -17.23 -20.22
C GLY A 231 -22.52 -18.19 -19.05
N ALA A 232 -23.74 -18.19 -18.54
CA ALA A 232 -24.12 -19.16 -17.51
C ALA A 232 -23.91 -20.58 -18.02
N GLY A 233 -23.23 -21.42 -17.23
CA GLY A 233 -23.00 -22.81 -17.62
C GLY A 233 -21.89 -22.97 -18.64
N ASP A 234 -21.05 -21.94 -18.75
CA ASP A 234 -19.90 -21.98 -19.66
C ASP A 234 -18.59 -21.88 -18.87
N ALA A 235 -17.48 -22.17 -19.54
CA ALA A 235 -16.18 -22.17 -18.90
C ALA A 235 -15.10 -21.83 -19.91
N ALA A 236 -14.02 -21.22 -19.44
CA ALA A 236 -12.88 -20.89 -20.31
C ALA A 236 -11.57 -20.91 -19.54
N THR A 237 -10.48 -21.08 -20.28
CA THR A 237 -9.16 -20.94 -19.72
C THR A 237 -8.59 -19.59 -20.19
N LEU A 238 -8.07 -18.82 -19.24
CA LEU A 238 -7.55 -17.48 -19.53
C LEU A 238 -6.16 -17.31 -18.91
N ASP A 239 -5.19 -16.93 -19.72
CA ASP A 239 -3.81 -16.77 -19.26
C ASP A 239 -3.50 -15.30 -18.99
N LEU A 240 -2.71 -15.05 -17.94
CA LEU A 240 -2.36 -13.71 -17.50
C LEU A 240 -0.87 -13.65 -17.12
N ILE A 241 -0.18 -12.61 -17.59
CA ILE A 241 1.23 -12.40 -17.27
C ILE A 241 1.42 -10.93 -16.94
N SER A 242 1.94 -10.64 -15.76
CA SER A 242 2.25 -9.27 -15.41
C SER A 242 3.73 -9.00 -15.66
N PRO A 243 4.05 -7.86 -16.30
CA PRO A 243 5.45 -7.50 -16.51
C PRO A 243 6.07 -6.88 -15.24
N VAL A 244 5.25 -6.60 -14.24
CA VAL A 244 5.65 -5.82 -13.06
C VAL A 244 5.18 -6.44 -11.75
N GLU A 245 5.87 -6.11 -10.65
CA GLU A 245 5.38 -6.40 -9.31
C GLU A 245 4.17 -5.52 -9.06
N GLY A 246 3.28 -5.98 -8.21
CA GLY A 246 2.07 -5.22 -7.89
C GLY A 246 0.85 -6.13 -7.89
N ALA A 247 -0.28 -5.61 -8.33
CA ALA A 247 -1.50 -6.38 -8.33
C ALA A 247 -2.30 -6.18 -9.61
N ASN A 248 -3.05 -7.21 -9.96
CA ASN A 248 -4.19 -7.08 -10.86
C ASN A 248 -5.44 -7.49 -10.07
N ALA A 249 -6.61 -7.00 -10.48
CA ALA A 249 -7.86 -7.46 -9.88
C ALA A 249 -8.75 -8.07 -10.97
N ILE A 250 -8.96 -9.38 -10.87
CA ILE A 250 -9.84 -10.08 -11.80
C ILE A 250 -11.29 -9.79 -11.39
N VAL A 251 -12.04 -9.16 -12.31
CA VAL A 251 -13.39 -8.72 -12.00
C VAL A 251 -14.38 -9.18 -13.06
N ASP A 252 -15.61 -9.40 -12.64
CA ASP A 252 -16.74 -9.44 -13.56
C ASP A 252 -17.09 -7.97 -13.80
N HIS A 253 -16.79 -7.48 -15.01
CA HIS A 253 -16.85 -6.05 -15.35
C HIS A 253 -18.27 -5.52 -15.53
N SER A 254 -19.29 -6.36 -15.42
CA SER A 254 -20.64 -5.83 -15.19
C SER A 254 -20.57 -5.32 -13.75
N MET A 255 -20.50 -4.01 -13.60
CA MET A 255 -20.03 -3.43 -12.33
C MET A 255 -20.87 -3.78 -11.12
N ARG A 256 -22.18 -3.94 -11.29
CA ARG A 256 -23.02 -4.32 -10.16
C ARG A 256 -22.69 -5.72 -9.66
N HIS A 257 -22.16 -6.59 -10.52
CA HIS A 257 -21.65 -7.89 -10.12
C HIS A 257 -20.39 -7.72 -9.31
N ALA A 258 -19.42 -6.97 -9.85
CA ALA A 258 -18.16 -6.70 -9.17
C ALA A 258 -18.39 -6.10 -7.78
N HIS A 259 -19.25 -5.08 -7.70
CA HIS A 259 -19.48 -4.41 -6.42
C HIS A 259 -20.14 -5.29 -5.40
N SER A 260 -20.83 -6.34 -5.87
CA SER A 260 -21.53 -7.24 -4.97
C SER A 260 -20.69 -8.45 -4.52
N GLY A 261 -19.43 -8.50 -4.96
CA GLY A 261 -18.48 -9.51 -4.46
C GLY A 261 -17.54 -10.19 -5.46
N ALA A 262 -17.75 -9.93 -6.75
CA ALA A 262 -17.01 -10.62 -7.81
C ALA A 262 -15.70 -9.92 -8.18
N ILE A 263 -14.76 -9.88 -7.23
CA ILE A 263 -13.41 -9.31 -7.47
C ILE A 263 -12.39 -10.23 -6.81
N ALA A 264 -11.36 -10.62 -7.56
CA ALA A 264 -10.28 -11.47 -7.01
C ALA A 264 -8.92 -10.85 -7.28
N VAL A 265 -8.20 -10.55 -6.21
CA VAL A 265 -6.87 -9.94 -6.33
C VAL A 265 -5.78 -10.99 -6.59
N ILE A 266 -4.93 -10.71 -7.58
CA ILE A 266 -3.70 -11.46 -7.76
C ILE A 266 -2.52 -10.54 -7.48
N MET A 267 -1.65 -10.97 -6.56
CA MET A 267 -0.47 -10.21 -6.15
C MET A 267 0.75 -10.76 -6.86
N PHE A 268 1.48 -9.87 -7.53
CA PHE A 268 2.67 -10.21 -8.25
C PHE A 268 3.88 -9.74 -7.43
N THR A 269 4.64 -10.69 -6.90
CA THR A 269 5.79 -10.37 -6.05
C THR A 269 6.92 -11.32 -6.39
N ASN A 270 8.16 -10.88 -6.20
CA ASN A 270 9.32 -11.73 -6.44
C ASN A 270 9.45 -12.86 -5.42
N ASP A 271 8.85 -12.68 -4.24
CA ASP A 271 8.90 -13.71 -3.20
C ASP A 271 7.59 -14.51 -3.06
N ALA A 272 6.87 -14.70 -4.18
CA ALA A 272 5.63 -15.47 -4.18
C ALA A 272 5.87 -16.89 -3.65
N ASP A 273 4.93 -17.37 -2.83
CA ASP A 273 4.96 -18.70 -2.24
C ASP A 273 5.05 -19.78 -3.33
N PRO A 274 6.14 -20.58 -3.34
CA PRO A 274 6.31 -21.64 -4.33
C PRO A 274 5.15 -22.65 -4.39
N GLU A 275 4.39 -22.79 -3.31
CA GLU A 275 3.26 -23.72 -3.28
C GLU A 275 2.00 -23.14 -3.89
N ALA A 276 1.95 -21.82 -4.05
CA ALA A 276 0.71 -21.14 -4.47
C ALA A 276 0.43 -21.43 -5.93
N GLY A 277 -0.83 -21.74 -6.23
CA GLY A 277 -1.23 -22.02 -7.61
C GLY A 277 -0.59 -23.28 -8.19
N ARG A 278 -0.18 -24.19 -7.32
CA ARG A 278 0.43 -25.45 -7.73
C ARG A 278 -0.08 -26.59 -6.85
N GLY A 279 0.03 -27.81 -7.34
CA GLY A 279 -0.38 -29.00 -6.61
C GLY A 279 -1.88 -29.04 -6.29
N GLU A 280 -2.19 -29.10 -5.00
CA GLU A 280 -3.56 -29.18 -4.52
C GLU A 280 -4.08 -27.81 -4.12
N ASN A 281 -3.27 -26.79 -4.39
CA ASN A 281 -3.56 -25.42 -3.99
C ASN A 281 -4.29 -24.60 -5.08
N ILE A 282 -4.65 -25.21 -6.20
CA ILE A 282 -5.20 -24.43 -7.32
C ILE A 282 -6.56 -23.76 -7.05
N LEU A 283 -7.44 -24.45 -6.30
CA LEU A 283 -8.65 -23.81 -5.80
C LEU A 283 -8.40 -23.42 -4.34
N ILE A 284 -8.20 -22.13 -4.10
CA ILE A 284 -7.83 -21.62 -2.77
C ILE A 284 -9.05 -21.58 -1.85
N ARG A 285 -9.01 -22.37 -0.78
CA ARG A 285 -10.16 -22.47 0.14
C ARG A 285 -10.04 -21.65 1.42
N LYS B 1 7.45 5.58 -30.50
CA LYS B 1 7.60 6.97 -30.01
C LYS B 1 7.00 7.13 -28.61
N THR B 2 7.35 8.23 -27.94
CA THR B 2 6.80 8.57 -26.64
C THR B 2 5.72 9.63 -26.83
N VAL B 3 4.54 9.36 -26.29
CA VAL B 3 3.39 10.27 -26.41
C VAL B 3 3.03 10.77 -25.01
N GLN B 4 2.84 12.09 -24.88
CA GLN B 4 2.33 12.65 -23.62
C GLN B 4 0.83 12.81 -23.69
N VAL B 5 0.14 12.32 -22.68
CA VAL B 5 -1.31 12.45 -22.61
C VAL B 5 -1.65 12.99 -21.22
N THR B 6 -2.34 14.13 -21.19
CA THR B 6 -2.76 14.77 -19.95
C THR B 6 -4.27 14.90 -20.01
N LEU B 7 -4.97 14.43 -18.98
CA LEU B 7 -6.41 14.62 -18.85
C LEU B 7 -6.78 15.23 -17.48
N HIS B 8 -7.84 16.03 -17.48
CA HIS B 8 -8.39 16.61 -16.27
C HIS B 8 -9.62 15.88 -15.84
N ALA B 9 -9.73 15.63 -14.53
CA ALA B 9 -10.99 15.17 -13.94
C ALA B 9 -11.83 16.40 -13.62
N VAL B 10 -12.97 16.52 -14.30
CA VAL B 10 -13.77 17.74 -14.34
C VAL B 10 -15.22 17.34 -14.06
N GLU B 11 -15.79 17.90 -13.00
CA GLU B 11 -17.20 17.68 -12.69
C GLU B 11 -17.99 18.86 -13.23
N THR B 12 -18.91 18.60 -14.15
CA THR B 12 -19.62 19.68 -14.85
C THR B 12 -20.95 19.21 -15.40
N ASP B 13 -21.85 20.14 -15.73
CA ASP B 13 -23.13 19.74 -16.34
C ASP B 13 -22.95 19.49 -17.83
N VAL B 14 -23.49 18.38 -18.32
CA VAL B 14 -23.50 18.12 -19.76
C VAL B 14 -24.85 17.59 -20.23
N ALA B 15 -25.16 17.79 -21.51
CA ALA B 15 -26.40 17.31 -22.10
C ALA B 15 -26.36 15.81 -22.38
N TYR B 16 -27.49 15.14 -22.22
CA TYR B 16 -27.55 13.70 -22.50
C TYR B 16 -28.64 13.32 -23.50
N ASP B 17 -29.33 14.31 -24.05
CA ASP B 17 -30.31 14.04 -25.10
C ASP B 17 -30.38 15.20 -26.08
N ASN B 18 -31.27 15.08 -27.06
CA ASN B 18 -31.36 16.06 -28.13
C ASN B 18 -32.24 17.27 -27.82
N LYS B 19 -32.84 17.29 -26.64
CA LYS B 19 -33.66 18.44 -26.24
C LYS B 19 -33.04 19.24 -25.11
N GLY B 20 -31.75 19.02 -24.87
CA GLY B 20 -31.01 19.80 -23.89
C GLY B 20 -31.20 19.45 -22.42
N SER B 21 -31.67 18.23 -22.13
CA SER B 21 -31.69 17.76 -20.74
C SER B 21 -30.24 17.57 -20.29
N THR B 22 -29.94 18.01 -19.06
CA THR B 22 -28.56 17.93 -18.57
C THR B 22 -28.50 17.14 -17.26
N TYR B 23 -27.31 16.65 -16.93
CA TYR B 23 -27.08 16.00 -15.65
C TYR B 23 -25.73 16.47 -15.13
N ARG B 24 -25.51 16.32 -13.82
CA ARG B 24 -24.22 16.64 -13.23
C ARG B 24 -23.29 15.48 -13.52
N ALA B 25 -22.47 15.65 -14.55
CA ALA B 25 -21.55 14.61 -15.00
C ALA B 25 -20.22 14.69 -14.27
N TRP B 26 -19.56 13.54 -14.14
CA TRP B 26 -18.15 13.50 -13.84
C TRP B 26 -17.43 13.08 -15.09
N THR B 27 -16.39 13.80 -15.48
CA THR B 27 -15.85 13.64 -16.82
C THR B 27 -14.33 13.71 -16.88
N PHE B 28 -13.76 13.26 -18.01
CA PHE B 28 -12.41 13.64 -18.39
C PHE B 28 -12.48 14.80 -19.39
N ASP B 29 -11.84 15.92 -19.05
CA ASP B 29 -11.79 17.15 -19.89
C ASP B 29 -13.15 17.81 -20.20
N GLY B 30 -14.14 17.61 -19.33
CA GLY B 30 -15.40 18.36 -19.42
C GLY B 30 -16.34 17.87 -20.52
N LYS B 31 -16.11 16.66 -21.00
CA LYS B 31 -16.96 16.10 -22.06
C LYS B 31 -17.15 14.59 -21.86
N VAL B 32 -18.27 14.08 -22.37
CA VAL B 32 -18.62 12.67 -22.31
C VAL B 32 -18.93 12.18 -23.73
N PRO B 33 -18.27 11.09 -24.18
CA PRO B 33 -17.13 10.42 -23.57
C PRO B 33 -15.92 11.36 -23.53
N GLY B 34 -14.88 10.95 -22.79
CA GLY B 34 -13.62 11.69 -22.72
C GLY B 34 -12.97 11.76 -24.09
N PRO B 35 -11.88 12.54 -24.21
CA PRO B 35 -11.10 12.68 -25.45
C PRO B 35 -10.62 11.32 -25.98
N VAL B 36 -10.70 11.12 -27.29
CA VAL B 36 -10.10 9.95 -27.92
C VAL B 36 -8.57 10.00 -27.73
N VAL B 37 -7.97 8.91 -27.28
CA VAL B 37 -6.52 8.80 -27.17
C VAL B 37 -6.11 7.80 -28.25
N ARG B 38 -5.09 8.14 -29.03
CA ARG B 38 -4.69 7.29 -30.12
C ARG B 38 -3.18 7.22 -30.21
N VAL B 39 -2.65 6.01 -30.12
CA VAL B 39 -1.20 5.77 -30.15
C VAL B 39 -0.93 4.58 -31.05
N THR B 40 0.35 4.27 -31.26
CA THR B 40 0.74 3.08 -32.01
C THR B 40 1.27 2.01 -31.07
N GLU B 41 0.92 0.74 -31.36
CA GLU B 41 1.51 -0.41 -30.68
C GLU B 41 3.02 -0.24 -30.49
N GLY B 42 3.48 -0.46 -29.26
CA GLY B 42 4.88 -0.26 -28.90
C GLY B 42 5.21 1.11 -28.34
N ASP B 43 4.33 2.09 -28.54
CA ASP B 43 4.59 3.45 -28.05
C ASP B 43 4.64 3.51 -26.52
N THR B 44 5.41 4.47 -26.01
CA THR B 44 5.42 4.77 -24.58
C THR B 44 4.42 5.90 -24.35
N VAL B 45 3.49 5.67 -23.42
CA VAL B 45 2.52 6.68 -23.05
C VAL B 45 2.88 7.26 -21.68
N GLU B 46 3.19 8.55 -21.64
CA GLU B 46 3.44 9.25 -20.38
C GLU B 46 2.16 9.99 -20.04
N PHE B 47 1.43 9.43 -19.09
CA PHE B 47 0.10 9.89 -18.74
C PHE B 47 0.10 10.74 -17.48
N THR B 48 -0.70 11.81 -17.48
CA THR B 48 -0.90 12.68 -16.33
C THR B 48 -2.40 12.88 -16.10
N LEU B 49 -2.87 12.62 -14.88
CA LEU B 49 -4.23 12.98 -14.48
C LEU B 49 -4.17 14.15 -13.49
N ILE B 50 -4.91 15.21 -13.81
CA ILE B 50 -5.08 16.37 -12.90
C ILE B 50 -6.51 16.40 -12.38
N ASN B 51 -6.69 16.25 -11.06
CA ASN B 51 -8.03 16.35 -10.51
C ASN B 51 -8.32 17.82 -10.19
N ASP B 52 -9.25 18.43 -10.92
CA ASP B 52 -9.47 19.85 -10.77
C ASP B 52 -9.81 20.26 -9.33
N LYS B 53 -9.36 21.46 -8.95
CA LYS B 53 -9.50 21.91 -7.58
C LYS B 53 -10.95 22.00 -7.13
N ASN B 54 -11.87 22.26 -8.07
CA ASN B 54 -13.32 22.36 -7.76
C ASN B 54 -14.09 21.03 -7.77
N SER B 55 -13.41 19.91 -8.05
CA SER B 55 -14.07 18.61 -7.94
C SER B 55 -14.41 18.33 -6.48
N LYS B 56 -15.49 17.60 -6.24
CA LYS B 56 -15.90 17.27 -4.86
C LYS B 56 -15.58 15.83 -4.50
N ASN B 57 -14.99 15.11 -5.46
CA ASN B 57 -14.74 13.67 -5.34
C ASN B 57 -13.32 13.34 -5.81
N SER B 58 -12.77 12.27 -5.27
CA SER B 58 -11.50 11.74 -5.76
C SER B 58 -11.75 10.99 -7.05
N HIS B 59 -10.74 11.00 -7.91
CA HIS B 59 -10.84 10.37 -9.23
C HIS B 59 -9.57 9.66 -9.57
N SER B 60 -9.62 8.82 -10.62
CA SER B 60 -8.46 8.03 -11.02
C SER B 60 -8.57 7.71 -12.51
N MET B 61 -7.58 6.99 -13.02
CA MET B 61 -7.60 6.59 -14.43
C MET B 61 -7.11 5.16 -14.61
N ASP B 62 -7.91 4.37 -15.33
CA ASP B 62 -7.65 2.99 -15.67
C ASP B 62 -7.69 2.87 -17.20
N PHE B 63 -6.54 2.55 -17.82
CA PHE B 63 -6.48 2.25 -19.26
C PHE B 63 -6.44 0.73 -19.45
N HIS B 64 -7.38 0.20 -20.25
CA HIS B 64 -7.37 -1.24 -20.57
C HIS B 64 -6.19 -1.57 -21.47
N ALA B 65 -5.50 -0.55 -21.99
CA ALA B 65 -4.32 -0.77 -22.86
C ALA B 65 -3.04 -0.89 -22.05
N ALA B 66 -3.15 -0.69 -20.73
CA ALA B 66 -1.99 -0.66 -19.83
C ALA B 66 -1.81 -1.95 -19.02
N ARG B 67 -0.55 -2.31 -18.77
CA ARG B 67 -0.20 -3.45 -17.93
C ARG B 67 0.64 -2.92 -16.77
N LEU B 68 -0.03 -2.71 -15.65
CA LEU B 68 0.51 -1.95 -14.53
C LEU B 68 0.07 -2.55 -13.18
N ASP B 69 0.14 -1.76 -12.12
CA ASP B 69 -0.21 -2.20 -10.77
C ASP B 69 -1.50 -1.46 -10.39
N VAL B 70 -2.58 -2.19 -10.16
CA VAL B 70 -3.86 -1.56 -9.84
C VAL B 70 -3.77 -0.69 -8.58
N VAL B 71 -3.01 -1.13 -7.60
CA VAL B 71 -2.93 -0.45 -6.30
C VAL B 71 -2.25 0.93 -6.38
N GLU B 72 -1.06 1.03 -6.97
CA GLU B 72 -0.33 2.30 -7.05
C GLU B 72 -0.68 3.15 -8.29
N ASP B 73 -0.75 2.51 -9.46
CA ASP B 73 -0.94 3.28 -10.69
C ASP B 73 -2.37 3.77 -10.86
N PHE B 74 -3.34 2.92 -10.56
CA PHE B 74 -4.75 3.29 -10.72
C PHE B 74 -5.35 3.90 -9.44
N GLU B 75 -4.50 4.39 -8.54
CA GLU B 75 -4.98 4.95 -7.29
C GLU B 75 -5.78 6.23 -7.47
N SER B 76 -6.76 6.43 -6.59
CA SER B 76 -7.57 7.66 -6.56
C SER B 76 -6.78 8.83 -5.98
N ILE B 77 -6.97 9.99 -6.61
CA ILE B 77 -6.36 11.23 -6.13
C ILE B 77 -7.41 12.29 -5.82
N LYS B 78 -7.11 13.12 -4.83
CA LYS B 78 -8.02 14.13 -4.30
C LYS B 78 -8.11 15.35 -5.22
N PRO B 79 -9.19 16.14 -5.08
CA PRO B 79 -9.26 17.40 -5.81
C PRO B 79 -8.01 18.19 -5.50
N GLY B 80 -7.38 18.75 -6.55
CA GLY B 80 -6.16 19.50 -6.38
C GLY B 80 -4.88 18.70 -6.47
N GLU B 81 -4.99 17.38 -6.60
CA GLU B 81 -3.80 16.55 -6.77
C GLU B 81 -3.55 16.23 -8.23
N THR B 82 -2.31 15.83 -8.53
CA THR B 82 -1.90 15.45 -9.87
C THR B 82 -1.13 14.13 -9.78
N LYS B 83 -1.49 13.18 -10.65
CA LYS B 83 -0.92 11.82 -10.67
C LYS B 83 -0.29 11.50 -12.03
N LYS B 84 0.84 10.81 -12.01
CA LYS B 84 1.51 10.42 -13.25
C LYS B 84 1.83 8.94 -13.26
N TYR B 85 1.71 8.34 -14.45
CA TYR B 85 2.26 7.00 -14.71
C TYR B 85 2.57 6.81 -16.18
N THR B 86 3.47 5.87 -16.46
CA THR B 86 3.93 5.57 -17.81
C THR B 86 3.62 4.12 -18.10
N PHE B 87 3.15 3.85 -19.32
CA PHE B 87 3.01 2.46 -19.79
C PHE B 87 3.32 2.37 -21.26
N THR B 88 3.80 1.21 -21.69
CA THR B 88 3.90 0.90 -23.10
C THR B 88 2.58 0.28 -23.57
N ALA B 89 2.17 0.62 -24.78
CA ALA B 89 0.95 0.04 -25.36
C ALA B 89 1.34 -1.26 -26.10
N ASP B 90 1.34 -2.36 -25.36
CA ASP B 90 1.96 -3.61 -25.82
C ASP B 90 1.15 -4.35 -26.87
N ASN B 91 -0.14 -4.05 -26.92
CA ASN B 91 -1.04 -4.80 -27.79
C ASN B 91 -1.91 -3.90 -28.64
N PRO B 92 -1.94 -4.16 -29.96
CA PRO B 92 -2.80 -3.35 -30.84
C PRO B 92 -4.28 -3.63 -30.64
N GLY B 93 -5.11 -2.66 -31.01
CA GLY B 93 -6.54 -2.81 -31.00
C GLY B 93 -7.28 -1.63 -30.43
N VAL B 94 -8.32 -1.92 -29.67
CA VAL B 94 -9.22 -0.88 -29.18
C VAL B 94 -9.54 -1.19 -27.72
N PHE B 95 -9.39 -0.18 -26.87
CA PHE B 95 -9.44 -0.40 -25.40
C PHE B 95 -10.26 0.63 -24.63
N PHE B 96 -11.05 0.13 -23.68
CA PHE B 96 -11.82 0.97 -22.76
C PHE B 96 -10.86 1.72 -21.84
N TYR B 97 -11.09 3.02 -21.61
CA TYR B 97 -10.49 3.66 -20.45
C TYR B 97 -11.57 4.28 -19.58
N HIS B 98 -11.34 4.34 -18.27
CA HIS B 98 -12.34 4.89 -17.34
C HIS B 98 -11.75 5.24 -16.00
N CYS B 99 -12.45 6.07 -15.23
CA CYS B 99 -12.09 6.26 -13.84
C CYS B 99 -12.31 4.96 -13.06
N GLY B 100 -11.42 4.68 -12.12
CA GLY B 100 -11.48 3.45 -11.34
C GLY B 100 -11.81 3.72 -9.87
N SER B 101 -12.32 4.93 -9.58
CA SER B 101 -12.54 5.33 -8.19
C SER B 101 -13.85 4.78 -7.59
N ASP B 102 -13.94 4.80 -6.26
CA ASP B 102 -15.02 4.15 -5.51
C ASP B 102 -16.26 5.05 -5.44
N PRO B 103 -17.45 4.53 -5.83
CA PRO B 103 -17.65 3.22 -6.46
C PRO B 103 -17.60 3.33 -7.99
N MET B 104 -16.86 2.42 -8.62
CA MET B 104 -16.61 2.46 -10.06
C MET B 104 -17.90 2.51 -10.88
N ILE B 105 -18.93 1.81 -10.41
CA ILE B 105 -20.22 1.81 -11.12
C ILE B 105 -20.70 3.24 -11.37
N GLN B 106 -20.53 4.09 -10.35
CA GLN B 106 -21.05 5.44 -10.38
C GLN B 106 -20.14 6.38 -11.17
N HIS B 107 -18.83 6.19 -11.06
CA HIS B 107 -17.91 7.05 -11.79
C HIS B 107 -18.03 6.81 -13.28
N ILE B 108 -18.18 5.54 -13.67
CA ILE B 108 -18.49 5.22 -15.07
C ILE B 108 -19.86 5.77 -15.47
N ALA B 109 -20.90 5.45 -14.70
CA ALA B 109 -22.26 5.89 -15.06
C ALA B 109 -22.34 7.41 -15.22
N ARG B 110 -21.57 8.14 -14.43
CA ARG B 110 -21.63 9.61 -14.49
C ARG B 110 -20.82 10.22 -15.66
N GLY B 111 -20.10 9.39 -16.40
CA GLY B 111 -19.48 9.82 -17.65
C GLY B 111 -17.96 9.72 -17.74
N MET B 112 -17.33 9.10 -16.74
CA MET B 112 -15.87 9.06 -16.73
C MET B 112 -15.36 7.85 -17.49
N TYR B 113 -15.45 7.93 -18.83
CA TYR B 113 -15.08 6.80 -19.69
C TYR B 113 -14.68 7.31 -21.07
N GLY B 114 -13.93 6.50 -21.79
CA GLY B 114 -13.48 6.86 -23.15
C GLY B 114 -12.82 5.65 -23.81
N VAL B 115 -12.14 5.90 -24.92
CA VAL B 115 -11.45 4.84 -25.70
C VAL B 115 -10.01 5.28 -25.98
N ILE B 116 -9.11 4.32 -25.86
CA ILE B 116 -7.77 4.48 -26.43
C ILE B 116 -7.62 3.48 -27.58
N ILE B 117 -7.23 3.99 -28.74
CA ILE B 117 -7.03 3.18 -29.95
C ILE B 117 -5.53 2.99 -30.06
N VAL B 118 -5.08 1.73 -30.20
CA VAL B 118 -3.67 1.39 -30.38
C VAL B 118 -3.50 0.82 -31.79
N ASP B 119 -3.02 1.65 -32.72
CA ASP B 119 -2.87 1.24 -34.12
C ASP B 119 -1.81 0.15 -34.22
N PRO B 120 -2.04 -0.88 -35.04
CA PRO B 120 -1.03 -1.93 -35.14
C PRO B 120 0.29 -1.34 -35.68
N LYS B 121 1.43 -1.82 -35.16
CA LYS B 121 2.74 -1.42 -35.68
C LYS B 121 2.84 -1.79 -37.17
N ASP B 122 2.32 -2.95 -37.53
CA ASP B 122 2.16 -3.35 -38.93
C ASP B 122 0.88 -2.70 -39.46
N ALA B 123 1.05 -1.60 -40.19
CA ALA B 123 -0.09 -0.81 -40.68
C ALA B 123 -0.84 -1.56 -41.78
N ASN B 124 -0.36 -2.75 -42.15
CA ASN B 124 -1.04 -3.56 -43.15
C ASN B 124 -1.72 -4.80 -42.62
N ALA B 125 -1.71 -4.97 -41.29
CA ALA B 125 -2.38 -6.10 -40.66
C ALA B 125 -3.91 -6.00 -40.81
N LEU B 126 -4.44 -4.79 -40.68
CA LEU B 126 -5.85 -4.52 -40.91
C LEU B 126 -6.07 -4.02 -42.33
N PRO B 127 -7.17 -4.44 -42.98
CA PRO B 127 -7.51 -3.86 -44.29
C PRO B 127 -7.71 -2.36 -44.15
N LYS B 128 -7.32 -1.59 -45.17
CA LYS B 128 -7.37 -0.14 -45.07
C LYS B 128 -8.82 0.34 -44.94
N ALA B 129 -9.07 1.15 -43.91
CA ALA B 129 -10.39 1.72 -43.71
C ALA B 129 -10.49 3.06 -44.42
N ASP B 130 -11.66 3.34 -44.98
CA ASP B 130 -11.93 4.60 -45.64
C ASP B 130 -12.53 5.63 -44.69
N ARG B 131 -13.17 5.13 -43.62
CA ARG B 131 -13.77 5.96 -42.57
C ARG B 131 -13.56 5.25 -41.24
N GLU B 132 -13.42 6.03 -40.17
CA GLU B 132 -13.40 5.49 -38.80
C GLU B 132 -14.37 6.26 -37.93
N TYR B 133 -15.13 5.52 -37.11
CA TYR B 133 -16.06 6.13 -36.15
C TYR B 133 -15.97 5.44 -34.79
N VAL B 134 -15.96 6.24 -33.73
CA VAL B 134 -16.01 5.75 -32.35
C VAL B 134 -17.46 5.76 -31.88
N LEU B 135 -17.91 4.63 -31.35
CA LEU B 135 -19.21 4.56 -30.69
C LEU B 135 -18.98 3.91 -29.32
N ILE B 136 -19.33 4.62 -28.24
CA ILE B 136 -19.20 4.03 -26.91
C ILE B 136 -20.59 3.91 -26.30
N GLN B 137 -20.99 2.67 -26.00
CA GLN B 137 -22.27 2.44 -25.33
C GLN B 137 -22.13 2.58 -23.82
N ALA B 138 -23.13 3.22 -23.21
CA ALA B 138 -23.26 3.30 -21.76
C ALA B 138 -24.74 3.37 -21.37
N GLU B 139 -25.06 3.04 -20.13
CA GLU B 139 -26.41 3.28 -19.60
C GLU B 139 -26.46 4.66 -18.96
N HIS B 140 -27.57 5.36 -19.16
CA HIS B 140 -27.82 6.59 -18.43
C HIS B 140 -28.77 6.29 -17.32
N TYR B 141 -28.45 6.78 -16.11
CA TYR B 141 -29.31 6.66 -14.91
C TYR B 141 -29.93 8.02 -14.58
N GLU B 142 -31.24 8.05 -14.34
CA GLU B 142 -31.98 9.31 -14.11
C GLU B 142 -31.33 10.18 -13.04
N ASN B 143 -31.06 9.59 -11.87
CA ASN B 143 -30.47 10.30 -10.74
C ASN B 143 -29.01 9.87 -10.55
N PRO B 144 -28.04 10.73 -10.90
CA PRO B 144 -26.63 10.30 -10.84
C PRO B 144 -26.14 10.01 -9.43
N ASP B 145 -26.90 10.40 -8.40
CA ASP B 145 -26.54 10.14 -7.01
C ASP B 145 -27.17 8.85 -6.46
N ASP B 146 -28.13 8.27 -7.19
CA ASP B 146 -28.84 7.09 -6.70
C ASP B 146 -28.08 5.80 -7.02
N LYS B 147 -27.17 5.43 -6.14
CA LYS B 147 -26.37 4.22 -6.31
C LYS B 147 -27.19 2.93 -6.25
N THR B 148 -28.27 2.92 -5.48
CA THR B 148 -29.17 1.76 -5.43
C THR B 148 -29.76 1.43 -6.83
N ALA B 149 -30.20 2.45 -7.56
CA ALA B 149 -30.75 2.24 -8.90
C ALA B 149 -29.70 1.67 -9.85
N MET B 150 -28.44 2.08 -9.69
CA MET B 150 -27.34 1.54 -10.51
C MET B 150 -27.10 0.07 -10.17
N MET B 151 -27.11 -0.23 -8.87
CA MET B 151 -26.94 -1.60 -8.40
C MET B 151 -28.11 -2.50 -8.81
N GLN B 152 -29.31 -1.92 -8.93
CA GLN B 152 -30.46 -2.66 -9.42
C GLN B 152 -30.56 -2.70 -10.96
N ASN B 153 -29.62 -2.09 -11.65
CA ASN B 153 -29.61 -2.03 -13.13
C ASN B 153 -30.83 -1.31 -13.70
N LYS B 154 -31.33 -0.33 -12.96
CA LYS B 154 -32.53 0.39 -13.34
C LYS B 154 -32.19 1.70 -14.05
N TRP B 155 -31.64 1.55 -15.25
CA TRP B 155 -31.26 2.69 -16.09
C TRP B 155 -32.45 3.32 -16.76
N SER B 156 -32.30 4.57 -17.19
CA SER B 156 -33.34 5.28 -17.94
CA SER B 156 -33.36 5.27 -17.93
C SER B 156 -33.20 5.10 -19.44
N ASN B 157 -31.94 5.07 -19.90
CA ASN B 157 -31.66 4.93 -21.34
C ASN B 157 -30.37 4.18 -21.53
N VAL B 158 -30.22 3.57 -22.71
CA VAL B 158 -28.94 3.04 -23.16
C VAL B 158 -28.55 3.92 -24.34
N VAL B 159 -27.31 4.43 -24.34
CA VAL B 159 -26.89 5.49 -25.26
C VAL B 159 -25.56 5.21 -25.96
N PHE B 160 -25.34 5.86 -27.10
CA PHE B 160 -24.03 5.90 -27.75
C PHE B 160 -23.43 7.29 -27.57
N ASN B 161 -22.14 7.33 -27.21
CA ASN B 161 -21.43 8.60 -26.99
C ASN B 161 -22.21 9.62 -26.13
N GLY B 162 -22.79 9.11 -25.06
CA GLY B 162 -23.40 9.94 -24.02
C GLY B 162 -24.77 10.53 -24.30
N GLY B 163 -25.34 10.28 -25.48
CA GLY B 163 -26.61 10.92 -25.86
C GLY B 163 -27.74 10.01 -26.33
N VAL B 164 -28.95 10.25 -25.83
CA VAL B 164 -30.11 9.45 -26.27
C VAL B 164 -30.36 9.74 -27.75
N PHE B 165 -30.33 8.69 -28.57
CA PHE B 165 -30.55 8.84 -30.03
C PHE B 165 -29.67 9.95 -30.63
N LYS B 166 -28.43 10.03 -30.15
CA LYS B 166 -27.51 11.09 -30.57
C LYS B 166 -27.38 11.14 -32.07
N TYR B 167 -27.29 9.95 -32.69
CA TYR B 167 -27.07 9.83 -34.14
C TYR B 167 -28.27 9.26 -34.90
N ASP B 168 -29.48 9.49 -34.40
CA ASP B 168 -30.66 8.89 -35.03
C ASP B 168 -31.70 9.94 -35.44
N PRO B 169 -31.45 10.63 -36.58
CA PRO B 169 -32.40 11.64 -37.03
C PRO B 169 -33.70 11.03 -37.59
N VAL B 170 -33.74 9.71 -37.74
CA VAL B 170 -34.98 9.03 -38.14
C VAL B 170 -35.99 9.00 -36.99
N HIS B 171 -35.55 8.53 -35.82
CA HIS B 171 -36.46 8.38 -34.67
C HIS B 171 -36.55 9.63 -33.84
N ASP B 172 -35.59 10.54 -33.99
CA ASP B 172 -35.56 11.76 -33.20
C ASP B 172 -35.45 13.01 -34.10
N SER B 173 -36.54 13.75 -34.21
CA SER B 173 -36.57 14.97 -35.02
C SER B 173 -35.54 16.03 -34.60
N GLU B 174 -35.01 15.89 -33.37
CA GLU B 174 -34.11 16.88 -32.83
C GLU B 174 -32.64 16.48 -32.98
N ALA B 175 -32.40 15.27 -33.47
CA ALA B 175 -31.05 14.77 -33.77
C ALA B 175 -30.47 15.44 -35.02
N THR B 176 -29.22 15.86 -34.92
CA THR B 176 -28.59 16.70 -35.93
C THR B 176 -27.31 16.06 -36.50
N SER B 177 -26.94 14.91 -35.94
CA SER B 177 -25.70 14.20 -36.26
C SER B 177 -26.00 12.79 -36.76
N TRP B 178 -25.12 12.27 -37.62
CA TRP B 178 -25.14 10.86 -38.03
C TRP B 178 -23.82 10.49 -38.67
N LEU B 179 -23.58 9.20 -38.86
CA LEU B 179 -22.32 8.76 -39.47
C LEU B 179 -22.44 8.84 -40.99
N GLN B 180 -21.32 9.04 -41.67
CA GLN B 180 -21.31 9.19 -43.14
C GLN B 180 -20.27 8.34 -43.85
N ALA B 181 -20.63 7.81 -45.01
CA ALA B 181 -19.69 7.11 -45.88
C ALA B 181 -20.21 7.04 -47.33
N LYS B 182 -19.38 6.58 -48.25
CA LYS B 182 -19.84 6.32 -49.62
C LYS B 182 -20.08 4.82 -49.79
N PRO B 183 -21.00 4.44 -50.69
CA PRO B 183 -21.12 3.00 -50.96
C PRO B 183 -19.77 2.42 -51.38
N GLY B 184 -19.48 1.21 -50.94
CA GLY B 184 -18.22 0.54 -51.26
C GLY B 184 -17.07 0.79 -50.31
N GLU B 185 -17.12 1.89 -49.55
CA GLU B 185 -16.05 2.22 -48.60
C GLU B 185 -16.03 1.28 -47.41
N ARG B 186 -14.84 0.98 -46.90
CA ARG B 186 -14.74 0.23 -45.65
C ARG B 186 -14.85 1.19 -44.47
N VAL B 187 -15.93 1.04 -43.71
CA VAL B 187 -16.16 1.87 -42.51
C VAL B 187 -15.72 1.04 -41.30
N ARG B 188 -14.78 1.56 -40.52
CA ARG B 188 -14.29 0.89 -39.32
C ARG B 188 -14.92 1.50 -38.08
N ILE B 189 -15.63 0.69 -37.32
CA ILE B 189 -16.25 1.13 -36.09
C ILE B 189 -15.38 0.68 -34.91
N TYR B 190 -14.96 1.64 -34.10
CA TYR B 190 -14.27 1.33 -32.85
C TYR B 190 -15.33 1.40 -31.77
N PHE B 191 -15.73 0.24 -31.28
CA PHE B 191 -16.83 0.16 -30.35
C PHE B 191 -16.35 -0.20 -28.93
N VAL B 192 -16.77 0.59 -27.94
CA VAL B 192 -16.52 0.24 -26.54
C VAL B 192 -17.87 0.14 -25.82
N ASN B 193 -18.05 -0.92 -25.03
CA ASN B 193 -19.20 -0.98 -24.13
C ASN B 193 -18.74 -0.60 -22.72
N ALA B 194 -18.93 0.68 -22.38
CA ALA B 194 -18.59 1.19 -21.05
C ALA B 194 -19.46 0.62 -19.93
N GLY B 195 -20.66 0.19 -20.27
CA GLY B 195 -21.61 -0.32 -19.26
C GLY B 195 -22.24 0.84 -18.49
N PRO B 196 -22.20 0.81 -17.15
CA PRO B 196 -21.43 -0.08 -16.28
C PRO B 196 -21.89 -1.53 -16.21
N ASN B 197 -23.17 -1.79 -16.49
CA ASN B 197 -23.74 -3.11 -16.26
C ASN B 197 -24.05 -3.93 -17.49
N GLU B 198 -24.57 -3.29 -18.53
CA GLU B 198 -25.26 -3.98 -19.61
C GLU B 198 -24.36 -4.57 -20.66
N LEU B 199 -24.90 -5.54 -21.40
CA LEU B 199 -24.22 -6.09 -22.56
C LEU B 199 -24.80 -5.43 -23.82
N SER B 200 -24.06 -5.46 -24.91
CA SER B 200 -24.52 -4.96 -26.18
C SER B 200 -24.47 -6.08 -27.23
N SER B 201 -25.55 -6.21 -28.00
CA SER B 201 -25.61 -7.17 -29.09
C SER B 201 -25.69 -6.38 -30.40
N LEU B 202 -24.52 -6.02 -30.94
CA LEU B 202 -24.43 -4.96 -31.93
C LEU B 202 -24.66 -5.47 -33.37
N HIS B 203 -25.59 -4.82 -34.07
CA HIS B 203 -26.02 -5.24 -35.40
C HIS B 203 -26.20 -4.03 -36.31
N PRO B 204 -25.71 -4.09 -37.56
CA PRO B 204 -26.08 -3.01 -38.48
C PRO B 204 -27.36 -3.41 -39.24
N ILE B 205 -28.48 -2.75 -38.94
CA ILE B 205 -29.74 -3.03 -39.66
C ILE B 205 -29.52 -2.75 -41.15
N ALA B 206 -29.90 -3.72 -42.00
CA ALA B 206 -29.73 -3.68 -43.45
C ALA B 206 -28.29 -3.87 -43.90
N GLY B 207 -27.43 -4.30 -42.97
CA GLY B 207 -26.03 -4.58 -43.28
C GLY B 207 -25.53 -5.86 -42.63
N ILE B 208 -24.21 -6.08 -42.71
CA ILE B 208 -23.52 -7.19 -42.02
C ILE B 208 -22.12 -6.70 -41.63
N TRP B 209 -21.53 -7.23 -40.56
CA TRP B 209 -20.17 -6.86 -40.23
C TRP B 209 -19.27 -7.65 -41.10
N ASP B 210 -18.56 -6.95 -41.97
CA ASP B 210 -17.60 -7.57 -42.88
C ASP B 210 -16.57 -8.37 -42.08
N ARG B 211 -16.03 -7.72 -41.07
CA ARG B 211 -15.06 -8.33 -40.17
C ARG B 211 -15.31 -7.79 -38.77
N VAL B 212 -15.01 -8.61 -37.77
CA VAL B 212 -15.04 -8.18 -36.37
C VAL B 212 -13.74 -8.65 -35.72
N TYR B 213 -13.10 -7.75 -34.97
CA TYR B 213 -11.86 -8.06 -34.28
C TYR B 213 -12.07 -7.86 -32.77
N PRO B 214 -12.21 -8.95 -32.00
CA PRO B 214 -12.29 -8.81 -30.52
C PRO B 214 -11.09 -8.07 -29.93
N SER B 215 -11.35 -7.10 -29.04
CA SER B 215 -10.32 -6.16 -28.55
C SER B 215 -9.54 -5.44 -29.67
N GLY B 216 -10.08 -5.47 -30.89
CA GLY B 216 -9.43 -4.84 -32.05
C GLY B 216 -8.17 -5.55 -32.54
N ASN B 217 -7.87 -6.73 -32.00
CA ASN B 217 -6.61 -7.39 -32.38
C ASN B 217 -6.77 -8.13 -33.71
N PRO B 218 -5.90 -7.84 -34.70
CA PRO B 218 -5.98 -8.49 -36.02
C PRO B 218 -5.93 -10.02 -35.94
N LYS B 219 -5.28 -10.57 -34.92
CA LYS B 219 -5.17 -12.03 -34.78
C LYS B 219 -6.52 -12.73 -34.50
N ASN B 220 -7.52 -11.97 -34.06
CA ASN B 220 -8.80 -12.55 -33.65
C ASN B 220 -9.95 -12.45 -34.67
N VAL B 221 -9.61 -12.14 -35.92
CA VAL B 221 -10.62 -11.82 -36.94
C VAL B 221 -11.75 -12.87 -37.08
N GLN B 222 -12.98 -12.37 -37.13
CA GLN B 222 -14.21 -13.08 -37.45
C GLN B 222 -14.78 -12.45 -38.72
N TYR B 223 -15.47 -13.26 -39.52
CA TYR B 223 -15.98 -12.83 -40.82
C TYR B 223 -17.49 -12.84 -40.91
N ALA B 224 -18.06 -11.81 -41.52
CA ALA B 224 -19.48 -11.80 -41.95
C ALA B 224 -20.44 -12.17 -40.80
N LEU B 225 -20.36 -11.39 -39.72
CA LEU B 225 -21.20 -11.60 -38.55
C LEU B 225 -22.39 -10.65 -38.61
N GLN B 226 -23.59 -11.20 -38.45
CA GLN B 226 -24.76 -10.32 -38.43
C GLN B 226 -24.76 -9.47 -37.16
N SER B 227 -24.28 -10.07 -36.08
CA SER B 227 -24.29 -9.43 -34.76
C SER B 227 -23.07 -9.85 -33.95
N TYR B 228 -22.71 -9.06 -32.94
CA TYR B 228 -21.54 -9.39 -32.14
C TYR B 228 -21.80 -8.93 -30.71
N LEU B 229 -21.53 -9.81 -29.74
CA LEU B 229 -21.78 -9.47 -28.32
C LEU B 229 -20.56 -8.81 -27.72
N ILE B 230 -20.76 -7.60 -27.20
CA ILE B 230 -19.69 -6.91 -26.47
C ILE B 230 -20.16 -6.78 -25.02
N GLY B 231 -19.48 -7.47 -24.10
CA GLY B 231 -19.81 -7.44 -22.69
C GLY B 231 -19.45 -6.10 -22.07
N ALA B 232 -20.00 -5.80 -20.89
CA ALA B 232 -19.61 -4.60 -20.14
C ALA B 232 -18.09 -4.58 -19.92
N GLY B 233 -17.45 -3.46 -20.23
CA GLY B 233 -16.00 -3.33 -20.05
C GLY B 233 -15.19 -3.96 -21.18
N ASP B 234 -15.84 -4.30 -22.29
CA ASP B 234 -15.14 -4.88 -23.44
C ASP B 234 -15.20 -3.92 -24.64
N ALA B 235 -14.38 -4.19 -25.66
CA ALA B 235 -14.37 -3.37 -26.88
C ALA B 235 -13.99 -4.23 -28.07
N ALA B 236 -14.37 -3.79 -29.26
CA ALA B 236 -14.07 -4.51 -30.49
C ALA B 236 -14.07 -3.53 -31.66
N THR B 237 -13.44 -3.94 -32.75
CA THR B 237 -13.42 -3.20 -34.00
C THR B 237 -14.30 -3.94 -34.99
N LEU B 238 -15.23 -3.22 -35.61
CA LEU B 238 -16.21 -3.83 -36.50
C LEU B 238 -16.19 -3.07 -37.84
N ASP B 239 -16.00 -3.79 -38.94
CA ASP B 239 -15.97 -3.17 -40.29
C ASP B 239 -17.28 -3.38 -41.02
N LEU B 240 -17.70 -2.36 -41.78
CA LEU B 240 -18.99 -2.34 -42.45
C LEU B 240 -18.80 -1.72 -43.85
N ILE B 241 -19.37 -2.37 -44.85
CA ILE B 241 -19.33 -1.89 -46.24
C ILE B 241 -20.74 -2.01 -46.81
N SER B 242 -21.31 -0.89 -47.26
CA SER B 242 -22.59 -0.94 -47.97
C SER B 242 -22.37 -0.99 -49.47
N PRO B 243 -23.05 -1.93 -50.15
CA PRO B 243 -22.96 -1.95 -51.61
C PRO B 243 -23.85 -0.88 -52.29
N VAL B 244 -24.74 -0.25 -51.52
CA VAL B 244 -25.73 0.68 -52.07
C VAL B 244 -25.79 2.01 -51.32
N GLU B 245 -26.36 3.02 -51.98
CA GLU B 245 -26.73 4.26 -51.31
C GLU B 245 -27.91 3.96 -50.40
N GLY B 246 -28.01 4.71 -49.31
CA GLY B 246 -29.11 4.57 -48.38
C GLY B 246 -28.60 4.65 -46.96
N ALA B 247 -29.19 3.89 -46.06
CA ALA B 247 -28.79 3.92 -44.67
C ALA B 247 -28.68 2.52 -44.08
N ASN B 248 -27.82 2.40 -43.08
CA ASN B 248 -27.94 1.30 -42.13
C ASN B 248 -28.17 1.93 -40.75
N ALA B 249 -28.73 1.16 -39.82
CA ALA B 249 -28.88 1.64 -38.44
C ALA B 249 -28.13 0.68 -37.52
N ILE B 250 -27.05 1.16 -36.90
CA ILE B 250 -26.28 0.37 -35.93
C ILE B 250 -27.05 0.38 -34.62
N VAL B 251 -27.45 -0.80 -34.15
CA VAL B 251 -28.30 -0.93 -32.96
C VAL B 251 -27.73 -1.94 -31.97
N ASP B 252 -28.04 -1.74 -30.70
CA ASP B 252 -27.97 -2.80 -29.71
C ASP B 252 -29.27 -3.56 -29.92
N HIS B 253 -29.15 -4.80 -30.40
CA HIS B 253 -30.32 -5.58 -30.85
C HIS B 253 -31.11 -6.17 -29.70
N SER B 254 -30.65 -5.98 -28.46
CA SER B 254 -31.54 -6.24 -27.32
C SER B 254 -32.54 -5.09 -27.38
N MET B 255 -33.72 -5.37 -27.92
CA MET B 255 -34.56 -4.27 -28.42
C MET B 255 -34.93 -3.21 -27.37
N ARG B 256 -35.10 -3.61 -26.10
CA ARG B 256 -35.38 -2.59 -25.09
C ARG B 256 -34.21 -1.59 -24.97
N HIS B 257 -32.98 -2.03 -25.24
CA HIS B 257 -31.85 -1.10 -25.35
C HIS B 257 -31.98 -0.16 -26.53
N ALA B 258 -32.22 -0.74 -27.72
CA ALA B 258 -32.38 0.10 -28.93
C ALA B 258 -33.49 1.14 -28.77
N HIS B 259 -34.65 0.73 -28.25
CA HIS B 259 -35.78 1.64 -28.13
C HIS B 259 -35.54 2.72 -27.11
N SER B 260 -34.61 2.45 -26.18
CA SER B 260 -34.26 3.43 -25.15
C SER B 260 -33.16 4.41 -25.57
N GLY B 261 -32.66 4.28 -26.80
CA GLY B 261 -31.70 5.27 -27.33
C GLY B 261 -30.52 4.75 -28.10
N ALA B 262 -30.33 3.43 -28.12
CA ALA B 262 -29.10 2.82 -28.66
C ALA B 262 -29.23 2.47 -30.13
N ILE B 263 -29.41 3.53 -30.93
CA ILE B 263 -29.47 3.42 -32.39
C ILE B 263 -28.66 4.56 -33.02
N ALA B 264 -27.76 4.20 -33.93
CA ALA B 264 -26.96 5.17 -34.67
C ALA B 264 -27.05 4.94 -36.20
N VAL B 265 -27.51 5.97 -36.91
CA VAL B 265 -27.71 5.85 -38.34
C VAL B 265 -26.40 6.16 -39.04
N ILE B 266 -26.07 5.33 -40.04
CA ILE B 266 -25.01 5.66 -40.99
C ILE B 266 -25.64 5.84 -42.37
N MET B 267 -25.37 6.99 -42.99
CA MET B 267 -25.86 7.33 -44.33
C MET B 267 -24.77 7.10 -45.36
N PHE B 268 -25.11 6.37 -46.42
CA PHE B 268 -24.20 6.08 -47.52
C PHE B 268 -24.68 6.91 -48.71
N THR B 269 -23.88 7.89 -49.08
CA THR B 269 -24.20 8.81 -50.18
C THR B 269 -22.95 9.01 -51.03
N ASN B 270 -23.13 9.30 -52.32
CA ASN B 270 -21.99 9.48 -53.22
C ASN B 270 -21.23 10.79 -52.97
N ASP B 271 -21.88 11.70 -52.24
CA ASP B 271 -21.31 13.01 -51.92
C ASP B 271 -21.05 13.19 -50.41
N ALA B 272 -20.81 12.08 -49.71
CA ALA B 272 -20.44 12.15 -48.28
C ALA B 272 -19.30 13.15 -48.06
N ASP B 273 -19.42 13.93 -46.97
CA ASP B 273 -18.40 14.89 -46.55
C ASP B 273 -17.03 14.21 -46.46
N PRO B 274 -16.04 14.70 -47.24
CA PRO B 274 -14.70 14.12 -47.21
C PRO B 274 -14.01 14.21 -45.85
N GLU B 275 -14.54 15.02 -44.94
CA GLU B 275 -13.99 15.17 -43.60
C GLU B 275 -14.58 14.20 -42.57
N ALA B 276 -15.75 13.63 -42.88
CA ALA B 276 -16.44 12.75 -41.91
C ALA B 276 -15.68 11.44 -41.69
N GLY B 277 -15.57 11.00 -40.43
CA GLY B 277 -14.87 9.76 -40.12
C GLY B 277 -13.36 9.79 -40.37
N ARG B 278 -12.80 10.99 -40.35
CA ARG B 278 -11.39 11.20 -40.58
C ARG B 278 -10.88 12.27 -39.64
N GLY B 279 -9.60 12.19 -39.29
CA GLY B 279 -8.94 13.20 -38.44
C GLY B 279 -9.49 13.12 -37.03
N GLU B 280 -9.93 14.25 -36.50
CA GLU B 280 -10.57 14.20 -35.19
C GLU B 280 -12.07 14.41 -35.29
N ASN B 281 -12.63 13.97 -36.41
CA ASN B 281 -14.07 13.84 -36.55
C ASN B 281 -14.50 12.41 -36.24
N ILE B 282 -13.61 11.56 -35.73
CA ILE B 282 -13.98 10.15 -35.58
C ILE B 282 -14.99 9.93 -34.46
N LEU B 283 -14.90 10.73 -33.40
CA LEU B 283 -15.94 10.71 -32.38
C LEU B 283 -16.76 11.95 -32.65
N ILE B 284 -17.96 11.74 -33.20
CA ILE B 284 -18.82 12.85 -33.61
C ILE B 284 -19.46 13.53 -32.40
N ARG B 285 -19.11 14.79 -32.17
CA ARG B 285 -19.64 15.49 -31.01
C ARG B 285 -20.78 16.46 -31.29
N LYS C 1 30.03 37.55 48.51
CA LYS C 1 31.41 38.02 48.78
C LYS C 1 32.19 38.09 47.47
N THR C 2 33.36 38.70 47.51
CA THR C 2 34.26 38.78 46.36
C THR C 2 35.42 37.80 46.57
N VAL C 3 35.69 36.99 45.55
CA VAL C 3 36.71 35.94 45.60
C VAL C 3 37.74 36.20 44.49
N GLN C 4 39.03 36.24 44.85
CA GLN C 4 40.09 36.38 43.85
C GLN C 4 40.58 35.02 43.42
N VAL C 5 40.58 34.77 42.12
CA VAL C 5 41.05 33.53 41.57
C VAL C 5 42.14 33.84 40.55
N THR C 6 43.33 33.29 40.77
CA THR C 6 44.44 33.44 39.85
C THR C 6 44.89 32.06 39.38
N LEU C 7 44.99 31.88 38.07
CA LEU C 7 45.54 30.63 37.49
C LEU C 7 46.67 30.94 36.46
N HIS C 8 47.64 30.04 36.36
CA HIS C 8 48.73 30.18 35.38
C HIS C 8 48.50 29.23 34.25
N ALA C 9 48.78 29.68 33.02
CA ALA C 9 48.86 28.78 31.87
C ALA C 9 50.28 28.18 31.84
N VAL C 10 50.36 26.86 32.05
CA VAL C 10 51.61 26.17 32.28
C VAL C 10 51.66 25.00 31.30
N GLU C 11 52.72 24.96 30.49
CA GLU C 11 52.97 23.85 29.60
C GLU C 11 54.05 22.96 30.22
N THR C 12 53.71 21.69 30.49
CA THR C 12 54.58 20.80 31.27
C THR C 12 54.22 19.33 31.06
N ASP C 13 55.14 18.41 31.38
CA ASP C 13 54.90 16.98 31.23
C ASP C 13 54.10 16.45 32.40
N VAL C 14 53.00 15.77 32.12
CA VAL C 14 52.24 15.10 33.19
C VAL C 14 51.90 13.66 32.77
N ALA C 15 51.66 12.82 33.77
CA ALA C 15 51.33 11.42 33.56
C ALA C 15 49.85 11.25 33.18
N TYR C 16 49.55 10.27 32.35
CA TYR C 16 48.15 10.04 31.94
C TYR C 16 47.68 8.61 32.12
N ASP C 17 48.52 7.77 32.70
CA ASP C 17 48.10 6.44 33.09
C ASP C 17 48.83 6.03 34.37
N ASN C 18 48.63 4.79 34.80
CA ASN C 18 49.19 4.34 36.07
C ASN C 18 50.58 3.72 35.95
N LYS C 19 51.07 3.61 34.72
CA LYS C 19 52.39 3.01 34.48
C LYS C 19 53.41 4.06 34.05
N GLY C 20 53.14 5.32 34.40
CA GLY C 20 54.06 6.42 34.17
C GLY C 20 54.23 6.93 32.74
N SER C 21 53.27 6.70 31.87
CA SER C 21 53.34 7.28 30.54
C SER C 21 53.05 8.76 30.67
N THR C 22 53.83 9.59 29.97
CA THR C 22 53.68 11.03 30.12
C THR C 22 53.46 11.67 28.77
N TYR C 23 52.96 12.91 28.79
CA TYR C 23 52.78 13.69 27.58
C TYR C 23 52.97 15.16 27.89
N ARG C 24 53.21 15.96 26.85
CA ARG C 24 53.39 17.39 27.01
C ARG C 24 52.02 18.04 27.12
N ALA C 25 51.60 18.24 28.36
CA ALA C 25 50.30 18.80 28.66
C ALA C 25 50.32 20.31 28.55
N TRP C 26 49.16 20.89 28.27
CA TRP C 26 48.93 22.32 28.47
C TRP C 26 47.93 22.39 29.58
N THR C 27 48.21 23.18 30.60
CA THR C 27 47.45 23.11 31.86
C THR C 27 47.15 24.46 32.49
N PHE C 28 46.27 24.45 33.49
CA PHE C 28 46.18 25.53 34.46
C PHE C 28 46.89 25.05 35.71
N ASP C 29 47.89 25.83 36.15
CA ASP C 29 48.67 25.54 37.37
C ASP C 29 49.43 24.20 37.37
N GLY C 30 49.77 23.68 36.20
CA GLY C 30 50.70 22.54 36.11
C GLY C 30 50.07 21.20 36.47
N LYS C 31 48.74 21.13 36.41
CA LYS C 31 48.02 19.90 36.75
C LYS C 31 46.81 19.72 35.87
N VAL C 32 46.41 18.46 35.65
CA VAL C 32 45.24 18.10 34.85
C VAL C 32 44.35 17.17 35.70
N PRO C 33 43.06 17.51 35.86
CA PRO C 33 42.39 18.76 35.50
C PRO C 33 42.98 19.91 36.29
N GLY C 34 42.66 21.15 35.90
CA GLY C 34 43.15 22.32 36.64
C GLY C 34 42.56 22.33 38.05
N PRO C 35 42.94 23.32 38.86
CA PRO C 35 42.42 23.40 40.22
C PRO C 35 40.90 23.57 40.26
N VAL C 36 40.28 22.91 41.25
CA VAL C 36 38.86 23.12 41.51
C VAL C 36 38.67 24.57 41.94
N VAL C 37 37.71 25.25 41.33
CA VAL C 37 37.31 26.59 41.77
C VAL C 37 35.93 26.45 42.38
N ARG C 38 35.72 27.07 43.54
CA ARG C 38 34.46 26.89 44.24
C ARG C 38 34.02 28.18 44.90
N VAL C 39 32.82 28.65 44.53
CA VAL C 39 32.29 29.92 45.01
C VAL C 39 30.81 29.74 45.38
N THR C 40 30.20 30.76 45.95
CA THR C 40 28.76 30.74 46.21
C THR C 40 28.00 31.52 45.14
N GLU C 41 26.82 31.01 44.75
CA GLU C 41 25.89 31.76 43.90
C GLU C 41 25.78 33.21 44.37
N GLY C 42 25.95 34.16 43.43
CA GLY C 42 25.91 35.58 43.75
C GLY C 42 27.27 36.22 44.06
N ASP C 43 28.30 35.41 44.28
CA ASP C 43 29.65 35.94 44.52
C ASP C 43 30.20 36.66 43.30
N THR C 44 31.13 37.58 43.57
CA THR C 44 31.90 38.23 42.53
C THR C 44 33.26 37.53 42.41
N VAL C 45 33.58 37.07 41.20
CA VAL C 45 34.85 36.41 40.97
C VAL C 45 35.79 37.38 40.24
N GLU C 46 36.90 37.72 40.89
CA GLU C 46 37.89 38.57 40.22
C GLU C 46 38.95 37.62 39.71
N PHE C 47 38.95 37.40 38.39
CA PHE C 47 39.82 36.38 37.80
C PHE C 47 41.07 36.95 37.15
N THR C 48 42.19 36.27 37.32
CA THR C 48 43.46 36.66 36.68
C THR C 48 44.08 35.42 36.02
N LEU C 49 44.44 35.54 34.76
CA LEU C 49 45.18 34.50 34.04
C LEU C 49 46.58 35.00 33.71
N ILE C 50 47.57 34.24 34.15
CA ILE C 50 48.97 34.55 33.82
C ILE C 50 49.50 33.48 32.86
N ASN C 51 49.88 33.87 31.65
CA ASN C 51 50.48 32.92 30.72
C ASN C 51 51.99 32.92 30.98
N ASP C 52 52.50 31.79 31.47
CA ASP C 52 53.90 31.68 31.83
C ASP C 52 54.84 32.03 30.68
N LYS C 53 55.96 32.67 31.03
CA LYS C 53 56.89 33.20 30.04
C LYS C 53 57.46 32.11 29.15
N ASN C 54 57.56 30.90 29.69
CA ASN C 54 58.11 29.76 28.93
C ASN C 54 57.08 28.96 28.11
N SER C 55 55.80 29.35 28.18
CA SER C 55 54.79 28.77 27.29
C SER C 55 55.15 29.07 25.84
N LYS C 56 54.84 28.15 24.94
CA LYS C 56 55.08 28.36 23.51
C LYS C 56 53.83 28.81 22.77
N ASN C 57 52.68 28.81 23.45
CA ASN C 57 51.40 29.10 22.82
C ASN C 57 50.60 30.15 23.60
N SER C 58 49.71 30.85 22.90
CA SER C 58 48.78 31.75 23.53
C SER C 58 47.68 30.92 24.23
N HIS C 59 47.17 31.43 25.33
CA HIS C 59 46.13 30.76 26.12
C HIS C 59 45.09 31.73 26.60
N SER C 60 43.95 31.19 27.05
CA SER C 60 42.84 32.01 27.49
C SER C 60 42.01 31.27 28.55
N MET C 61 40.98 31.91 29.07
CA MET C 61 40.08 31.23 30.00
C MET C 61 38.61 31.50 29.72
N ASP C 62 37.85 30.40 29.62
CA ASP C 62 36.42 30.41 29.42
C ASP C 62 35.78 29.68 30.61
N PHE C 63 35.01 30.41 31.44
CA PHE C 63 34.21 29.82 32.54
C PHE C 63 32.75 29.71 32.10
N HIS C 64 32.18 28.50 32.11
CA HIS C 64 30.76 28.35 31.77
C HIS C 64 29.87 28.98 32.83
N ALA C 65 30.47 29.37 33.95
CA ALA C 65 29.75 30.01 35.03
C ALA C 65 29.63 31.54 34.83
N ALA C 66 30.31 32.06 33.81
CA ALA C 66 30.36 33.50 33.54
C ALA C 66 29.39 33.95 32.44
N ARG C 67 28.89 35.18 32.53
CA ARG C 67 28.12 35.78 31.44
C ARG C 67 28.81 37.06 31.04
N LEU C 68 29.58 36.96 29.96
CA LEU C 68 30.56 37.99 29.61
C LEU C 68 30.59 38.20 28.09
N ASP C 69 31.70 38.74 27.59
CA ASP C 69 31.90 38.99 26.16
C ASP C 69 33.00 38.07 25.69
N VAL C 70 32.66 37.15 24.79
CA VAL C 70 33.63 36.19 24.29
C VAL C 70 34.83 36.89 23.64
N VAL C 71 34.56 38.01 22.96
CA VAL C 71 35.61 38.73 22.22
C VAL C 71 36.71 39.26 23.15
N GLU C 72 36.35 40.10 24.11
CA GLU C 72 37.35 40.77 24.94
C GLU C 72 37.70 39.94 26.18
N ASP C 73 36.70 39.33 26.82
CA ASP C 73 36.97 38.66 28.10
C ASP C 73 37.69 37.32 27.89
N PHE C 74 37.25 36.55 26.89
CA PHE C 74 37.83 35.23 26.68
C PHE C 74 38.98 35.26 25.66
N GLU C 75 39.54 36.44 25.41
CA GLU C 75 40.59 36.58 24.40
C GLU C 75 41.88 35.84 24.78
N SER C 76 42.65 35.43 23.79
CA SER C 76 43.94 34.78 24.06
C SER C 76 45.03 35.78 24.40
N ILE C 77 45.93 35.39 25.29
CA ILE C 77 47.09 36.21 25.66
C ILE C 77 48.37 35.43 25.39
N LYS C 78 49.40 36.17 25.00
CA LYS C 78 50.69 35.61 24.66
C LYS C 78 51.47 35.15 25.89
N PRO C 79 52.47 34.29 25.69
CA PRO C 79 53.35 33.95 26.79
C PRO C 79 53.94 35.22 27.38
N GLY C 80 53.88 35.33 28.70
CA GLY C 80 54.41 36.50 29.38
C GLY C 80 53.36 37.58 29.63
N GLU C 81 52.14 37.38 29.16
CA GLU C 81 51.05 38.34 29.40
C GLU C 81 50.15 37.92 30.56
N THR C 82 49.39 38.89 31.07
CA THR C 82 48.47 38.67 32.18
C THR C 82 47.13 39.33 31.84
N LYS C 83 46.03 38.59 32.06
CA LYS C 83 44.70 39.02 31.71
C LYS C 83 43.80 38.96 32.95
N LYS C 84 42.92 39.96 33.06
CA LYS C 84 41.99 40.07 34.15
C LYS C 84 40.57 40.28 33.65
N TYR C 85 39.63 39.64 34.35
CA TYR C 85 38.21 39.96 34.21
C TYR C 85 37.44 39.56 35.45
N THR C 86 36.28 40.19 35.63
CA THR C 86 35.43 40.00 36.80
C THR C 86 34.07 39.52 36.32
N PHE C 87 33.49 38.55 37.01
CA PHE C 87 32.10 38.15 36.75
C PHE C 87 31.39 37.72 38.01
N THR C 88 30.08 37.93 38.06
CA THR C 88 29.26 37.36 39.13
C THR C 88 28.81 35.95 38.76
N ALA C 89 28.78 35.06 39.75
CA ALA C 89 28.30 33.71 39.51
C ALA C 89 26.77 33.68 39.70
N ASP C 90 26.05 33.98 38.63
CA ASP C 90 24.60 34.25 38.69
C ASP C 90 23.75 33.01 38.93
N ASN C 91 24.30 31.85 38.59
CA ASN C 91 23.53 30.61 38.66
C ASN C 91 24.26 29.51 39.43
N PRO C 92 23.55 28.83 40.34
CA PRO C 92 24.16 27.75 41.11
C PRO C 92 24.34 26.51 40.25
N GLY C 93 25.29 25.68 40.65
CA GLY C 93 25.47 24.37 40.06
C GLY C 93 26.90 23.98 39.82
N VAL C 94 27.12 23.36 38.68
CA VAL C 94 28.43 22.82 38.35
C VAL C 94 28.75 23.16 36.89
N PHE C 95 29.94 23.73 36.68
CA PHE C 95 30.28 24.32 35.36
C PHE C 95 31.67 23.97 34.87
N PHE C 96 31.76 23.72 33.57
CA PHE C 96 33.00 23.47 32.84
C PHE C 96 33.77 24.79 32.75
N TYR C 97 35.07 24.75 32.99
CA TYR C 97 35.95 25.84 32.57
C TYR C 97 37.06 25.28 31.70
N HIS C 98 37.54 26.09 30.74
CA HIS C 98 38.60 25.62 29.86
C HIS C 98 39.23 26.75 29.12
N CYS C 99 40.40 26.47 28.55
CA CYS C 99 41.01 27.40 27.59
C CYS C 99 40.14 27.47 26.34
N GLY C 100 40.03 28.67 25.76
CA GLY C 100 39.27 28.89 24.54
C GLY C 100 40.15 29.29 23.35
N SER C 101 41.45 29.08 23.47
CA SER C 101 42.41 29.52 22.44
C SER C 101 42.48 28.58 21.24
N ASP C 102 43.06 29.06 20.14
CA ASP C 102 43.01 28.39 18.84
C ASP C 102 44.06 27.28 18.65
N PRO C 103 43.61 26.05 18.29
CA PRO C 103 42.22 25.59 18.17
C PRO C 103 41.75 24.96 19.48
N MET C 104 40.52 25.27 19.88
CA MET C 104 40.01 24.87 21.19
C MET C 104 40.05 23.37 21.43
N ILE C 105 39.78 22.60 20.37
CA ILE C 105 39.82 21.14 20.45
C ILE C 105 41.16 20.68 21.04
N GLN C 106 42.25 21.33 20.63
CA GLN C 106 43.58 20.88 21.03
C GLN C 106 43.91 21.38 22.42
N HIS C 107 43.50 22.60 22.73
CA HIS C 107 43.80 23.14 24.05
C HIS C 107 43.05 22.36 25.11
N ILE C 108 41.81 21.99 24.83
CA ILE C 108 41.08 21.08 25.74
C ILE C 108 41.75 19.69 25.78
N ALA C 109 41.99 19.08 24.63
CA ALA C 109 42.53 17.71 24.60
C ALA C 109 43.86 17.59 25.34
N ARG C 110 44.66 18.65 25.31
CA ARG C 110 45.96 18.63 25.97
C ARG C 110 45.93 18.90 27.47
N GLY C 111 44.75 19.21 28.02
CA GLY C 111 44.59 19.28 29.48
C GLY C 111 44.08 20.58 30.09
N MET C 112 43.70 21.55 29.26
CA MET C 112 43.35 22.89 29.77
C MET C 112 41.88 22.96 30.11
N TYR C 113 41.51 22.24 31.15
CA TYR C 113 40.11 22.17 31.57
C TYR C 113 40.00 21.94 33.06
N GLY C 114 38.85 22.29 33.60
CA GLY C 114 38.56 22.08 35.01
C GLY C 114 37.10 22.33 35.30
N VAL C 115 36.79 22.45 36.59
CA VAL C 115 35.42 22.67 37.04
C VAL C 115 35.36 23.87 37.99
N ILE C 116 34.29 24.63 37.89
CA ILE C 116 33.95 25.61 38.90
C ILE C 116 32.60 25.21 39.51
N ILE C 117 32.59 25.01 40.82
CA ILE C 117 31.39 24.68 41.58
C ILE C 117 30.79 25.97 42.15
N VAL C 118 29.51 26.21 41.89
CA VAL C 118 28.81 27.39 42.39
C VAL C 118 27.74 26.89 43.38
N ASP C 119 28.07 26.92 44.68
CA ASP C 119 27.14 26.44 45.70
C ASP C 119 25.88 27.30 45.71
N PRO C 120 24.69 26.69 45.84
CA PRO C 120 23.48 27.50 45.84
C PRO C 120 23.49 28.48 47.03
N LYS C 121 22.99 29.69 46.83
CA LYS C 121 22.92 30.67 47.90
C LYS C 121 21.98 30.15 48.99
N ASP C 122 20.93 29.44 48.59
CA ASP C 122 20.09 28.69 49.52
C ASP C 122 20.78 27.36 49.86
N ALA C 123 21.40 27.33 51.04
CA ALA C 123 22.22 26.19 51.47
C ALA C 123 21.43 24.87 51.65
N ASN C 124 20.11 24.96 51.66
CA ASN C 124 19.28 23.77 51.76
C ASN C 124 18.55 23.37 50.47
N ALA C 125 18.81 24.09 49.37
CA ALA C 125 18.25 23.74 48.05
C ALA C 125 18.59 22.30 47.64
N LEU C 126 19.85 21.89 47.84
CA LEU C 126 20.27 20.51 47.65
C LEU C 126 20.24 19.71 48.96
N PRO C 127 19.90 18.42 48.90
CA PRO C 127 20.01 17.62 50.12
C PRO C 127 21.46 17.55 50.61
N LYS C 128 21.67 17.47 51.93
CA LYS C 128 23.02 17.46 52.46
C LYS C 128 23.82 16.27 51.96
N ALA C 129 24.99 16.53 51.36
CA ALA C 129 25.90 15.47 50.94
C ALA C 129 26.93 15.15 52.02
N ASP C 130 27.22 13.87 52.19
CA ASP C 130 28.22 13.43 53.17
C ASP C 130 29.61 13.31 52.54
N ARG C 131 29.66 13.20 51.21
CA ARG C 131 30.91 13.18 50.43
C ARG C 131 30.66 13.94 49.14
N GLU C 132 31.73 14.52 48.58
CA GLU C 132 31.65 15.14 47.27
C GLU C 132 32.90 14.69 46.52
N TYR C 133 32.73 14.33 45.25
CA TYR C 133 33.85 13.98 44.37
C TYR C 133 33.67 14.67 43.02
N VAL C 134 34.78 15.16 42.47
CA VAL C 134 34.78 15.74 41.12
C VAL C 134 35.27 14.65 40.19
N LEU C 135 34.56 14.45 39.08
CA LEU C 135 35.01 13.55 38.01
C LEU C 135 34.85 14.28 36.71
N ILE C 136 35.97 14.51 36.01
CA ILE C 136 35.92 15.15 34.69
C ILE C 136 36.36 14.18 33.60
N GLN C 137 35.44 13.87 32.69
CA GLN C 137 35.75 13.02 31.54
C GLN C 137 36.39 13.84 30.43
N ALA C 138 37.39 13.25 29.78
CA ALA C 138 38.00 13.77 28.55
C ALA C 138 38.52 12.64 27.70
N GLU C 139 38.73 12.91 26.40
CA GLU C 139 39.45 11.95 25.56
C GLU C 139 40.94 12.23 25.59
N HIS C 140 41.74 11.17 25.65
CA HIS C 140 43.17 11.29 25.50
C HIS C 140 43.53 10.91 24.09
N TYR C 141 44.33 11.76 23.45
CA TYR C 141 44.84 11.52 22.10
C TYR C 141 46.32 11.17 22.18
N GLU C 142 46.70 10.09 21.51
CA GLU C 142 48.07 9.56 21.52
C GLU C 142 49.12 10.64 21.25
N ASN C 143 48.89 11.43 20.22
CA ASN C 143 49.82 12.48 19.83
C ASN C 143 49.19 13.85 20.04
N PRO C 144 49.63 14.59 21.08
CA PRO C 144 49.03 15.90 21.42
C PRO C 144 49.17 16.96 20.31
N ASP C 145 50.07 16.73 19.37
CA ASP C 145 50.28 17.68 18.27
C ASP C 145 49.51 17.33 17.00
N ASP C 146 48.89 16.15 16.97
CA ASP C 146 48.18 15.69 15.77
C ASP C 146 46.72 16.16 15.76
N LYS C 147 46.49 17.36 15.22
CA LYS C 147 45.16 17.96 15.21
C LYS C 147 44.18 17.25 14.29
N THR C 148 44.70 16.64 13.22
CA THR C 148 43.88 15.85 12.30
C THR C 148 43.21 14.69 13.02
N ALA C 149 43.99 13.94 13.79
CA ALA C 149 43.43 12.83 14.57
C ALA C 149 42.34 13.29 15.53
N MET C 150 42.53 14.45 16.15
CA MET C 150 41.52 15.01 17.05
C MET C 150 40.23 15.32 16.28
N MET C 151 40.38 15.96 15.11
CA MET C 151 39.24 16.30 14.25
C MET C 151 38.50 15.06 13.76
N GLN C 152 39.23 13.96 13.60
CA GLN C 152 38.64 12.70 13.17
C GLN C 152 38.17 11.81 14.32
N ASN C 153 38.25 12.34 15.55
CA ASN C 153 37.79 11.67 16.77
C ASN C 153 38.52 10.35 17.02
N LYS C 154 39.79 10.31 16.65
CA LYS C 154 40.60 9.10 16.77
C LYS C 154 41.40 9.13 18.07
N TRP C 155 40.67 9.07 19.19
CA TRP C 155 41.24 9.05 20.52
C TRP C 155 41.80 7.70 20.87
N SER C 156 42.71 7.68 21.85
CA SER C 156 43.32 6.42 22.33
CA SER C 156 43.32 6.42 22.32
C SER C 156 42.61 5.93 23.58
N ASN C 157 42.18 6.87 24.42
CA ASN C 157 41.51 6.53 25.66
C ASN C 157 40.41 7.52 26.02
N VAL C 158 39.46 7.07 26.83
CA VAL C 158 38.50 7.98 27.44
C VAL C 158 38.78 7.84 28.93
N VAL C 159 38.99 8.97 29.62
CA VAL C 159 39.55 8.97 30.97
C VAL C 159 38.74 9.87 31.90
N PHE C 160 38.86 9.61 33.21
CA PHE C 160 38.35 10.52 34.22
C PHE C 160 39.55 11.20 34.90
N ASN C 161 39.42 12.51 35.13
CA ASN C 161 40.46 13.31 35.79
C ASN C 161 41.87 13.08 35.21
N GLY C 162 41.94 12.93 33.89
CA GLY C 162 43.18 12.89 33.14
C GLY C 162 43.95 11.58 33.10
N GLY C 163 43.40 10.55 33.74
CA GLY C 163 44.13 9.27 33.86
C GLY C 163 43.38 8.03 33.39
N VAL C 164 44.01 7.23 32.54
CA VAL C 164 43.44 5.94 32.16
C VAL C 164 43.24 5.06 33.42
N PHE C 165 41.99 4.65 33.66
CA PHE C 165 41.69 3.81 34.82
C PHE C 165 42.30 4.37 36.12
N LYS C 166 42.25 5.69 36.28
CA LYS C 166 42.88 6.36 37.41
C LYS C 166 42.33 5.84 38.74
N TYR C 167 41.02 5.59 38.77
CA TYR C 167 40.34 5.16 40.00
C TYR C 167 39.83 3.73 39.93
N ASP C 168 40.51 2.86 39.17
CA ASP C 168 40.01 1.51 38.97
C ASP C 168 41.07 0.44 39.31
N PRO C 169 41.25 0.18 40.63
CA PRO C 169 42.21 -0.82 41.04
C PRO C 169 41.74 -2.25 40.74
N VAL C 170 40.50 -2.39 40.28
CA VAL C 170 40.01 -3.70 39.84
C VAL C 170 40.59 -4.09 38.48
N HIS C 171 40.59 -3.15 37.54
CA HIS C 171 41.03 -3.44 36.16
C HIS C 171 42.46 -3.03 35.91
N ASP C 172 43.04 -2.25 36.82
CA ASP C 172 44.43 -1.83 36.68
C ASP C 172 45.18 -2.07 37.98
N SER C 173 46.10 -3.05 37.96
CA SER C 173 46.87 -3.44 39.14
C SER C 173 47.78 -2.31 39.64
N GLU C 174 47.98 -1.29 38.80
CA GLU C 174 48.85 -0.17 39.16
C GLU C 174 48.09 1.02 39.79
N ALA C 175 46.76 1.00 39.71
CA ALA C 175 45.95 2.07 40.27
C ALA C 175 45.89 1.91 41.78
N THR C 176 46.08 3.01 42.52
CA THR C 176 45.99 2.96 43.99
C THR C 176 45.09 4.07 44.57
N SER C 177 44.24 4.64 43.72
CA SER C 177 43.25 5.64 44.19
C SER C 177 41.86 5.14 43.85
N TRP C 178 40.88 5.53 44.65
CA TRP C 178 39.47 5.26 44.37
C TRP C 178 38.61 6.14 45.22
N LEU C 179 37.31 6.17 44.97
CA LEU C 179 36.41 7.00 45.78
C LEU C 179 35.97 6.20 47.00
N GLN C 180 35.67 6.90 48.09
CA GLN C 180 35.27 6.25 49.35
C GLN C 180 34.01 6.84 49.96
N ALA C 181 33.18 5.96 50.53
CA ALA C 181 32.03 6.39 51.32
C ALA C 181 31.60 5.25 52.24
N LYS C 182 30.70 5.57 53.17
CA LYS C 182 30.06 4.58 54.03
C LYS C 182 28.68 4.28 53.46
N PRO C 183 28.18 3.04 53.68
CA PRO C 183 26.81 2.71 53.32
C PRO C 183 25.83 3.71 53.93
N GLY C 184 24.85 4.16 53.15
CA GLY C 184 23.83 5.10 53.62
C GLY C 184 24.18 6.57 53.41
N GLU C 185 25.46 6.86 53.16
CA GLU C 185 25.91 8.24 52.91
C GLU C 185 25.48 8.76 51.55
N ARG C 186 25.12 10.04 51.48
CA ARG C 186 24.82 10.68 50.20
C ARG C 186 26.12 11.14 49.57
N VAL C 187 26.51 10.51 48.45
CA VAL C 187 27.72 10.88 47.72
C VAL C 187 27.34 11.75 46.54
N ARG C 188 27.88 12.97 46.49
CA ARG C 188 27.56 13.92 45.43
C ARG C 188 28.70 13.93 44.40
N ILE C 189 28.39 13.60 43.15
CA ILE C 189 29.38 13.62 42.08
C ILE C 189 29.17 14.89 41.29
N TYR C 190 30.22 15.70 41.23
CA TYR C 190 30.24 16.85 40.34
C TYR C 190 30.90 16.36 39.06
N PHE C 191 30.11 16.19 38.01
CA PHE C 191 30.61 15.59 36.77
C PHE C 191 30.68 16.63 35.66
N VAL C 192 31.84 16.71 34.99
CA VAL C 192 32.01 17.52 33.79
C VAL C 192 32.48 16.64 32.65
N ASN C 193 31.84 16.76 31.48
CA ASN C 193 32.38 16.15 30.28
C ASN C 193 33.13 17.21 29.47
N ALA C 194 34.45 17.25 29.61
CA ALA C 194 35.31 18.20 28.88
C ALA C 194 35.39 17.90 27.39
N GLY C 195 35.18 16.64 27.03
CA GLY C 195 35.27 16.25 25.62
C GLY C 195 36.73 16.03 25.27
N PRO C 196 37.22 16.65 24.17
CA PRO C 196 36.57 17.69 23.36
C PRO C 196 35.35 17.28 22.51
N ASN C 197 35.26 15.98 22.17
CA ASN C 197 34.29 15.49 21.18
C ASN C 197 33.17 14.63 21.72
N GLU C 198 33.50 13.77 22.68
CA GLU C 198 32.65 12.64 23.01
C GLU C 198 31.49 12.93 23.98
N LEU C 199 30.50 12.04 23.93
CA LEU C 199 29.36 12.04 24.83
C LEU C 199 29.64 11.04 25.95
N SER C 200 29.11 11.29 27.14
CA SER C 200 29.19 10.34 28.24
C SER C 200 27.78 9.86 28.63
N SER C 201 27.63 8.54 28.82
CA SER C 201 26.38 7.96 29.34
C SER C 201 26.70 7.33 30.69
N LEU C 202 26.53 8.12 31.75
CA LEU C 202 27.13 7.81 33.03
C LEU C 202 26.21 6.97 33.92
N HIS C 203 26.76 5.86 34.42
CA HIS C 203 26.00 4.87 35.15
C HIS C 203 26.82 4.33 36.30
N PRO C 204 26.24 4.21 37.51
CA PRO C 204 26.95 3.53 38.58
C PRO C 204 26.60 2.05 38.57
N ILE C 205 27.56 1.21 38.17
CA ILE C 205 27.34 -0.24 38.17
C ILE C 205 27.04 -0.69 39.60
N ALA C 206 25.93 -1.45 39.75
CA ALA C 206 25.40 -1.94 41.04
C ALA C 206 24.70 -0.89 41.90
N GLY C 207 24.45 0.29 41.32
CA GLY C 207 23.71 1.35 41.98
C GLY C 207 22.77 2.07 41.03
N ILE C 208 22.21 3.19 41.50
CA ILE C 208 21.29 4.03 40.73
C ILE C 208 21.59 5.47 41.15
N TRP C 209 21.39 6.45 40.28
CA TRP C 209 21.51 7.83 40.71
C TRP C 209 20.28 8.21 41.48
N ASP C 210 20.44 8.51 42.77
CA ASP C 210 19.32 8.95 43.59
C ASP C 210 18.65 10.17 42.96
N ARG C 211 19.48 11.13 42.55
CA ARG C 211 19.02 12.35 41.89
C ARG C 211 20.10 12.81 40.93
N VAL C 212 19.66 13.53 39.89
CA VAL C 212 20.58 14.13 38.95
C VAL C 212 20.10 15.55 38.69
N TYR C 213 21.04 16.50 38.70
CA TYR C 213 20.73 17.90 38.45
C TYR C 213 21.49 18.39 37.20
N PRO C 214 20.79 18.56 36.06
CA PRO C 214 21.42 19.17 34.87
C PRO C 214 22.00 20.54 35.18
N SER C 215 23.27 20.75 34.82
CA SER C 215 24.07 21.94 35.20
C SER C 215 24.18 22.19 36.71
N GLY C 216 23.81 21.20 37.51
CA GLY C 216 23.88 21.27 38.97
C GLY C 216 22.75 22.10 39.57
N ASN C 217 21.81 22.54 38.73
CA ASN C 217 20.79 23.47 39.23
C ASN C 217 19.66 22.71 39.95
N PRO C 218 19.37 23.10 41.21
CA PRO C 218 18.31 22.43 41.99
C PRO C 218 16.94 22.38 41.28
N LYS C 219 16.62 23.39 40.49
CA LYS C 219 15.32 23.46 39.83
C LYS C 219 15.12 22.36 38.76
N ASN C 220 16.20 21.69 38.35
CA ASN C 220 16.13 20.73 37.26
C ASN C 220 16.13 19.26 37.67
N VAL C 221 15.88 19.01 38.95
CA VAL C 221 16.08 17.69 39.53
C VAL C 221 15.34 16.58 38.80
N GLN C 222 16.05 15.47 38.58
CA GLN C 222 15.47 14.21 38.10
C GLN C 222 15.77 13.13 39.13
N TYR C 223 14.89 12.14 39.21
CA TYR C 223 14.99 11.12 40.28
C TYR C 223 15.30 9.73 39.75
N ALA C 224 16.15 8.99 40.47
CA ALA C 224 16.27 7.53 40.29
C ALA C 224 16.53 7.14 38.83
N LEU C 225 17.57 7.76 38.28
CA LEU C 225 18.01 7.49 36.92
C LEU C 225 19.12 6.45 36.92
N GLN C 226 18.96 5.40 36.14
CA GLN C 226 20.03 4.41 36.01
C GLN C 226 21.27 5.02 35.31
N SER C 227 21.00 5.88 34.33
CA SER C 227 22.05 6.48 33.51
C SER C 227 21.68 7.92 33.15
N TYR C 228 22.68 8.72 32.79
CA TYR C 228 22.39 10.10 32.41
C TYR C 228 23.38 10.54 31.36
N LEU C 229 22.89 11.17 30.29
CA LEU C 229 23.74 11.66 29.19
C LEU C 229 24.30 13.05 29.45
N ILE C 230 25.62 13.15 29.36
CA ILE C 230 26.28 14.43 29.50
C ILE C 230 27.01 14.65 28.20
N GLY C 231 26.54 15.63 27.43
CA GLY C 231 27.19 15.96 26.16
C GLY C 231 28.55 16.61 26.34
N ALA C 232 29.35 16.66 25.28
CA ALA C 232 30.60 17.41 25.34
C ALA C 232 30.35 18.87 25.74
N GLY C 233 31.08 19.35 26.73
CA GLY C 233 30.96 20.75 27.14
C GLY C 233 29.84 20.94 28.14
N ASP C 234 29.30 19.84 28.67
CA ASP C 234 28.21 19.92 29.65
C ASP C 234 28.65 19.37 31.02
N ALA C 235 27.83 19.61 32.03
CA ALA C 235 28.11 19.15 33.38
C ALA C 235 26.82 18.90 34.16
N ALA C 236 26.91 18.05 35.19
CA ALA C 236 25.75 17.72 36.01
C ALA C 236 26.21 17.28 37.40
N THR C 237 25.28 17.36 38.34
CA THR C 237 25.49 16.89 39.71
C THR C 237 24.66 15.62 39.89
N LEU C 238 25.31 14.54 40.31
CA LEU C 238 24.66 13.22 40.43
C LEU C 238 24.89 12.67 41.84
N ASP C 239 23.81 12.27 42.50
CA ASP C 239 23.89 11.76 43.88
C ASP C 239 23.79 10.24 43.90
N LEU C 240 24.62 9.59 44.73
CA LEU C 240 24.67 8.13 44.84
C LEU C 240 24.62 7.72 46.31
N ILE C 241 23.76 6.75 46.64
CA ILE C 241 23.67 6.22 48.01
C ILE C 241 23.65 4.69 47.91
N SER C 242 24.64 4.02 48.51
CA SER C 242 24.62 2.56 48.57
C SER C 242 24.00 2.07 49.87
N PRO C 243 23.04 1.12 49.78
CA PRO C 243 22.46 0.58 51.01
C PRO C 243 23.39 -0.45 51.67
N VAL C 244 24.42 -0.91 50.95
CA VAL C 244 25.30 -2.00 51.42
C VAL C 244 26.79 -1.67 51.36
N GLU C 245 27.58 -2.40 52.13
CA GLU C 245 29.04 -2.41 51.94
C GLU C 245 29.35 -3.06 50.61
N GLY C 246 30.45 -2.65 50.00
CA GLY C 246 30.89 -3.22 48.74
C GLY C 246 31.35 -2.12 47.81
N ALA C 247 31.13 -2.32 46.51
CA ALA C 247 31.61 -1.37 45.50
C ALA C 247 30.54 -1.06 44.47
N ASN C 248 30.55 0.18 43.96
CA ASN C 248 29.91 0.47 42.68
C ASN C 248 31.02 0.90 41.73
N ALA C 249 30.81 0.78 40.42
CA ALA C 249 31.76 1.30 39.44
C ALA C 249 31.07 2.33 38.57
N ILE C 250 31.47 3.60 38.67
CA ILE C 250 30.92 4.67 37.82
C ILE C 250 31.59 4.57 36.45
N VAL C 251 30.78 4.36 35.41
CA VAL C 251 31.29 4.10 34.08
C VAL C 251 30.57 4.97 33.04
N ASP C 252 31.29 5.31 31.99
CA ASP C 252 30.65 5.74 30.76
C ASP C 252 30.17 4.46 30.08
N HIS C 253 28.85 4.29 30.03
CA HIS C 253 28.27 3.01 29.60
C HIS C 253 28.31 2.75 28.10
N SER C 254 28.83 3.71 27.33
CA SER C 254 29.18 3.41 25.96
C SER C 254 30.44 2.59 26.13
N MET C 255 30.31 1.28 25.94
CA MET C 255 31.31 0.35 26.47
C MET C 255 32.73 0.50 25.93
N ARG C 256 32.87 0.93 24.68
CA ARG C 256 34.22 1.20 24.17
C ARG C 256 34.91 2.34 24.94
N HIS C 257 34.13 3.29 25.47
CA HIS C 257 34.68 4.30 26.39
C HIS C 257 35.12 3.67 27.70
N ALA C 258 34.23 2.91 28.34
CA ALA C 258 34.56 2.32 29.64
C ALA C 258 35.78 1.41 29.52
N HIS C 259 35.84 0.57 28.47
CA HIS C 259 36.98 -0.35 28.29
C HIS C 259 38.28 0.36 27.99
N SER C 260 38.19 1.58 27.47
CA SER C 260 39.38 2.37 27.15
C SER C 260 39.86 3.22 28.32
N GLY C 261 39.16 3.14 29.45
CA GLY C 261 39.65 3.77 30.67
C GLY C 261 38.65 4.47 31.56
N ALA C 262 37.40 4.58 31.09
CA ALA C 262 36.40 5.43 31.75
C ALA C 262 35.57 4.68 32.81
N ILE C 263 36.27 4.22 33.86
CA ILE C 263 35.67 3.51 34.98
C ILE C 263 36.29 4.02 36.28
N ALA C 264 35.44 4.41 37.22
CA ALA C 264 35.89 4.86 38.55
C ALA C 264 35.17 4.09 39.68
N VAL C 265 35.96 3.34 40.45
CA VAL C 265 35.41 2.54 41.55
C VAL C 265 35.14 3.44 42.75
N ILE C 266 33.97 3.27 43.35
CA ILE C 266 33.67 3.81 44.67
C ILE C 266 33.49 2.64 45.65
N MET C 267 34.27 2.66 46.74
CA MET C 267 34.22 1.62 47.77
C MET C 267 33.39 2.11 48.94
N PHE C 268 32.40 1.30 49.32
CA PHE C 268 31.56 1.60 50.47
C PHE C 268 31.99 0.71 51.61
N THR C 269 32.51 1.32 52.67
CA THR C 269 33.06 0.57 53.81
C THR C 269 32.73 1.29 55.10
N ASN C 270 32.64 0.55 56.20
CA ASN C 270 32.39 1.17 57.48
C ASN C 270 33.58 2.01 58.00
N ASP C 271 34.77 1.73 57.45
CA ASP C 271 36.01 2.38 57.87
C ASP C 271 36.59 3.39 56.85
N ALA C 272 35.75 3.87 55.93
CA ALA C 272 36.13 4.93 55.00
C ALA C 272 36.89 6.06 55.69
N ASP C 273 37.98 6.54 55.08
CA ASP C 273 38.73 7.70 55.54
C ASP C 273 37.78 8.90 55.74
N PRO C 274 37.73 9.44 56.98
CA PRO C 274 36.93 10.63 57.30
C PRO C 274 37.29 11.88 56.47
N GLU C 275 38.47 11.88 55.86
CA GLU C 275 38.92 12.99 55.01
C GLU C 275 38.51 12.81 53.55
N ALA C 276 38.22 11.57 53.14
CA ALA C 276 37.88 11.29 51.74
C ALA C 276 36.63 12.04 51.30
N GLY C 277 36.69 12.65 50.11
CA GLY C 277 35.56 13.38 49.58
C GLY C 277 35.15 14.60 50.38
N ARG C 278 36.10 15.18 51.11
CA ARG C 278 35.84 16.37 51.91
C ARG C 278 37.02 17.32 51.79
N GLY C 279 36.76 18.62 51.97
CA GLY C 279 37.80 19.65 51.89
C GLY C 279 38.40 19.76 50.50
N GLU C 280 39.72 19.65 50.42
CA GLU C 280 40.39 19.69 49.11
C GLU C 280 40.77 18.30 48.62
N ASN C 281 40.14 17.28 49.21
CA ASN C 281 40.26 15.92 48.72
C ASN C 281 39.19 15.58 47.67
N ILE C 282 38.33 16.55 47.32
CA ILE C 282 37.19 16.23 46.44
C ILE C 282 37.60 15.86 45.01
N LEU C 283 38.69 16.44 44.52
CA LEU C 283 39.27 15.96 43.28
C LEU C 283 40.49 15.14 43.67
N ILE C 284 40.39 13.82 43.53
CA ILE C 284 41.42 12.90 44.01
C ILE C 284 42.64 12.92 43.09
N ARG C 285 43.77 13.37 43.61
CA ARG C 285 44.95 13.49 42.77
C ARG C 285 45.94 12.34 42.97
N LYS D 1 5.90 -8.35 47.52
CA LYS D 1 5.97 -9.83 47.50
C LYS D 1 7.39 -10.31 47.13
N THR D 2 7.65 -11.60 47.32
CA THR D 2 8.93 -12.19 46.91
C THR D 2 8.72 -13.00 45.65
N VAL D 3 9.55 -12.74 44.63
CA VAL D 3 9.49 -13.52 43.39
C VAL D 3 10.82 -14.21 43.16
N GLN D 4 10.78 -15.38 42.56
CA GLN D 4 11.98 -16.08 42.15
C GLN D 4 12.16 -15.88 40.66
N VAL D 5 13.36 -15.45 40.27
CA VAL D 5 13.72 -15.29 38.87
C VAL D 5 14.94 -16.17 38.61
N THR D 6 14.83 -17.12 37.69
CA THR D 6 15.96 -17.99 37.35
C THR D 6 16.25 -17.93 35.85
N LEU D 7 17.50 -17.68 35.50
CA LEU D 7 17.90 -17.61 34.11
C LEU D 7 19.11 -18.51 33.87
N HIS D 8 19.22 -19.00 32.64
CA HIS D 8 20.36 -19.80 32.21
C HIS D 8 21.19 -19.02 31.24
N ALA D 9 22.51 -19.05 31.44
CA ALA D 9 23.41 -18.52 30.43
C ALA D 9 23.60 -19.64 29.44
N VAL D 10 23.20 -19.39 28.19
CA VAL D 10 23.19 -20.39 27.12
C VAL D 10 23.85 -19.81 25.89
N GLU D 11 24.80 -20.57 25.35
CA GLU D 11 25.50 -20.18 24.11
C GLU D 11 24.96 -21.00 22.97
N THR D 12 24.34 -20.35 21.99
CA THR D 12 23.58 -21.06 20.96
C THR D 12 23.43 -20.20 19.70
N ASP D 13 23.21 -20.84 18.54
CA ASP D 13 22.97 -20.10 17.30
C ASP D 13 21.56 -19.48 17.30
N VAL D 14 21.46 -18.19 16.98
CA VAL D 14 20.14 -17.53 16.84
C VAL D 14 20.09 -16.71 15.57
N ALA D 15 18.89 -16.55 15.02
CA ALA D 15 18.66 -15.71 13.84
C ALA D 15 18.76 -14.21 14.18
N TYR D 16 19.30 -13.44 13.25
CA TYR D 16 19.41 -11.98 13.42
C TYR D 16 18.85 -11.14 12.26
N ASP D 17 18.27 -11.80 11.27
CA ASP D 17 17.58 -11.10 10.19
C ASP D 17 16.38 -11.91 9.67
N ASN D 18 15.67 -11.35 8.70
CA ASN D 18 14.43 -11.96 8.23
C ASN D 18 14.61 -13.04 7.17
N LYS D 19 15.84 -13.28 6.72
CA LYS D 19 16.09 -14.36 5.78
C LYS D 19 16.79 -15.54 6.42
N GLY D 20 16.92 -15.50 7.74
CA GLY D 20 17.41 -16.63 8.52
C GLY D 20 18.90 -16.72 8.79
N SER D 21 19.64 -15.65 8.55
CA SER D 21 21.06 -15.61 8.89
C SER D 21 21.20 -15.77 10.40
N THR D 22 22.17 -16.58 10.82
CA THR D 22 22.39 -16.83 12.26
C THR D 22 23.80 -16.46 12.68
N TYR D 23 23.97 -16.32 13.99
CA TYR D 23 25.28 -16.10 14.58
C TYR D 23 25.38 -16.89 15.87
N ARG D 24 26.61 -17.12 16.31
CA ARG D 24 26.89 -17.80 17.57
C ARG D 24 26.66 -16.83 18.73
N ALA D 25 25.42 -16.80 19.21
CA ALA D 25 24.98 -15.88 20.26
C ALA D 25 25.30 -16.38 21.66
N TRP D 26 25.53 -15.43 22.58
CA TRP D 26 25.54 -15.72 24.00
C TRP D 26 24.28 -15.10 24.55
N THR D 27 23.51 -15.89 25.31
CA THR D 27 22.15 -15.49 25.67
C THR D 27 21.80 -15.81 27.11
N PHE D 28 20.74 -15.17 27.58
CA PHE D 28 19.97 -15.70 28.69
C PHE D 28 18.81 -16.51 28.12
N ASP D 29 18.66 -17.74 28.60
CA ASP D 29 17.58 -18.67 28.22
C ASP D 29 17.46 -19.02 26.71
N GLY D 30 18.56 -18.85 25.97
CA GLY D 30 18.65 -19.31 24.60
C GLY D 30 17.97 -18.41 23.57
N LYS D 31 17.66 -17.19 23.98
CA LYS D 31 16.96 -16.26 23.11
C LYS D 31 17.59 -14.87 23.24
N VAL D 32 17.48 -14.07 22.19
CA VAL D 32 17.90 -12.66 22.21
C VAL D 32 16.71 -11.74 21.80
N PRO D 33 16.35 -10.74 22.64
CA PRO D 33 16.84 -10.46 24.00
C PRO D 33 16.45 -11.58 24.95
N GLY D 34 16.95 -11.50 26.19
CA GLY D 34 16.55 -12.43 27.25
C GLY D 34 15.09 -12.26 27.62
N PRO D 35 14.59 -13.14 28.52
CA PRO D 35 13.18 -13.03 28.94
C PRO D 35 12.87 -11.71 29.65
N VAL D 36 11.69 -11.18 29.39
CA VAL D 36 11.21 -10.03 30.13
C VAL D 36 11.09 -10.46 31.58
N VAL D 37 11.65 -9.67 32.48
CA VAL D 37 11.43 -9.86 33.90
C VAL D 37 10.54 -8.72 34.36
N ARG D 38 9.50 -9.03 35.12
CA ARG D 38 8.55 -8.03 35.56
C ARG D 38 8.17 -8.24 37.02
N VAL D 39 8.43 -7.22 37.83
CA VAL D 39 8.14 -7.21 39.26
C VAL D 39 7.45 -5.89 39.62
N THR D 40 7.01 -5.77 40.87
CA THR D 40 6.44 -4.51 41.34
C THR D 40 7.45 -3.86 42.25
N GLU D 41 7.49 -2.52 42.24
CA GLU D 41 8.32 -1.72 43.13
C GLU D 41 8.12 -2.22 44.56
N GLY D 42 9.23 -2.45 45.26
CA GLY D 42 9.17 -2.92 46.64
C GLY D 42 9.33 -4.41 46.76
N ASP D 43 9.13 -5.16 45.67
CA ASP D 43 9.24 -6.63 45.70
C ASP D 43 10.65 -7.06 46.02
N THR D 44 10.78 -8.28 46.56
CA THR D 44 12.07 -8.91 46.76
C THR D 44 12.30 -9.91 45.63
N VAL D 45 13.41 -9.74 44.94
CA VAL D 45 13.76 -10.63 43.82
C VAL D 45 14.84 -11.61 44.27
N GLU D 46 14.49 -12.89 44.32
CA GLU D 46 15.48 -13.93 44.59
C GLU D 46 15.95 -14.45 43.25
N PHE D 47 17.14 -14.00 42.86
CA PHE D 47 17.68 -14.31 41.56
C PHE D 47 18.66 -15.48 41.55
N THR D 48 18.55 -16.30 40.52
CA THR D 48 19.50 -17.38 40.24
C THR D 48 19.98 -17.33 38.79
N LEU D 49 21.30 -17.36 38.60
CA LEU D 49 21.88 -17.56 37.28
C LEU D 49 22.58 -18.91 37.23
N ILE D 50 22.19 -19.74 36.27
CA ILE D 50 22.82 -21.06 36.06
C ILE D 50 23.60 -21.00 34.74
N ASN D 51 24.93 -21.14 34.81
CA ASN D 51 25.72 -21.16 33.59
C ASN D 51 25.78 -22.59 33.07
N ASP D 52 25.18 -22.83 31.91
CA ASP D 52 25.06 -24.19 31.39
C ASP D 52 26.43 -24.88 31.28
N LYS D 53 26.43 -26.18 31.53
CA LYS D 53 27.67 -26.96 31.49
C LYS D 53 28.37 -26.92 30.14
N ASN D 54 27.60 -26.76 29.06
CA ASN D 54 28.16 -26.74 27.71
C ASN D 54 28.67 -25.37 27.23
N SER D 55 28.56 -24.34 28.07
CA SER D 55 29.13 -23.02 27.74
C SER D 55 30.65 -23.06 27.71
N LYS D 56 31.24 -22.18 26.90
CA LYS D 56 32.69 -22.08 26.80
C LYS D 56 33.27 -20.90 27.58
N ASN D 57 32.39 -20.05 28.12
CA ASN D 57 32.79 -18.81 28.78
C ASN D 57 32.11 -18.64 30.12
N SER D 58 32.72 -17.82 30.96
CA SER D 58 32.11 -17.40 32.21
C SER D 58 31.10 -16.29 31.93
N HIS D 59 30.07 -16.22 32.76
CA HIS D 59 28.96 -15.28 32.56
C HIS D 59 28.52 -14.78 33.90
N SER D 60 27.75 -13.70 33.89
CA SER D 60 27.28 -13.08 35.12
C SER D 60 25.95 -12.38 34.84
N MET D 61 25.39 -11.73 35.86
CA MET D 61 24.19 -10.93 35.66
C MET D 61 24.22 -9.61 36.43
N ASP D 62 23.95 -8.53 35.71
CA ASP D 62 23.89 -7.16 36.24
C ASP D 62 22.48 -6.65 35.94
N PHE D 63 21.70 -6.36 36.99
CA PHE D 63 20.38 -5.70 36.84
C PHE D 63 20.52 -4.22 37.20
N HIS D 64 20.09 -3.33 36.31
CA HIS D 64 20.07 -1.87 36.60
C HIS D 64 19.03 -1.53 37.64
N ALA D 65 18.15 -2.49 37.95
CA ALA D 65 17.13 -2.31 38.99
C ALA D 65 17.64 -2.70 40.39
N ALA D 66 18.86 -3.22 40.47
CA ALA D 66 19.42 -3.65 41.76
C ALA D 66 20.39 -2.64 42.36
N ARG D 67 20.43 -2.56 43.68
CA ARG D 67 21.46 -1.79 44.37
C ARG D 67 22.23 -2.78 45.24
N LEU D 68 23.42 -3.17 44.77
CA LEU D 68 24.16 -4.30 45.34
C LEU D 68 25.68 -4.03 45.36
N ASP D 69 26.47 -5.09 45.38
CA ASP D 69 27.94 -4.98 45.34
C ASP D 69 28.46 -5.57 44.02
N VAL D 70 29.08 -4.74 43.21
CA VAL D 70 29.56 -5.20 41.90
C VAL D 70 30.56 -6.36 42.04
N VAL D 71 31.40 -6.30 43.08
CA VAL D 71 32.45 -7.31 43.27
C VAL D 71 31.88 -8.72 43.54
N GLU D 72 31.04 -8.83 44.57
CA GLU D 72 30.50 -10.15 44.95
C GLU D 72 29.24 -10.56 44.20
N ASP D 73 28.29 -9.64 44.04
CA ASP D 73 26.99 -9.99 43.44
C ASP D 73 27.04 -10.18 41.93
N PHE D 74 27.71 -9.27 41.25
CA PHE D 74 27.79 -9.33 39.79
C PHE D 74 28.99 -10.13 39.28
N GLU D 75 29.55 -10.98 40.15
CA GLU D 75 30.71 -11.81 39.79
C GLU D 75 30.44 -12.83 38.67
N SER D 76 31.49 -13.19 37.94
CA SER D 76 31.40 -14.16 36.86
C SER D 76 31.39 -15.59 37.39
N ILE D 77 30.63 -16.46 36.75
CA ILE D 77 30.61 -17.88 37.13
C ILE D 77 31.01 -18.72 35.93
N LYS D 78 31.70 -19.84 36.19
CA LYS D 78 32.15 -20.74 35.16
C LYS D 78 31.02 -21.63 34.67
N PRO D 79 31.16 -22.21 33.46
CA PRO D 79 30.21 -23.24 33.01
C PRO D 79 30.02 -24.30 34.10
N GLY D 80 28.77 -24.69 34.33
CA GLY D 80 28.45 -25.66 35.36
C GLY D 80 28.20 -25.07 36.73
N GLU D 81 28.44 -23.77 36.90
CA GLU D 81 28.22 -23.11 38.20
C GLU D 81 26.92 -22.30 38.23
N THR D 82 26.52 -21.93 39.45
CA THR D 82 25.29 -21.19 39.73
C THR D 82 25.62 -20.02 40.65
N LYS D 83 25.03 -18.87 40.35
CA LYS D 83 25.13 -17.70 41.22
C LYS D 83 23.74 -17.30 41.71
N LYS D 84 23.62 -17.04 43.00
CA LYS D 84 22.37 -16.57 43.59
C LYS D 84 22.62 -15.24 44.28
N TYR D 85 21.64 -14.34 44.17
CA TYR D 85 21.60 -13.13 44.97
C TYR D 85 20.19 -12.58 45.09
N THR D 86 19.96 -11.83 46.16
CA THR D 86 18.65 -11.25 46.41
C THR D 86 18.74 -9.72 46.40
N PHE D 87 17.72 -9.06 45.85
CA PHE D 87 17.62 -7.61 45.93
C PHE D 87 16.17 -7.19 45.95
N THR D 88 15.92 -6.01 46.53
CA THR D 88 14.61 -5.40 46.45
C THR D 88 14.60 -4.41 45.30
N ALA D 89 13.47 -4.32 44.61
CA ALA D 89 13.38 -3.43 43.47
C ALA D 89 12.90 -2.09 44.00
N ASP D 90 13.86 -1.24 44.37
CA ASP D 90 13.57 -0.02 45.15
C ASP D 90 12.94 1.12 44.38
N ASN D 91 13.15 1.14 43.07
CA ASN D 91 12.65 2.22 42.22
C ASN D 91 11.83 1.73 41.04
N PRO D 92 10.67 2.36 40.79
CA PRO D 92 9.85 1.90 39.69
C PRO D 92 10.43 2.34 38.34
N GLY D 93 10.06 1.65 37.28
CA GLY D 93 10.45 2.11 35.95
C GLY D 93 10.81 0.98 35.03
N VAL D 94 11.81 1.24 34.18
CA VAL D 94 12.26 0.26 33.19
C VAL D 94 13.79 0.26 33.23
N PHE D 95 14.37 -0.94 33.32
CA PHE D 95 15.81 -1.07 33.57
C PHE D 95 16.48 -2.11 32.67
N PHE D 96 17.66 -1.75 32.20
CA PHE D 96 18.56 -2.63 31.46
C PHE D 96 19.04 -3.75 32.39
N TYR D 97 19.07 -4.98 31.88
CA TYR D 97 19.86 -6.04 32.53
C TYR D 97 20.78 -6.66 31.50
N HIS D 98 21.96 -7.11 31.94
CA HIS D 98 22.92 -7.70 31.01
C HIS D 98 23.97 -8.45 31.77
N CYS D 99 24.67 -9.33 31.04
CA CYS D 99 25.87 -9.98 31.55
C CYS D 99 26.95 -8.92 31.76
N GLY D 100 27.73 -9.06 32.83
CA GLY D 100 28.80 -8.09 33.12
C GLY D 100 30.18 -8.72 33.09
N SER D 101 30.33 -9.82 32.36
CA SER D 101 31.60 -10.54 32.33
C SER D 101 32.59 -9.99 31.30
N ASP D 102 33.86 -10.36 31.46
CA ASP D 102 34.93 -9.79 30.66
C ASP D 102 35.01 -10.39 29.24
N PRO D 103 34.99 -9.53 28.20
CA PRO D 103 34.75 -8.09 28.24
C PRO D 103 33.27 -7.76 28.00
N MET D 104 32.70 -6.91 28.85
CA MET D 104 31.26 -6.58 28.80
C MET D 104 30.76 -6.21 27.41
N ILE D 105 31.56 -5.44 26.67
CA ILE D 105 31.22 -5.03 25.32
C ILE D 105 30.82 -6.22 24.43
N GLN D 106 31.57 -7.32 24.56
CA GLN D 106 31.32 -8.52 23.77
C GLN D 106 30.13 -9.34 24.30
N HIS D 107 30.03 -9.46 25.62
CA HIS D 107 28.90 -10.18 26.23
C HIS D 107 27.59 -9.52 25.87
N ILE D 108 27.54 -8.19 25.97
CA ILE D 108 26.40 -7.42 25.44
C ILE D 108 26.17 -7.61 23.93
N ALA D 109 27.19 -7.37 23.10
CA ALA D 109 27.00 -7.44 21.64
C ALA D 109 26.56 -8.83 21.17
N ARG D 110 26.99 -9.88 21.87
CA ARG D 110 26.65 -11.24 21.46
C ARG D 110 25.23 -11.66 21.90
N GLY D 111 24.54 -10.79 22.61
CA GLY D 111 23.13 -10.96 22.89
C GLY D 111 22.75 -11.11 24.35
N MET D 112 23.69 -10.91 25.27
CA MET D 112 23.39 -11.13 26.68
C MET D 112 22.78 -9.90 27.33
N TYR D 113 21.54 -9.60 26.97
CA TYR D 113 20.85 -8.43 27.50
C TYR D 113 19.33 -8.62 27.54
N GLY D 114 18.65 -7.79 28.34
CA GLY D 114 17.19 -7.82 28.40
C GLY D 114 16.67 -6.64 29.20
N VAL D 115 15.39 -6.69 29.57
CA VAL D 115 14.77 -5.63 30.36
C VAL D 115 14.10 -6.22 31.60
N ILE D 116 14.20 -5.51 32.70
CA ILE D 116 13.35 -5.75 33.87
C ILE D 116 12.41 -4.55 34.04
N ILE D 117 11.11 -4.82 34.04
CA ILE D 117 10.12 -3.77 34.26
C ILE D 117 9.73 -3.79 35.72
N VAL D 118 9.76 -2.62 36.36
CA VAL D 118 9.41 -2.51 37.77
C VAL D 118 8.16 -1.64 37.86
N ASP D 119 6.98 -2.28 37.93
CA ASP D 119 5.72 -1.54 37.96
C ASP D 119 5.68 -0.65 39.19
N PRO D 120 5.15 0.58 39.07
CA PRO D 120 5.02 1.41 40.27
C PRO D 120 4.11 0.76 41.33
N LYS D 121 4.51 0.87 42.59
CA LYS D 121 3.69 0.38 43.72
C LYS D 121 2.32 1.06 43.68
N ASP D 122 2.32 2.33 43.32
CA ASP D 122 1.10 3.11 43.14
C ASP D 122 0.63 2.87 41.71
N ALA D 123 -0.45 2.10 41.58
CA ALA D 123 -0.99 1.70 40.28
C ALA D 123 -1.53 2.88 39.45
N ASN D 124 -1.71 4.03 40.09
CA ASN D 124 -2.23 5.21 39.41
C ASN D 124 -1.16 6.26 39.08
N ALA D 125 0.10 5.91 39.34
CA ALA D 125 1.21 6.83 39.09
C ALA D 125 1.40 7.07 37.59
N LEU D 126 1.17 6.04 36.78
CA LEU D 126 1.21 6.17 35.32
C LEU D 126 -0.21 6.08 34.79
N PRO D 127 -0.52 6.84 33.72
CA PRO D 127 -1.82 6.62 33.06
C PRO D 127 -1.95 5.18 32.53
N LYS D 128 -3.17 4.65 32.56
CA LYS D 128 -3.45 3.29 32.13
C LYS D 128 -3.05 3.09 30.66
N ALA D 129 -2.21 2.09 30.40
CA ALA D 129 -1.83 1.73 29.03
C ALA D 129 -2.78 0.68 28.47
N ASP D 130 -3.13 0.83 27.20
CA ASP D 130 -3.96 -0.15 26.51
C ASP D 130 -3.13 -1.24 25.85
N ARG D 131 -1.89 -0.90 25.49
CA ARG D 131 -0.92 -1.83 24.91
C ARG D 131 0.42 -1.55 25.57
N GLU D 132 1.25 -2.58 25.68
CA GLU D 132 2.64 -2.43 26.07
C GLU D 132 3.54 -3.20 25.11
N TYR D 133 4.66 -2.61 24.69
CA TYR D 133 5.64 -3.29 23.84
C TYR D 133 7.04 -3.00 24.33
N VAL D 134 7.87 -4.04 24.39
CA VAL D 134 9.29 -3.91 24.69
C VAL D 134 10.08 -3.78 23.40
N LEU D 135 10.93 -2.77 23.32
CA LEU D 135 11.86 -2.63 22.23
C LEU D 135 13.26 -2.38 22.80
N ILE D 136 14.20 -3.27 22.49
CA ILE D 136 15.57 -3.13 22.97
C ILE D 136 16.50 -2.94 21.78
N GLN D 137 17.18 -1.80 21.76
CA GLN D 137 18.09 -1.50 20.66
C GLN D 137 19.47 -2.04 20.99
N ALA D 138 20.15 -2.56 19.96
CA ALA D 138 21.53 -3.01 20.11
C ALA D 138 22.23 -2.94 18.78
N GLU D 139 23.55 -2.88 18.81
CA GLU D 139 24.33 -3.01 17.58
C GLU D 139 24.62 -4.47 17.31
N HIS D 140 24.54 -4.86 16.04
CA HIS D 140 24.99 -6.17 15.60
C HIS D 140 26.34 -6.09 14.93
N TYR D 141 27.30 -6.88 15.43
CA TYR D 141 28.64 -6.95 14.84
C TYR D 141 28.76 -8.24 14.01
N GLU D 142 29.29 -8.11 12.79
CA GLU D 142 29.36 -9.23 11.84
C GLU D 142 30.07 -10.47 12.41
N ASN D 143 31.23 -10.25 13.02
CA ASN D 143 32.00 -11.34 13.62
C ASN D 143 31.97 -11.23 15.14
N PRO D 144 31.23 -12.13 15.81
CA PRO D 144 31.05 -12.01 17.26
C PRO D 144 32.33 -12.20 18.08
N ASP D 145 33.38 -12.72 17.45
CA ASP D 145 34.67 -12.93 18.10
C ASP D 145 35.64 -11.75 17.96
N ASP D 146 35.34 -10.84 17.03
CA ASP D 146 36.24 -9.72 16.75
C ASP D 146 36.01 -8.55 17.72
N LYS D 147 36.74 -8.57 18.84
CA LYS D 147 36.66 -7.53 19.86
C LYS D 147 37.17 -6.15 19.40
N THR D 148 38.13 -6.17 18.48
CA THR D 148 38.70 -4.94 17.92
C THR D 148 37.64 -4.17 17.14
N ALA D 149 36.85 -4.89 16.34
CA ALA D 149 35.75 -4.30 15.60
C ALA D 149 34.74 -3.63 16.55
N MET D 150 34.41 -4.30 17.65
CA MET D 150 33.51 -3.73 18.66
C MET D 150 34.12 -2.47 19.29
N MET D 151 35.39 -2.57 19.66
CA MET D 151 36.12 -1.44 20.23
C MET D 151 36.21 -0.23 19.29
N GLN D 152 36.22 -0.50 17.99
CA GLN D 152 36.28 0.56 16.97
C GLN D 152 34.88 1.03 16.53
N ASN D 153 33.84 0.46 17.15
CA ASN D 153 32.43 0.79 16.85
C ASN D 153 32.03 0.46 15.39
N LYS D 154 32.63 -0.59 14.84
CA LYS D 154 32.38 -0.93 13.45
C LYS D 154 31.29 -2.00 13.36
N TRP D 155 30.07 -1.59 13.68
CA TRP D 155 28.93 -2.49 13.58
C TRP D 155 28.43 -2.64 12.16
N SER D 156 27.70 -3.73 11.92
CA SER D 156 27.11 -3.96 10.61
CA SER D 156 27.10 -3.99 10.62
C SER D 156 25.70 -3.44 10.55
N ASN D 157 24.97 -3.55 11.67
CA ASN D 157 23.58 -3.14 11.79
C ASN D 157 23.25 -2.59 13.17
N VAL D 158 22.20 -1.78 13.24
CA VAL D 158 21.57 -1.39 14.50
C VAL D 158 20.15 -1.96 14.51
N VAL D 159 19.81 -2.71 15.55
CA VAL D 159 18.60 -3.53 15.51
C VAL D 159 17.72 -3.34 16.74
N PHE D 160 16.45 -3.68 16.61
CA PHE D 160 15.52 -3.80 17.74
C PHE D 160 15.22 -5.26 18.00
N ASN D 161 15.28 -5.65 19.27
CA ASN D 161 14.99 -7.02 19.70
C ASN D 161 15.74 -8.08 18.90
N GLY D 162 17.01 -7.80 18.59
CA GLY D 162 17.93 -8.78 18.03
C GLY D 162 17.87 -8.97 16.52
N GLY D 163 16.95 -8.30 15.84
CA GLY D 163 16.75 -8.57 14.42
C GLY D 163 16.74 -7.37 13.52
N VAL D 164 17.42 -7.48 12.38
CA VAL D 164 17.47 -6.39 11.39
C VAL D 164 16.08 -6.21 10.79
N PHE D 165 15.52 -5.01 10.90
CA PHE D 165 14.15 -4.72 10.42
C PHE D 165 13.12 -5.79 10.84
N LYS D 166 13.25 -6.29 12.07
CA LYS D 166 12.36 -7.34 12.60
C LYS D 166 10.89 -6.95 12.49
N TYR D 167 10.60 -5.68 12.77
CA TYR D 167 9.22 -5.20 12.77
C TYR D 167 8.95 -4.23 11.63
N ASP D 168 9.62 -4.43 10.50
CA ASP D 168 9.46 -3.50 9.40
C ASP D 168 9.09 -4.17 8.09
N PRO D 169 7.81 -4.54 7.94
CA PRO D 169 7.38 -5.14 6.69
C PRO D 169 7.25 -4.12 5.55
N VAL D 170 7.36 -2.83 5.87
CA VAL D 170 7.32 -1.77 4.85
C VAL D 170 8.64 -1.74 4.09
N HIS D 171 9.76 -1.79 4.82
CA HIS D 171 11.09 -1.72 4.21
C HIS D 171 11.70 -3.08 3.97
N ASP D 172 11.07 -4.13 4.51
CA ASP D 172 11.52 -5.51 4.32
C ASP D 172 10.32 -6.45 4.19
N SER D 173 10.04 -6.89 2.98
CA SER D 173 8.88 -7.73 2.71
C SER D 173 8.92 -9.09 3.43
N GLU D 174 10.10 -9.53 3.84
CA GLU D 174 10.25 -10.80 4.55
C GLU D 174 10.00 -10.67 6.06
N ALA D 175 9.81 -9.44 6.54
CA ALA D 175 9.47 -9.22 7.95
C ALA D 175 8.02 -9.65 8.18
N THR D 176 7.75 -10.37 9.25
CA THR D 176 6.40 -10.91 9.48
C THR D 176 5.84 -10.53 10.87
N SER D 177 6.46 -9.53 11.52
CA SER D 177 6.00 -9.03 12.83
C SER D 177 5.90 -7.51 12.80
N TRP D 178 4.95 -6.99 13.57
CA TRP D 178 4.84 -5.55 13.80
C TRP D 178 4.00 -5.33 15.02
N LEU D 179 4.04 -4.11 15.54
CA LEU D 179 3.24 -3.76 16.70
C LEU D 179 1.83 -3.36 16.27
N GLN D 180 0.85 -3.60 17.14
CA GLN D 180 -0.56 -3.34 16.79
C GLN D 180 -1.25 -2.55 17.88
N ALA D 181 -2.13 -1.63 17.48
CA ALA D 181 -2.97 -0.90 18.43
C ALA D 181 -4.20 -0.38 17.71
N LYS D 182 -5.19 0.08 18.46
CA LYS D 182 -6.32 0.80 17.86
C LYS D 182 -6.08 2.29 17.95
N PRO D 183 -6.64 3.08 17.01
CA PRO D 183 -6.58 4.52 17.20
C PRO D 183 -7.18 4.92 18.56
N GLY D 184 -6.57 5.90 19.22
CA GLY D 184 -7.04 6.37 20.53
C GLY D 184 -6.45 5.63 21.73
N GLU D 185 -5.92 4.43 21.52
CA GLU D 185 -5.34 3.68 22.64
C GLU D 185 -3.99 4.26 23.06
N ARG D 186 -3.68 4.20 24.36
CA ARG D 186 -2.34 4.53 24.87
C ARG D 186 -1.42 3.32 24.71
N VAL D 187 -0.42 3.49 23.86
CA VAL D 187 0.57 2.45 23.64
C VAL D 187 1.83 2.85 24.40
N ARG D 188 2.23 1.99 25.32
CA ARG D 188 3.41 2.26 26.16
C ARG D 188 4.59 1.46 25.63
N ILE D 189 5.65 2.16 25.23
CA ILE D 189 6.88 1.51 24.79
C ILE D 189 7.87 1.46 25.96
N TYR D 190 8.31 0.25 26.32
CA TYR D 190 9.40 0.10 27.26
C TYR D 190 10.66 -0.06 26.42
N PHE D 191 11.46 0.99 26.38
CA PHE D 191 12.64 1.01 25.51
C PHE D 191 13.93 0.92 26.31
N VAL D 192 14.81 0.00 25.91
CA VAL D 192 16.18 -0.11 26.45
C VAL D 192 17.17 0.06 25.30
N ASN D 193 18.22 0.86 25.52
CA ASN D 193 19.34 0.89 24.59
C ASN D 193 20.48 0.06 25.18
N ALA D 194 20.60 -1.19 24.70
CA ALA D 194 21.63 -2.12 25.18
C ALA D 194 23.01 -1.68 24.73
N GLY D 195 23.08 -0.97 23.60
CA GLY D 195 24.36 -0.58 23.03
C GLY D 195 24.97 -1.77 22.30
N PRO D 196 26.24 -2.10 22.57
CA PRO D 196 27.06 -1.64 23.70
C PRO D 196 27.55 -0.20 23.61
N ASN D 197 27.61 0.37 22.40
CA ASN D 197 28.26 1.67 22.21
C ASN D 197 27.37 2.85 21.84
N GLU D 198 26.34 2.60 21.03
CA GLU D 198 25.65 3.68 20.33
C GLU D 198 24.54 4.35 21.13
N LEU D 199 24.23 5.56 20.67
CA LEU D 199 23.14 6.39 21.14
C LEU D 199 21.87 6.14 20.31
N SER D 200 20.71 6.30 20.92
CA SER D 200 19.45 6.27 20.17
C SER D 200 18.69 7.60 20.31
N SER D 201 18.17 8.11 19.18
CA SER D 201 17.35 9.33 19.16
C SER D 201 15.97 8.90 18.66
N LEU D 202 15.12 8.50 19.58
CA LEU D 202 13.92 7.74 19.21
C LEU D 202 12.75 8.65 18.86
N HIS D 203 12.17 8.41 17.69
CA HIS D 203 11.10 9.23 17.14
C HIS D 203 10.03 8.35 16.53
N PRO D 204 8.74 8.64 16.79
CA PRO D 204 7.75 7.89 16.02
C PRO D 204 7.36 8.66 14.76
N ILE D 205 7.76 8.16 13.59
CA ILE D 205 7.43 8.84 12.32
C ILE D 205 5.92 8.90 12.18
N ALA D 206 5.40 10.12 11.99
CA ALA D 206 3.96 10.44 11.88
C ALA D 206 3.21 10.46 13.20
N GLY D 207 3.96 10.45 14.30
CA GLY D 207 3.38 10.55 15.65
C GLY D 207 4.21 11.49 16.51
N ILE D 208 3.88 11.52 17.80
CA ILE D 208 4.63 12.28 18.80
C ILE D 208 4.60 11.45 20.10
N TRP D 209 5.62 11.54 20.94
CA TRP D 209 5.55 10.83 22.20
C TRP D 209 4.65 11.65 23.10
N ASP D 210 3.51 11.08 23.48
CA ASP D 210 2.58 11.75 24.40
C ASP D 210 3.29 12.12 25.67
N ARG D 211 3.99 11.15 26.25
CA ARG D 211 4.73 11.37 27.49
C ARG D 211 6.00 10.54 27.41
N VAL D 212 7.08 11.02 28.01
CA VAL D 212 8.29 10.21 28.15
C VAL D 212 8.73 10.23 29.62
N TYR D 213 9.14 9.06 30.10
CA TYR D 213 9.64 8.90 31.47
C TYR D 213 11.08 8.34 31.45
N PRO D 214 12.09 9.22 31.69
CA PRO D 214 13.46 8.79 31.93
C PRO D 214 13.55 7.69 33.00
N SER D 215 14.21 6.58 32.65
CA SER D 215 14.25 5.37 33.50
C SER D 215 12.87 4.83 33.92
N GLY D 216 11.83 5.28 33.22
CA GLY D 216 10.46 4.85 33.50
C GLY D 216 9.82 5.42 34.76
N ASN D 217 10.54 6.32 35.44
CA ASN D 217 10.07 6.84 36.71
C ASN D 217 9.03 7.92 36.51
N PRO D 218 7.83 7.72 37.07
CA PRO D 218 6.74 8.71 36.94
C PRO D 218 7.16 10.13 37.36
N LYS D 219 8.13 10.24 38.26
CA LYS D 219 8.54 11.56 38.75
C LYS D 219 9.20 12.42 37.68
N ASN D 220 9.66 11.78 36.60
CA ASN D 220 10.49 12.44 35.59
C ASN D 220 9.79 12.78 34.25
N VAL D 221 8.46 12.69 34.24
CA VAL D 221 7.65 12.87 33.02
C VAL D 221 7.97 14.12 32.19
N GLN D 222 8.15 13.90 30.89
CA GLN D 222 8.22 14.97 29.89
C GLN D 222 7.03 14.79 28.95
N TYR D 223 6.58 15.89 28.34
CA TYR D 223 5.35 15.89 27.57
C TYR D 223 5.55 16.21 26.10
N ALA D 224 4.82 15.51 25.25
CA ALA D 224 4.76 15.81 23.82
C ALA D 224 6.14 16.06 23.22
N LEU D 225 7.01 15.06 23.31
CA LEU D 225 8.34 15.15 22.70
C LEU D 225 8.34 14.47 21.34
N GLN D 226 8.89 15.15 20.32
CA GLN D 226 9.02 14.52 19.02
C GLN D 226 10.07 13.42 19.04
N SER D 227 11.09 13.58 19.87
CA SER D 227 12.20 12.63 19.90
C SER D 227 12.74 12.58 21.30
N TYR D 228 13.41 11.47 21.62
CA TYR D 228 13.99 11.35 22.94
C TYR D 228 15.31 10.61 22.85
N LEU D 229 16.35 11.17 23.51
CA LEU D 229 17.69 10.56 23.52
C LEU D 229 17.84 9.49 24.61
N ILE D 230 18.23 8.28 24.21
CA ILE D 230 18.48 7.19 25.14
C ILE D 230 19.93 6.79 24.91
N GLY D 231 20.81 7.11 25.86
CA GLY D 231 22.22 6.76 25.72
C GLY D 231 22.45 5.27 25.92
N ALA D 232 23.65 4.80 25.56
CA ALA D 232 23.98 3.39 25.72
C ALA D 232 23.85 3.04 27.21
N GLY D 233 23.14 1.96 27.49
CA GLY D 233 22.98 1.47 28.86
C GLY D 233 21.90 2.24 29.60
N ASP D 234 21.02 2.91 28.85
CA ASP D 234 19.89 3.62 29.43
C ASP D 234 18.54 3.02 28.97
N ALA D 235 17.47 3.42 29.63
CA ALA D 235 16.14 2.95 29.30
C ALA D 235 15.13 4.03 29.63
N ALA D 236 14.00 4.00 28.93
CA ALA D 236 12.89 4.93 29.15
C ALA D 236 11.54 4.33 28.76
N THR D 237 10.49 4.93 29.29
CA THR D 237 9.12 4.54 28.97
C THR D 237 8.55 5.68 28.14
N LEU D 238 8.02 5.35 26.96
CA LEU D 238 7.50 6.36 26.02
C LEU D 238 6.10 5.97 25.58
N ASP D 239 5.13 6.89 25.74
CA ASP D 239 3.75 6.61 25.39
C ASP D 239 3.39 7.20 24.04
N LEU D 240 2.56 6.48 23.29
CA LEU D 240 2.17 6.88 21.95
C LEU D 240 0.67 6.67 21.76
N ILE D 241 -0.02 7.68 21.25
CA ILE D 241 -1.45 7.58 20.92
C ILE D 241 -1.67 8.11 19.51
N SER D 242 -2.19 7.27 18.60
CA SER D 242 -2.53 7.76 17.25
C SER D 242 -4.01 8.12 17.19
N PRO D 243 -4.32 9.30 16.64
CA PRO D 243 -5.73 9.69 16.49
C PRO D 243 -6.40 9.03 15.26
N VAL D 244 -5.60 8.39 14.40
CA VAL D 244 -6.09 7.83 13.14
C VAL D 244 -5.64 6.40 12.86
N GLU D 245 -6.39 5.72 11.99
CA GLU D 245 -5.93 4.44 11.47
C GLU D 245 -4.76 4.70 10.53
N GLY D 246 -3.86 3.73 10.44
CA GLY D 246 -2.69 3.86 9.57
C GLY D 246 -1.48 3.32 10.29
N ALA D 247 -0.32 3.89 10.02
CA ALA D 247 0.91 3.46 10.68
C ALA D 247 1.73 4.60 11.26
N ASN D 248 2.50 4.29 12.30
CA ASN D 248 3.68 5.08 12.66
C ASN D 248 4.88 4.14 12.53
N ALA D 249 6.07 4.71 12.35
CA ALA D 249 7.28 3.93 12.32
C ALA D 249 8.20 4.49 13.39
N ILE D 250 8.41 3.72 14.45
CA ILE D 250 9.37 4.08 15.48
C ILE D 250 10.80 3.87 14.96
N VAL D 251 11.59 4.94 14.92
CA VAL D 251 12.94 4.88 14.35
C VAL D 251 13.95 5.48 15.30
N ASP D 252 15.19 5.00 15.19
CA ASP D 252 16.34 5.73 15.72
C ASP D 252 16.67 6.77 14.64
N HIS D 253 16.44 8.04 14.96
CA HIS D 253 16.48 9.12 13.96
C HIS D 253 17.87 9.55 13.53
N SER D 254 18.91 8.99 14.15
CA SER D 254 20.24 9.07 13.57
C SER D 254 20.16 8.15 12.36
N MET D 255 20.07 8.77 11.17
CA MET D 255 19.57 8.03 10.00
C MET D 255 20.38 6.81 9.58
N ARG D 256 21.70 6.86 9.71
CA ARG D 256 22.49 5.69 9.39
C ARG D 256 22.18 4.49 10.30
N HIS D 257 21.65 4.75 11.51
CA HIS D 257 21.11 3.69 12.38
C HIS D 257 19.81 3.12 11.83
N ALA D 258 18.87 4.00 11.48
CA ALA D 258 17.57 3.56 10.94
C ALA D 258 17.74 2.72 9.68
N HIS D 259 18.57 3.20 8.75
CA HIS D 259 18.77 2.50 7.48
C HIS D 259 19.49 1.18 7.63
N SER D 260 20.16 0.99 8.75
CA SER D 260 20.88 -0.27 8.98
C SER D 260 20.02 -1.26 9.78
N GLY D 261 18.76 -0.90 10.04
CA GLY D 261 17.84 -1.84 10.69
C GLY D 261 16.91 -1.34 11.78
N ALA D 262 17.15 -0.14 12.32
CA ALA D 262 16.45 0.32 13.53
C ALA D 262 15.17 1.08 13.22
N ILE D 263 14.20 0.35 12.65
CA ILE D 263 12.87 0.86 12.36
C ILE D 263 11.85 -0.20 12.77
N ALA D 264 10.86 0.20 13.56
CA ALA D 264 9.76 -0.69 13.90
C ALA D 264 8.40 -0.07 13.58
N VAL D 265 7.58 -0.81 12.84
CA VAL D 265 6.27 -0.31 12.43
C VAL D 265 5.22 -0.67 13.47
N ILE D 266 4.36 0.29 13.78
CA ILE D 266 3.17 0.04 14.58
C ILE D 266 1.95 0.39 13.72
N MET D 267 1.07 -0.59 13.55
CA MET D 267 -0.13 -0.42 12.73
C MET D 267 -1.32 -0.17 13.62
N PHE D 268 -2.04 0.92 13.36
CA PHE D 268 -3.24 1.27 14.11
C PHE D 268 -4.46 0.89 13.28
N THR D 269 -5.22 -0.10 13.76
CA THR D 269 -6.40 -0.59 13.03
C THR D 269 -7.53 -0.81 14.00
N ASN D 270 -8.76 -0.67 13.52
CA ASN D 270 -9.94 -0.86 14.36
C ASN D 270 -10.07 -2.31 14.87
N ASP D 271 -9.48 -3.25 14.14
CA ASP D 271 -9.54 -4.65 14.56
C ASP D 271 -8.16 -5.22 14.87
N ALA D 272 -7.35 -4.43 15.57
CA ALA D 272 -6.09 -4.93 16.11
C ALA D 272 -6.34 -6.13 17.02
N ASP D 273 -5.43 -7.11 16.94
CA ASP D 273 -5.50 -8.35 17.73
C ASP D 273 -5.62 -8.06 19.24
N PRO D 274 -6.71 -8.54 19.89
CA PRO D 274 -6.87 -8.30 21.34
C PRO D 274 -5.72 -8.81 22.21
N GLU D 275 -4.93 -9.74 21.70
CA GLU D 275 -3.84 -10.30 22.50
C GLU D 275 -2.54 -9.54 22.33
N ALA D 276 -2.48 -8.70 21.29
CA ALA D 276 -1.24 -7.99 20.94
C ALA D 276 -0.91 -6.92 21.97
N GLY D 277 0.37 -6.85 22.37
CA GLY D 277 0.80 -5.90 23.40
C GLY D 277 0.21 -6.14 24.79
N ARG D 278 -0.19 -7.38 25.05
CA ARG D 278 -0.75 -7.76 26.33
C ARG D 278 -0.18 -9.09 26.80
N GLY D 279 -0.16 -9.29 28.11
CA GLY D 279 0.27 -10.55 28.71
C GLY D 279 1.68 -10.93 28.29
N GLU D 280 1.83 -12.11 27.70
CA GLU D 280 3.16 -12.64 27.33
C GLU D 280 3.64 -12.22 25.95
N ASN D 281 2.90 -11.32 25.30
CA ASN D 281 3.21 -10.90 23.94
C ASN D 281 3.90 -9.56 23.85
N ILE D 282 4.29 -8.98 24.98
CA ILE D 282 4.80 -7.60 24.96
C ILE D 282 6.17 -7.47 24.27
N LEU D 283 7.01 -8.49 24.38
CA LEU D 283 8.20 -8.56 23.54
C LEU D 283 7.86 -9.53 22.41
N ILE D 284 7.63 -9.01 21.20
CA ILE D 284 7.18 -9.83 20.05
C ILE D 284 8.34 -10.63 19.49
N ARG D 285 8.19 -11.96 19.52
CA ARG D 285 9.27 -12.81 19.05
C ARG D 285 8.99 -13.44 17.69
N LYS E 1 -7.48 28.54 13.62
CA LYS E 1 -7.63 28.99 12.20
C LYS E 1 -7.08 27.97 11.23
N THR E 2 -7.46 28.11 9.95
CA THR E 2 -6.96 27.23 8.91
C THR E 2 -5.96 28.00 8.08
N VAL E 3 -4.80 27.39 7.85
CA VAL E 3 -3.74 28.00 7.07
C VAL E 3 -3.38 27.06 5.91
N GLN E 4 -3.10 27.66 4.76
CA GLN E 4 -2.68 26.92 3.58
C GLN E 4 -1.17 27.07 3.44
N VAL E 5 -0.49 25.92 3.30
CA VAL E 5 0.96 25.90 3.14
C VAL E 5 1.23 25.12 1.86
N THR E 6 1.85 25.77 0.88
CA THR E 6 2.23 25.08 -0.35
C THR E 6 3.74 25.17 -0.51
N LEU E 7 4.38 24.02 -0.71
CA LEU E 7 5.81 23.96 -0.92
C LEU E 7 6.16 23.17 -2.18
N HIS E 8 7.25 23.58 -2.83
CA HIS E 8 7.80 22.86 -3.98
C HIS E 8 9.00 22.05 -3.62
N ALA E 9 9.08 20.83 -4.16
CA ALA E 9 10.32 20.06 -4.13
C ALA E 9 11.16 20.49 -5.33
N VAL E 10 12.32 21.09 -5.06
CA VAL E 10 13.13 21.73 -6.09
C VAL E 10 14.58 21.26 -5.98
N GLU E 11 15.10 20.71 -7.09
CA GLU E 11 16.51 20.30 -7.16
C GLU E 11 17.31 21.39 -7.90
N THR E 12 18.28 22.00 -7.23
CA THR E 12 18.95 23.20 -7.74
C THR E 12 20.27 23.43 -7.01
N ASP E 13 21.22 24.10 -7.66
CA ASP E 13 22.48 24.47 -6.98
C ASP E 13 22.25 25.54 -5.93
N VAL E 14 22.79 25.32 -4.73
CA VAL E 14 22.81 26.35 -3.69
C VAL E 14 24.23 26.47 -3.11
N ALA E 15 24.54 27.62 -2.51
CA ALA E 15 25.85 27.85 -1.90
C ALA E 15 25.87 27.24 -0.50
N TYR E 16 27.02 26.74 -0.06
CA TYR E 16 27.12 26.21 1.30
C TYR E 16 28.29 26.78 2.12
N ASP E 17 29.00 27.74 1.55
CA ASP E 17 30.02 28.43 2.32
C ASP E 17 30.10 29.90 1.93
N ASN E 18 31.00 30.62 2.59
CA ASN E 18 31.08 32.06 2.45
C ASN E 18 31.88 32.52 1.24
N LYS E 19 32.54 31.60 0.56
CA LYS E 19 33.18 31.93 -0.72
C LYS E 19 32.28 31.62 -1.92
N GLY E 20 31.10 31.07 -1.66
CA GLY E 20 30.11 30.80 -2.70
C GLY E 20 30.20 29.43 -3.35
N SER E 21 30.93 28.50 -2.73
CA SER E 21 30.97 27.12 -3.22
C SER E 21 29.55 26.57 -3.26
N THR E 22 29.22 25.86 -4.33
CA THR E 22 27.86 25.34 -4.49
C THR E 22 27.83 23.82 -4.54
N TYR E 23 26.63 23.27 -4.36
CA TYR E 23 26.42 21.84 -4.59
C TYR E 23 25.02 21.66 -5.13
N ARG E 24 24.75 20.49 -5.69
CA ARG E 24 23.41 20.22 -6.22
C ARG E 24 22.52 19.78 -5.07
N ALA E 25 21.78 20.73 -4.54
CA ALA E 25 20.93 20.49 -3.39
C ALA E 25 19.56 19.92 -3.79
N TRP E 26 18.92 19.23 -2.85
CA TRP E 26 17.50 18.92 -2.99
C TRP E 26 16.83 19.72 -1.92
N THR E 27 15.76 20.42 -2.28
CA THR E 27 15.23 21.46 -1.41
C THR E 27 13.73 21.59 -1.42
N PHE E 28 13.24 22.30 -0.41
CA PHE E 28 11.92 22.89 -0.45
C PHE E 28 12.04 24.36 -0.86
N ASP E 29 11.33 24.73 -1.94
CA ASP E 29 11.27 26.12 -2.46
C ASP E 29 12.61 26.69 -2.94
N GLY E 30 13.57 25.82 -3.25
CA GLY E 30 14.84 26.22 -3.85
C GLY E 30 15.84 26.82 -2.89
N LYS E 31 15.64 26.63 -1.58
CA LYS E 31 16.54 27.19 -0.57
C LYS E 31 16.79 26.17 0.55
N VAL E 32 17.92 26.31 1.23
CA VAL E 32 18.27 25.47 2.37
C VAL E 32 18.60 26.39 3.57
N PRO E 33 17.93 26.17 4.72
CA PRO E 33 16.80 25.27 4.99
C PRO E 33 15.56 25.74 4.24
N GLY E 34 14.50 24.94 4.25
CA GLY E 34 13.25 25.33 3.60
C GLY E 34 12.62 26.50 4.32
N PRO E 35 11.50 27.02 3.79
CA PRO E 35 10.82 28.16 4.43
C PRO E 35 10.35 27.83 5.84
N VAL E 36 10.41 28.82 6.72
CA VAL E 36 9.87 28.70 8.06
C VAL E 36 8.35 28.61 7.93
N VAL E 37 7.77 27.62 8.58
CA VAL E 37 6.32 27.53 8.67
C VAL E 37 5.97 27.87 10.12
N ARG E 38 5.01 28.76 10.31
CA ARG E 38 4.62 29.14 11.65
C ARG E 38 3.11 29.19 11.77
N VAL E 39 2.57 28.44 12.72
CA VAL E 39 1.15 28.39 13.00
C VAL E 39 0.94 28.49 14.51
N THR E 40 -0.32 28.55 14.93
CA THR E 40 -0.67 28.49 16.35
C THR E 40 -1.16 27.10 16.73
N GLU E 41 -0.83 26.65 17.94
CA GLU E 41 -1.37 25.41 18.51
C GLU E 41 -2.86 25.31 18.26
N GLY E 42 -3.29 24.19 17.65
CA GLY E 42 -4.72 23.97 17.38
C GLY E 42 -5.15 24.33 15.98
N ASP E 43 -4.31 25.06 15.25
CA ASP E 43 -4.60 25.44 13.86
C ASP E 43 -4.66 24.21 12.95
N THR E 44 -5.43 24.34 11.88
CA THR E 44 -5.50 23.31 10.83
C THR E 44 -4.58 23.75 9.69
N VAL E 45 -3.68 22.86 9.29
CA VAL E 45 -2.73 23.16 8.23
C VAL E 45 -3.16 22.36 6.99
N GLU E 46 -3.50 23.05 5.92
CA GLU E 46 -3.81 22.41 4.64
C GLU E 46 -2.56 22.48 3.78
N PHE E 47 -1.88 21.35 3.67
CA PHE E 47 -0.55 21.29 3.08
C PHE E 47 -0.62 20.73 1.66
N THR E 48 0.20 21.31 0.79
CA THR E 48 0.36 20.85 -0.59
C THR E 48 1.83 20.75 -0.92
N LEU E 49 2.25 19.60 -1.46
CA LEU E 49 3.60 19.45 -1.99
C LEU E 49 3.52 19.31 -3.50
N ILE E 50 4.29 20.14 -4.21
CA ILE E 50 4.43 20.05 -5.66
C ILE E 50 5.87 19.65 -5.95
N ASN E 51 6.03 18.45 -6.51
CA ASN E 51 7.34 18.02 -6.97
C ASN E 51 7.53 18.54 -8.40
N ASP E 52 8.50 19.43 -8.58
CA ASP E 52 8.68 20.10 -9.86
C ASP E 52 9.00 19.10 -10.96
N LYS E 53 8.55 19.38 -12.18
CA LYS E 53 8.72 18.43 -13.29
C LYS E 53 10.17 18.14 -13.63
N ASN E 54 11.05 19.09 -13.38
CA ASN E 54 12.47 18.90 -13.67
C ASN E 54 13.25 18.19 -12.54
N SER E 55 12.58 17.81 -11.45
CA SER E 55 13.21 16.94 -10.45
C SER E 55 13.53 15.58 -11.07
N LYS E 56 14.62 14.98 -10.64
CA LYS E 56 15.02 13.65 -11.09
C LYS E 56 14.63 12.58 -10.08
N ASN E 57 14.15 13.01 -8.92
CA ASN E 57 13.80 12.10 -7.83
C ASN E 57 12.39 12.30 -7.28
N SER E 58 11.84 11.24 -6.70
CA SER E 58 10.59 11.35 -5.95
C SER E 58 10.88 12.00 -4.60
N HIS E 59 9.91 12.77 -4.09
CA HIS E 59 10.07 13.52 -2.83
C HIS E 59 8.81 13.45 -2.02
N SER E 60 8.91 13.84 -0.74
CA SER E 60 7.76 13.74 0.16
C SER E 60 7.86 14.77 1.26
N MET E 61 6.88 14.81 2.16
CA MET E 61 6.96 15.69 3.32
C MET E 61 6.51 15.02 4.59
N ASP E 62 7.34 15.16 5.62
CA ASP E 62 7.12 14.63 6.96
C ASP E 62 7.24 15.84 7.91
N PHE E 63 6.13 16.23 8.56
CA PHE E 63 6.17 17.27 9.62
C PHE E 63 6.16 16.57 10.98
N HIS E 64 7.11 16.91 11.87
CA HIS E 64 7.08 16.36 13.23
C HIS E 64 5.98 16.94 14.05
N ALA E 65 5.35 18.01 13.52
CA ALA E 65 4.17 18.59 14.19
C ALA E 65 2.86 17.86 13.85
N ALA E 66 2.94 16.88 12.95
CA ALA E 66 1.76 16.17 12.47
C ALA E 66 1.58 14.80 13.14
N ARG E 67 0.32 14.40 13.30
CA ARG E 67 -0.01 13.05 13.76
C ARG E 67 -0.91 12.45 12.68
N LEU E 68 -0.30 11.63 11.83
CA LEU E 68 -0.90 11.16 10.59
C LEU E 68 -0.59 9.69 10.34
N ASP E 69 -0.68 9.27 9.09
CA ASP E 69 -0.35 7.92 8.67
C ASP E 69 0.90 7.98 7.81
N VAL E 70 1.99 7.36 8.27
CA VAL E 70 3.24 7.41 7.53
C VAL E 70 3.09 6.89 6.10
N VAL E 71 2.27 5.85 5.92
CA VAL E 71 2.16 5.17 4.62
C VAL E 71 1.51 6.05 3.56
N GLU E 72 0.35 6.62 3.87
CA GLU E 72 -0.40 7.40 2.88
C GLU E 72 0.00 8.88 2.86
N ASP E 73 0.08 9.48 4.04
CA ASP E 73 0.32 10.92 4.14
C ASP E 73 1.75 11.33 3.78
N PHE E 74 2.73 10.53 4.21
CA PHE E 74 4.13 10.88 4.01
C PHE E 74 4.70 10.17 2.79
N GLU E 75 3.83 9.67 1.91
CA GLU E 75 4.27 8.95 0.71
C GLU E 75 5.06 9.84 -0.25
N SER E 76 5.99 9.22 -0.98
CA SER E 76 6.76 9.89 -2.04
C SER E 76 5.93 10.12 -3.29
N ILE E 77 6.17 11.23 -3.97
CA ILE E 77 5.46 11.55 -5.22
C ILE E 77 6.49 11.83 -6.31
N LYS E 78 6.14 11.47 -7.53
CA LYS E 78 7.01 11.60 -8.69
C LYS E 78 7.21 13.05 -9.11
N PRO E 79 8.32 13.32 -9.84
CA PRO E 79 8.46 14.61 -10.51
C PRO E 79 7.18 14.93 -11.33
N GLY E 80 6.61 16.10 -11.10
CA GLY E 80 5.43 16.51 -11.84
C GLY E 80 4.12 16.20 -11.17
N GLU E 81 4.17 15.46 -10.04
CA GLU E 81 3.00 15.18 -9.21
C GLU E 81 2.78 16.21 -8.11
N THR E 82 1.56 16.26 -7.61
CA THR E 82 1.16 17.15 -6.50
C THR E 82 0.39 16.33 -5.46
N LYS E 83 0.77 16.49 -4.19
CA LYS E 83 0.15 15.76 -3.07
C LYS E 83 -0.45 16.73 -2.08
N LYS E 84 -1.62 16.40 -1.54
CA LYS E 84 -2.25 17.23 -0.49
C LYS E 84 -2.54 16.42 0.77
N TYR E 85 -2.24 17.00 1.93
CA TYR E 85 -2.78 16.47 3.18
C TYR E 85 -3.05 17.57 4.21
N THR E 86 -3.90 17.24 5.17
CA THR E 86 -4.35 18.18 6.19
C THR E 86 -4.04 17.62 7.57
N PHE E 87 -3.50 18.45 8.47
CA PHE E 87 -3.31 18.04 9.86
C PHE E 87 -3.51 19.21 10.83
N THR E 88 -3.93 18.89 12.06
CA THR E 88 -3.99 19.90 13.10
C THR E 88 -2.68 19.89 13.88
N ALA E 89 -2.25 21.09 14.30
CA ALA E 89 -1.03 21.25 15.09
C ALA E 89 -1.40 21.11 16.56
N ASP E 90 -1.43 19.85 17.03
CA ASP E 90 -1.99 19.51 18.35
C ASP E 90 -1.13 19.95 19.53
N ASN E 91 0.17 20.08 19.32
CA ASN E 91 1.08 20.42 20.41
C ASN E 91 1.94 21.62 20.08
N PRO E 92 2.12 22.53 21.07
CA PRO E 92 2.93 23.71 20.85
C PRO E 92 4.42 23.38 20.89
N GLY E 93 5.23 24.22 20.25
CA GLY E 93 6.67 24.07 20.39
C GLY E 93 7.38 24.29 19.08
N VAL E 94 8.41 23.48 18.83
CA VAL E 94 9.25 23.65 17.64
C VAL E 94 9.55 22.26 17.10
N PHE E 95 9.39 22.10 15.80
CA PHE E 95 9.36 20.77 15.20
C PHE E 95 10.13 20.73 13.88
N PHE E 96 10.87 19.64 13.70
CA PHE E 96 11.61 19.32 12.47
C PHE E 96 10.59 18.99 11.38
N TYR E 97 10.83 19.47 10.16
CA TYR E 97 10.15 18.90 9.00
C TYR E 97 11.22 18.55 7.98
N HIS E 98 10.94 17.55 7.15
CA HIS E 98 11.91 17.08 6.14
C HIS E 98 11.25 16.19 5.13
N CYS E 99 11.92 15.98 4.00
CA CYS E 99 11.53 14.93 3.06
C CYS E 99 11.75 13.56 3.70
N GLY E 100 10.87 12.62 3.39
CA GLY E 100 10.96 11.29 3.98
C GLY E 100 11.17 10.25 2.90
N SER E 101 11.66 10.66 1.75
CA SER E 101 11.79 9.75 0.62
C SER E 101 13.04 8.92 0.73
N ASP E 102 13.05 7.83 -0.02
CA ASP E 102 14.13 6.83 0.03
C ASP E 102 15.39 7.28 -0.73
N PRO E 103 16.58 7.23 -0.09
CA PRO E 103 16.80 6.94 1.34
C PRO E 103 16.78 8.26 2.11
N MET E 104 16.08 8.27 3.23
CA MET E 104 15.89 9.51 3.98
C MET E 104 17.21 10.20 4.31
N ILE E 105 18.26 9.43 4.62
CA ILE E 105 19.55 10.02 4.98
C ILE E 105 20.02 11.03 3.90
N GLN E 106 19.84 10.66 2.63
CA GLN E 106 20.35 11.49 1.52
C GLN E 106 19.46 12.68 1.22
N HIS E 107 18.16 12.48 1.32
CA HIS E 107 17.21 13.59 1.11
C HIS E 107 17.40 14.66 2.13
N ILE E 108 17.59 14.26 3.39
CA ILE E 108 17.91 15.22 4.44
C ILE E 108 19.28 15.88 4.20
N ALA E 109 20.30 15.05 4.00
CA ALA E 109 21.66 15.54 3.78
C ALA E 109 21.77 16.54 2.61
N ARG E 110 20.96 16.34 1.57
CA ARG E 110 21.06 17.19 0.39
C ARG E 110 20.32 18.53 0.57
N GLY E 111 19.61 18.66 1.68
CA GLY E 111 19.00 19.95 2.03
C GLY E 111 17.50 20.01 2.25
N MET E 112 16.82 18.86 2.23
CA MET E 112 15.34 18.86 2.32
C MET E 112 14.86 18.86 3.77
N TYR E 113 15.09 19.98 4.45
CA TYR E 113 14.73 20.11 5.84
C TYR E 113 14.36 21.55 6.22
N GLY E 114 13.55 21.67 7.26
CA GLY E 114 13.11 22.97 7.76
C GLY E 114 12.51 22.85 9.15
N VAL E 115 11.93 23.96 9.61
CA VAL E 115 11.30 24.03 10.90
C VAL E 115 9.83 24.47 10.77
N ILE E 116 8.97 23.87 11.58
CA ILE E 116 7.63 24.42 11.80
C ILE E 116 7.52 24.81 13.27
N ILE E 117 7.18 26.07 13.49
CA ILE E 117 7.05 26.62 14.83
C ILE E 117 5.56 26.63 15.12
N VAL E 118 5.17 26.04 16.26
CA VAL E 118 3.76 26.00 16.68
C VAL E 118 3.63 26.83 17.97
N ASP E 119 3.16 28.07 17.82
CA ASP E 119 3.05 29.00 18.95
C ASP E 119 2.02 28.49 19.95
N PRO E 120 2.30 28.60 21.26
CA PRO E 120 1.31 28.18 22.26
C PRO E 120 0.00 28.97 22.15
N LYS E 121 -1.12 28.30 22.36
CA LYS E 121 -2.45 28.93 22.38
C LYS E 121 -2.56 29.84 23.60
N ASP E 122 -1.89 29.45 24.68
CA ASP E 122 -1.77 30.26 25.88
C ASP E 122 -0.61 31.24 25.70
N ALA E 123 -0.92 32.51 25.52
CA ALA E 123 0.10 33.54 25.31
C ALA E 123 0.94 33.83 26.57
N ASN E 124 0.52 33.27 27.71
CA ASN E 124 1.27 33.43 28.94
C ASN E 124 2.22 32.29 29.22
N ALA E 125 2.15 31.25 28.37
CA ALA E 125 2.92 30.02 28.60
C ALA E 125 4.44 30.22 28.54
N LEU E 126 4.92 31.01 27.59
CA LEU E 126 6.36 31.33 27.48
C LEU E 126 6.56 32.79 27.87
N PRO E 127 7.69 33.09 28.52
CA PRO E 127 8.06 34.51 28.71
C PRO E 127 8.20 35.23 27.37
N LYS E 128 7.86 36.52 27.35
CA LYS E 128 7.92 37.31 26.13
C LYS E 128 9.34 37.37 25.53
N ALA E 129 9.48 37.01 24.26
CA ALA E 129 10.77 37.09 23.57
C ALA E 129 10.93 38.44 22.88
N ASP E 130 12.10 39.05 23.00
CA ASP E 130 12.37 40.30 22.30
C ASP E 130 12.98 40.07 20.92
N ARG E 131 13.63 38.92 20.75
CA ARG E 131 14.18 38.50 19.46
C ARG E 131 13.89 37.01 19.30
N GLU E 132 13.72 36.57 18.05
CA GLU E 132 13.63 35.13 17.72
C GLU E 132 14.56 34.83 16.55
N TYR E 133 15.31 33.72 16.65
CA TYR E 133 16.18 33.26 15.58
C TYR E 133 16.05 31.74 15.41
N VAL E 134 15.99 31.31 14.15
CA VAL E 134 16.01 29.89 13.80
C VAL E 134 17.42 29.48 13.44
N LEU E 135 17.88 28.37 14.02
CA LEU E 135 19.16 27.77 13.67
C LEU E 135 18.91 26.30 13.48
N ILE E 136 19.23 25.79 12.29
CA ILE E 136 19.07 24.36 12.00
C ILE E 136 20.45 23.77 11.71
N GLN E 137 20.87 22.82 12.54
CA GLN E 137 22.13 22.14 12.33
C GLN E 137 21.96 20.99 11.34
N ALA E 138 22.93 20.83 10.43
CA ALA E 138 22.99 19.64 9.59
C ALA E 138 24.44 19.32 9.26
N GLU E 139 24.69 18.08 8.84
CA GLU E 139 26.00 17.73 8.30
C GLU E 139 26.01 18.04 6.83
N HIS E 140 27.16 18.47 6.32
CA HIS E 140 27.35 18.65 4.88
C HIS E 140 28.31 17.60 4.39
N TYR E 141 27.92 16.90 3.33
CA TYR E 141 28.70 15.81 2.76
C TYR E 141 29.30 16.30 1.44
N GLU E 142 30.58 16.00 1.20
CA GLU E 142 31.29 16.54 0.04
C GLU E 142 30.57 16.17 -1.26
N ASN E 143 30.29 14.88 -1.42
CA ASN E 143 29.65 14.39 -2.63
C ASN E 143 28.20 14.02 -2.35
N PRO E 144 27.24 14.82 -2.85
CA PRO E 144 25.83 14.59 -2.46
C PRO E 144 25.27 13.28 -3.03
N ASP E 145 25.92 12.73 -4.06
CA ASP E 145 25.51 11.46 -4.66
C ASP E 145 26.02 10.23 -3.90
N ASP E 146 27.01 10.43 -3.03
CA ASP E 146 27.65 9.30 -2.36
C ASP E 146 26.93 8.89 -1.06
N LYS E 147 26.00 7.94 -1.17
CA LYS E 147 25.20 7.52 -0.01
C LYS E 147 26.02 6.68 0.96
N THR E 148 27.03 5.99 0.44
CA THR E 148 27.97 5.25 1.28
C THR E 148 28.65 6.14 2.32
N ALA E 149 29.16 7.29 1.89
CA ALA E 149 29.84 8.19 2.83
C ALA E 149 28.87 8.68 3.91
N MET E 150 27.61 8.94 3.52
CA MET E 150 26.58 9.35 4.49
C MET E 150 26.32 8.24 5.50
N MET E 151 26.19 7.00 5.01
CA MET E 151 25.98 5.85 5.88
C MET E 151 27.13 5.64 6.86
N GLN E 152 28.33 6.07 6.44
CA GLN E 152 29.56 5.93 7.22
C GLN E 152 29.87 7.16 8.08
N ASN E 153 28.95 8.13 8.06
CA ASN E 153 29.08 9.36 8.85
C ASN E 153 30.33 10.17 8.47
N LYS E 154 30.74 10.11 7.20
CA LYS E 154 31.95 10.79 6.75
C LYS E 154 31.60 12.16 6.14
N TRP E 155 31.10 13.06 6.99
CA TRP E 155 30.78 14.41 6.60
C TRP E 155 31.99 15.29 6.45
N SER E 156 31.84 16.36 5.70
CA SER E 156 32.91 17.32 5.51
CA SER E 156 32.90 17.34 5.48
C SER E 156 32.79 18.48 6.49
N ASN E 157 31.57 18.88 6.79
CA ASN E 157 31.30 20.02 7.69
C ASN E 157 30.02 19.80 8.48
N VAL E 158 29.92 20.47 9.63
CA VAL E 158 28.67 20.55 10.39
C VAL E 158 28.30 22.02 10.32
N VAL E 159 27.07 22.33 9.94
CA VAL E 159 26.72 23.70 9.56
C VAL E 159 25.42 24.14 10.23
N PHE E 160 25.22 25.45 10.35
CA PHE E 160 23.93 26.00 10.80
C PHE E 160 23.29 26.68 9.61
N ASN E 161 22.00 26.42 9.40
CA ASN E 161 21.23 26.97 8.29
C ASN E 161 21.94 26.86 6.93
N GLY E 162 22.58 25.71 6.73
CA GLY E 162 23.09 25.33 5.41
C GLY E 162 24.45 25.87 5.01
N GLY E 163 25.11 26.62 5.88
CA GLY E 163 26.37 27.27 5.49
C GLY E 163 27.49 27.14 6.51
N VAL E 164 28.69 26.82 6.03
CA VAL E 164 29.88 26.74 6.89
C VAL E 164 30.20 28.10 7.51
N PHE E 165 30.20 28.20 8.85
CA PHE E 165 30.43 29.48 9.52
C PHE E 165 29.62 30.61 8.90
N LYS E 166 28.37 30.32 8.53
CA LYS E 166 27.48 31.33 7.96
C LYS E 166 27.38 32.57 8.88
N TYR E 167 27.31 32.36 10.19
CA TYR E 167 27.12 33.46 11.13
C TYR E 167 28.35 33.74 12.00
N ASP E 168 29.54 33.47 11.46
CA ASP E 168 30.76 33.63 12.25
C ASP E 168 31.81 34.52 11.59
N PRO E 169 31.63 35.85 11.70
CA PRO E 169 32.62 36.76 11.12
C PRO E 169 33.93 36.81 11.92
N VAL E 170 33.92 36.27 13.15
CA VAL E 170 35.13 36.16 13.98
C VAL E 170 36.14 35.17 13.37
N HIS E 171 35.67 33.96 13.02
CA HIS E 171 36.53 32.89 12.47
C HIS E 171 36.60 32.86 10.96
N ASP E 172 35.74 33.62 10.27
CA ASP E 172 35.75 33.69 8.81
C ASP E 172 35.43 35.11 8.36
N SER E 173 36.45 35.83 7.89
CA SER E 173 36.27 37.23 7.49
C SER E 173 35.26 37.39 6.35
N GLU E 174 34.95 36.29 5.65
CA GLU E 174 34.01 36.37 4.53
C GLU E 174 32.55 36.19 4.95
N ALA E 175 32.32 35.88 6.22
CA ALA E 175 30.96 35.80 6.74
C ALA E 175 30.32 37.20 6.80
N THR E 176 29.07 37.30 6.36
CA THR E 176 28.36 38.57 6.23
C THR E 176 27.08 38.62 7.07
N SER E 177 26.81 37.56 7.85
CA SER E 177 25.61 37.49 8.69
C SER E 177 25.95 37.17 10.15
N TRP E 178 25.11 37.65 11.07
CA TRP E 178 25.20 37.27 12.48
C TRP E 178 23.90 37.63 13.15
N LEU E 179 23.70 37.11 14.36
CA LEU E 179 22.49 37.38 15.11
C LEU E 179 22.70 38.67 15.88
N GLN E 180 21.62 39.41 16.16
CA GLN E 180 21.71 40.68 16.87
C GLN E 180 20.72 40.77 18.00
N ALA E 181 21.13 41.40 19.09
CA ALA E 181 20.22 41.69 20.21
C ALA E 181 20.78 42.86 20.99
N LYS E 182 19.96 43.40 21.90
CA LYS E 182 20.46 44.38 22.87
C LYS E 182 20.68 43.65 24.18
N PRO E 183 21.65 44.12 25.01
CA PRO E 183 21.77 43.57 26.37
C PRO E 183 20.44 43.65 27.10
N GLY E 184 20.13 42.61 27.86
CA GLY E 184 18.89 42.58 28.64
C GLY E 184 17.70 42.00 27.91
N GLU E 185 17.78 41.89 26.58
CA GLU E 185 16.67 41.30 25.79
C GLU E 185 16.61 39.79 25.92
N ARG E 186 15.41 39.23 25.91
CA ARG E 186 15.30 37.77 25.87
C ARG E 186 15.33 37.37 24.40
N VAL E 187 16.38 36.63 24.04
CA VAL E 187 16.57 36.09 22.69
C VAL E 187 16.19 34.61 22.71
N ARG E 188 15.21 34.26 21.89
CA ARG E 188 14.68 32.90 21.80
C ARG E 188 15.19 32.21 20.55
N ILE E 189 15.93 31.13 20.73
CA ILE E 189 16.47 30.34 19.62
C ILE E 189 15.58 29.13 19.40
N TYR E 190 15.06 29.01 18.17
CA TYR E 190 14.34 27.81 17.75
C TYR E 190 15.37 26.96 17.04
N PHE E 191 15.78 25.90 17.71
CA PHE E 191 16.88 25.05 17.23
C PHE E 191 16.36 23.70 16.79
N VAL E 192 16.76 23.29 15.58
CA VAL E 192 16.43 21.98 15.06
C VAL E 192 17.74 21.31 14.67
N ASN E 193 17.94 20.06 15.11
CA ASN E 193 19.07 19.30 14.63
C ASN E 193 18.57 18.34 13.55
N ALA E 194 18.82 18.71 12.29
CA ALA E 194 18.38 17.89 11.16
C ALA E 194 19.22 16.62 10.97
N GLY E 195 20.45 16.61 11.48
CA GLY E 195 21.36 15.49 11.25
C GLY E 195 21.86 15.52 9.81
N PRO E 196 21.74 14.40 9.07
CA PRO E 196 20.96 13.21 9.36
C PRO E 196 21.44 12.33 10.51
N ASN E 197 22.73 12.40 10.87
CA ASN E 197 23.33 11.44 11.81
C ASN E 197 23.74 11.95 13.19
N GLU E 198 24.26 13.18 13.24
CA GLU E 198 25.00 13.66 14.40
C GLU E 198 24.13 14.28 15.48
N LEU E 199 24.62 14.25 16.72
CA LEU E 199 23.98 14.98 17.83
C LEU E 199 24.62 16.34 18.00
N SER E 200 23.90 17.27 18.63
CA SER E 200 24.48 18.57 18.89
C SER E 200 24.49 18.81 20.39
N SER E 201 25.62 19.31 20.90
CA SER E 201 25.71 19.72 22.30
C SER E 201 25.82 21.25 22.36
N LEU E 202 24.67 21.93 22.43
CA LEU E 202 24.61 23.37 22.12
C LEU E 202 24.90 24.25 23.33
N HIS E 203 25.85 25.16 23.18
CA HIS E 203 26.32 26.04 24.25
C HIS E 203 26.53 27.44 23.72
N PRO E 204 26.07 28.48 24.46
CA PRO E 204 26.40 29.87 24.11
C PRO E 204 27.69 30.28 24.81
N ILE E 205 28.77 30.39 24.06
CA ILE E 205 30.07 30.78 24.66
C ILE E 205 29.95 32.17 25.25
N ALA E 206 30.34 32.28 26.52
CA ALA E 206 30.21 33.51 27.35
C ALA E 206 28.79 33.83 27.79
N GLY E 207 27.89 32.86 27.66
CA GLY E 207 26.54 32.98 28.19
C GLY E 207 26.05 31.69 28.83
N ILE E 208 24.75 31.62 29.09
CA ILE E 208 24.11 30.42 29.66
C ILE E 208 22.70 30.41 29.05
N TRP E 209 22.07 29.24 28.91
CA TRP E 209 20.67 29.20 28.48
C TRP E 209 19.79 29.54 29.64
N ASP E 210 19.08 30.66 29.55
CA ASP E 210 18.21 31.05 30.66
C ASP E 210 17.17 29.95 30.93
N ARG E 211 16.58 29.46 29.84
CA ARG E 211 15.57 28.42 29.89
C ARG E 211 15.72 27.57 28.64
N VAL E 212 15.45 26.28 28.76
CA VAL E 212 15.38 25.40 27.59
C VAL E 212 14.10 24.61 27.65
N TYR E 213 13.43 24.48 26.51
CA TYR E 213 12.20 23.71 26.40
C TYR E 213 12.37 22.58 25.38
N PRO E 214 12.52 21.33 25.85
CA PRO E 214 12.47 20.15 24.95
C PRO E 214 11.22 20.16 24.03
N SER E 215 11.47 20.03 22.72
CA SER E 215 10.44 20.13 21.67
C SER E 215 9.65 21.44 21.73
N GLY E 216 10.22 22.45 22.40
CA GLY E 216 9.57 23.75 22.51
C GLY E 216 8.38 23.79 23.45
N ASN E 217 8.06 22.67 24.11
CA ASN E 217 6.87 22.63 24.96
C ASN E 217 7.09 23.30 26.32
N PRO E 218 6.26 24.32 26.66
CA PRO E 218 6.38 25.02 27.95
C PRO E 218 6.40 24.10 29.17
N LYS E 219 5.69 22.97 29.10
CA LYS E 219 5.63 22.00 30.21
C LYS E 219 6.97 21.37 30.58
N ASN E 220 7.94 21.40 29.65
CA ASN E 220 9.21 20.70 29.86
C ASN E 220 10.37 21.59 30.29
N VAL E 221 10.05 22.82 30.70
CA VAL E 221 11.10 23.82 31.02
C VAL E 221 12.23 23.35 31.93
N GLN E 222 13.45 23.67 31.51
CA GLN E 222 14.67 23.47 32.27
C GLN E 222 15.30 24.84 32.42
N TYR E 223 16.02 25.04 33.54
CA TYR E 223 16.57 26.35 33.87
C TYR E 223 18.08 26.39 33.89
N ALA E 224 18.63 27.50 33.40
CA ALA E 224 20.04 27.85 33.60
C ALA E 224 20.99 26.69 33.20
N LEU E 225 20.85 26.24 31.96
CA LEU E 225 21.65 25.15 31.42
C LEU E 225 22.83 25.72 30.64
N GLN E 226 24.02 25.21 30.92
CA GLN E 226 25.19 25.68 30.18
C GLN E 226 25.16 25.11 28.78
N SER E 227 24.63 23.89 28.67
CA SER E 227 24.56 23.16 27.41
C SER E 227 23.31 22.29 27.34
N TYR E 228 22.91 21.93 26.13
CA TYR E 228 21.75 21.09 25.97
C TYR E 228 21.94 20.13 24.80
N LEU E 229 21.67 18.84 25.02
CA LEU E 229 21.84 17.84 23.95
C LEU E 229 20.62 17.76 23.05
N ILE E 230 20.82 17.99 21.76
CA ILE E 230 19.75 17.82 20.77
C ILE E 230 20.16 16.69 19.82
N GLY E 231 19.46 15.56 19.92
CA GLY E 231 19.72 14.40 19.06
C GLY E 231 19.33 14.68 17.61
N ALA E 232 19.80 13.82 16.71
CA ALA E 232 19.38 13.88 15.31
C ALA E 232 17.86 13.74 15.26
N GLY E 233 17.20 14.64 14.55
CA GLY E 233 15.76 14.57 14.40
C GLY E 233 15.01 15.18 15.56
N ASP E 234 15.71 15.91 16.42
CA ASP E 234 15.07 16.56 17.56
C ASP E 234 15.15 18.09 17.41
N ALA E 235 14.45 18.79 18.30
CA ALA E 235 14.38 20.25 18.24
C ALA E 235 14.07 20.76 19.64
N ALA E 236 14.51 21.97 19.93
CA ALA E 236 14.25 22.61 21.23
C ALA E 236 14.26 24.12 21.08
N THR E 237 13.57 24.77 22.02
CA THR E 237 13.62 26.23 22.17
C THR E 237 14.56 26.60 23.33
N LEU E 238 15.48 27.52 23.08
CA LEU E 238 16.46 27.91 24.08
C LEU E 238 16.52 29.43 24.18
N ASP E 239 16.43 29.95 25.40
CA ASP E 239 16.38 31.42 25.62
C ASP E 239 17.73 31.90 26.16
N LEU E 240 18.15 33.08 25.69
CA LEU E 240 19.47 33.64 26.02
C LEU E 240 19.34 35.15 26.28
N ILE E 241 19.94 35.59 27.38
CA ILE E 241 19.95 36.99 27.78
C ILE E 241 21.37 37.36 28.16
N SER E 242 21.90 38.40 27.54
CA SER E 242 23.21 38.90 27.89
C SER E 242 23.09 40.14 28.76
N PRO E 243 23.80 40.15 29.89
CA PRO E 243 23.77 41.35 30.73
C PRO E 243 24.66 42.47 30.20
N VAL E 244 25.49 42.18 29.20
CA VAL E 244 26.50 43.13 28.70
C VAL E 244 26.51 43.27 27.19
N GLU E 245 27.07 44.37 26.71
CA GLU E 245 27.40 44.51 25.31
C GLU E 245 28.55 43.57 24.98
N GLY E 246 28.62 43.17 23.72
CA GLY E 246 29.65 42.25 23.29
C GLY E 246 29.05 41.13 22.46
N ALA E 247 29.59 39.93 22.64
CA ALA E 247 29.21 38.78 21.81
C ALA E 247 29.15 37.49 22.61
N ASN E 248 28.21 36.62 22.22
CA ASN E 248 28.27 35.21 22.59
C ASN E 248 28.45 34.42 21.28
N ALA E 249 29.04 33.23 21.36
CA ALA E 249 29.12 32.35 20.20
C ALA E 249 28.39 31.05 20.49
N ILE E 250 27.29 30.83 19.76
CA ILE E 250 26.50 29.61 19.90
C ILE E 250 27.23 28.50 19.14
N VAL E 251 27.62 27.45 19.86
CA VAL E 251 28.44 26.39 19.27
C VAL E 251 27.86 25.02 19.56
N ASP E 252 28.11 24.08 18.65
CA ASP E 252 28.00 22.66 18.99
C ASP E 252 29.31 22.34 19.73
N HIS E 253 29.22 22.08 21.02
CA HIS E 253 30.42 21.93 21.86
C HIS E 253 31.17 20.63 21.69
N SER E 254 30.69 19.73 20.82
CA SER E 254 31.56 18.64 20.35
C SER E 254 32.52 19.33 19.39
N MET E 255 33.76 19.50 19.82
CA MET E 255 34.60 20.53 19.20
C MET E 255 34.88 20.30 17.72
N ARG E 256 34.95 19.02 17.32
CA ARG E 256 35.17 18.70 15.91
C ARG E 256 34.01 19.21 15.04
N HIS E 257 32.80 19.26 15.60
CA HIS E 257 31.65 19.89 14.93
C HIS E 257 31.85 21.38 14.82
N ALA E 258 32.11 22.03 15.96
CA ALA E 258 32.35 23.49 16.02
C ALA E 258 33.41 23.94 15.01
N HIS E 259 34.57 23.25 15.01
CA HIS E 259 35.68 23.60 14.10
C HIS E 259 35.41 23.38 12.65
N SER E 260 34.41 22.54 12.35
CA SER E 260 34.07 22.25 10.96
C SER E 260 32.95 23.15 10.43
N GLY E 261 32.46 24.09 11.25
CA GLY E 261 31.49 25.06 10.75
C GLY E 261 30.37 25.49 11.68
N ALA E 262 30.21 24.77 12.78
CA ALA E 262 29.04 24.92 13.66
C ALA E 262 29.26 25.94 14.78
N ILE E 263 29.51 27.20 14.39
CA ILE E 263 29.58 28.33 15.33
C ILE E 263 28.74 29.49 14.77
N ALA E 264 27.87 30.07 15.61
CA ALA E 264 27.05 31.21 15.23
C ALA E 264 27.22 32.34 16.23
N VAL E 265 27.68 33.49 15.76
CA VAL E 265 27.93 34.64 16.63
C VAL E 265 26.65 35.46 16.83
N ILE E 266 26.38 35.84 18.08
CA ILE E 266 25.33 36.80 18.37
C ILE E 266 25.94 38.05 19.00
N MET E 267 25.66 39.21 18.40
CA MET E 267 26.20 40.49 18.86
C MET E 267 25.15 41.24 19.68
N PHE E 268 25.56 41.63 20.89
CA PHE E 268 24.72 42.37 21.80
C PHE E 268 25.21 43.80 21.79
N THR E 269 24.41 44.69 21.22
CA THR E 269 24.79 46.10 21.13
C THR E 269 23.58 46.97 21.44
N ASN E 270 23.84 48.17 21.91
CA ASN E 270 22.75 49.09 22.20
C ASN E 270 22.02 49.59 20.93
N ASP E 271 22.68 49.50 19.78
CA ASP E 271 22.02 49.92 18.54
C ASP E 271 21.73 48.77 17.56
N ALA E 272 21.28 47.64 18.12
CA ALA E 272 20.89 46.50 17.31
C ALA E 272 19.76 46.90 16.36
N ASP E 273 19.83 46.37 15.14
CA ASP E 273 18.82 46.60 14.11
C ASP E 273 17.43 46.22 14.63
N PRO E 274 16.49 47.20 14.64
CA PRO E 274 15.10 46.94 15.06
C PRO E 274 14.41 45.80 14.32
N GLU E 275 14.85 45.52 13.09
CA GLU E 275 14.25 44.48 12.26
C GLU E 275 14.86 43.10 12.48
N ALA E 276 16.04 43.05 13.10
CA ALA E 276 16.73 41.77 13.36
C ALA E 276 15.97 40.89 14.36
N GLY E 277 15.83 39.61 14.02
CA GLY E 277 15.14 38.65 14.89
C GLY E 277 13.64 38.88 15.06
N ARG E 278 13.05 39.55 14.08
CA ARG E 278 11.64 39.90 14.11
C ARG E 278 11.02 39.75 12.73
N GLY E 279 9.71 39.54 12.69
CA GLY E 279 8.97 39.30 11.46
C GLY E 279 9.51 38.18 10.59
N GLU E 280 9.82 38.53 9.35
CA GLU E 280 10.22 37.59 8.30
C GLU E 280 11.71 37.28 8.35
N ASN E 281 12.38 37.84 9.35
CA ASN E 281 13.83 37.85 9.44
C ASN E 281 14.41 36.81 10.39
N ILE E 282 13.56 35.95 10.97
CA ILE E 282 14.03 35.07 12.05
C ILE E 282 15.01 33.99 11.59
N LEU E 283 14.89 33.54 10.34
CA LEU E 283 15.92 32.68 9.76
C LEU E 283 16.71 33.58 8.83
N ILE E 284 17.93 33.95 9.24
CA ILE E 284 18.74 34.91 8.50
C ILE E 284 19.35 34.23 7.28
N ARG E 285 19.03 34.73 6.10
CA ARG E 285 19.53 34.10 4.89
C ARG E 285 20.71 34.83 4.24
N LYS F 1 -28.65 -18.87 -58.66
CA LYS F 1 -30.02 -18.87 -59.22
C LYS F 1 -30.87 -17.76 -58.59
N THR F 2 -31.99 -17.46 -59.24
CA THR F 2 -32.95 -16.48 -58.72
C THR F 2 -34.15 -17.22 -58.13
N VAL F 3 -34.52 -16.86 -56.90
CA VAL F 3 -35.64 -17.52 -56.22
C VAL F 3 -36.66 -16.48 -55.76
N GLN F 4 -37.94 -16.82 -55.88
CA GLN F 4 -39.00 -15.94 -55.43
C GLN F 4 -39.50 -16.36 -54.05
N VAL F 5 -39.50 -15.40 -53.13
CA VAL F 5 -40.00 -15.62 -51.78
C VAL F 5 -41.12 -14.62 -51.48
N THR F 6 -42.32 -15.15 -51.24
CA THR F 6 -43.46 -14.30 -50.89
C THR F 6 -44.02 -14.72 -49.54
N LEU F 7 -44.17 -13.74 -48.64
CA LEU F 7 -44.78 -13.98 -47.35
C LEU F 7 -45.92 -13.00 -47.10
N HIS F 8 -46.87 -13.41 -46.27
CA HIS F 8 -47.99 -12.59 -45.87
C HIS F 8 -47.85 -12.20 -44.43
N ALA F 9 -48.15 -10.94 -44.14
CA ALA F 9 -48.27 -10.51 -42.75
C ALA F 9 -49.69 -10.80 -42.28
N VAL F 10 -49.80 -11.75 -41.34
CA VAL F 10 -51.08 -12.25 -40.86
C VAL F 10 -51.18 -12.08 -39.34
N GLU F 11 -52.28 -11.47 -38.90
CA GLU F 11 -52.58 -11.32 -37.49
C GLU F 11 -53.67 -12.31 -37.12
N THR F 12 -53.32 -13.28 -36.27
CA THR F 12 -54.22 -14.41 -35.98
C THR F 12 -53.87 -15.04 -34.64
N ASP F 13 -54.85 -15.72 -34.04
CA ASP F 13 -54.62 -16.50 -32.82
C ASP F 13 -53.73 -17.72 -33.10
N VAL F 14 -52.73 -17.97 -32.24
CA VAL F 14 -51.92 -19.20 -32.32
C VAL F 14 -51.64 -19.76 -30.93
N ALA F 15 -51.41 -21.07 -30.85
CA ALA F 15 -51.04 -21.74 -29.59
C ALA F 15 -49.59 -21.44 -29.21
N TYR F 16 -49.34 -21.25 -27.91
CA TYR F 16 -47.96 -21.04 -27.42
C TYR F 16 -47.55 -22.02 -26.30
N ASP F 17 -48.43 -22.94 -25.96
CA ASP F 17 -48.08 -24.00 -25.00
C ASP F 17 -48.80 -25.31 -25.34
N ASN F 18 -48.47 -26.36 -24.61
CA ASN F 18 -48.94 -27.69 -24.94
C ASN F 18 -50.38 -27.98 -24.49
N LYS F 19 -50.95 -27.05 -23.72
CA LYS F 19 -52.34 -27.18 -23.28
C LYS F 19 -53.30 -26.36 -24.15
N GLY F 20 -52.76 -25.74 -25.19
CA GLY F 20 -53.57 -25.03 -26.16
C GLY F 20 -53.89 -23.57 -25.85
N SER F 21 -53.21 -22.98 -24.86
CA SER F 21 -53.35 -21.55 -24.60
C SER F 21 -53.01 -20.81 -25.89
N THR F 22 -53.82 -19.81 -26.25
CA THR F 22 -53.58 -19.02 -27.45
C THR F 22 -53.31 -17.55 -27.12
N TYR F 23 -52.75 -16.82 -28.08
CA TYR F 23 -52.64 -15.36 -27.97
C TYR F 23 -52.80 -14.75 -29.36
N ARG F 24 -53.13 -13.46 -29.44
CA ARG F 24 -53.23 -12.79 -30.74
C ARG F 24 -51.83 -12.47 -31.26
N ALA F 25 -51.36 -13.35 -32.13
CA ALA F 25 -50.02 -13.26 -32.69
C ALA F 25 -49.99 -12.38 -33.93
N TRP F 26 -48.83 -11.80 -34.21
CA TRP F 26 -48.58 -11.16 -35.49
C TRP F 26 -47.58 -12.04 -36.13
N THR F 27 -47.81 -12.43 -37.39
CA THR F 27 -47.04 -13.52 -37.99
C THR F 27 -46.69 -13.30 -39.45
N PHE F 28 -45.74 -14.10 -39.94
CA PHE F 28 -45.57 -14.31 -41.37
C PHE F 28 -46.22 -15.64 -41.71
N ASP F 29 -47.20 -15.60 -42.62
CA ASP F 29 -47.90 -16.78 -43.11
C ASP F 29 -48.75 -17.54 -42.08
N GLY F 30 -49.15 -16.84 -41.02
CA GLY F 30 -50.12 -17.37 -40.08
C GLY F 30 -49.56 -18.37 -39.08
N LYS F 31 -48.24 -18.52 -39.03
CA LYS F 31 -47.60 -19.42 -38.08
C LYS F 31 -46.43 -18.74 -37.37
N VAL F 32 -46.09 -19.25 -36.18
CA VAL F 32 -44.92 -18.78 -35.41
C VAL F 32 -44.00 -20.00 -35.14
N PRO F 33 -42.71 -19.92 -35.50
CA PRO F 33 -42.05 -18.86 -36.26
C PRO F 33 -42.55 -18.86 -37.72
N GLY F 34 -42.11 -17.89 -38.51
CA GLY F 34 -42.43 -17.83 -39.94
C GLY F 34 -41.85 -19.02 -40.69
N PRO F 35 -42.16 -19.13 -41.99
CA PRO F 35 -41.65 -20.26 -42.76
C PRO F 35 -40.13 -20.20 -42.88
N VAL F 36 -39.47 -21.36 -42.86
CA VAL F 36 -38.03 -21.41 -43.12
C VAL F 36 -37.79 -20.97 -44.56
N VAL F 37 -36.88 -20.01 -44.74
CA VAL F 37 -36.43 -19.61 -46.08
C VAL F 37 -35.03 -20.20 -46.28
N ARG F 38 -34.82 -20.86 -47.42
CA ARG F 38 -33.54 -21.49 -47.69
C ARG F 38 -33.07 -21.24 -49.12
N VAL F 39 -31.87 -20.71 -49.25
CA VAL F 39 -31.25 -20.36 -50.53
C VAL F 39 -29.78 -20.76 -50.46
N THR F 40 -29.07 -20.58 -51.58
CA THR F 40 -27.64 -20.85 -51.63
C THR F 40 -26.88 -19.52 -51.73
N GLU F 41 -25.71 -19.45 -51.09
CA GLU F 41 -24.81 -18.30 -51.18
C GLU F 41 -24.66 -17.87 -52.63
N GLY F 42 -24.87 -16.58 -52.89
CA GLY F 42 -24.81 -16.03 -54.26
C GLY F 42 -26.15 -15.93 -54.96
N ASP F 43 -27.19 -16.56 -54.41
CA ASP F 43 -28.52 -16.51 -55.03
C ASP F 43 -29.14 -15.13 -54.98
N THR F 44 -29.99 -14.86 -55.97
CA THR F 44 -30.80 -13.66 -55.98
C THR F 44 -32.20 -13.94 -55.44
N VAL F 45 -32.54 -13.23 -54.36
CA VAL F 45 -33.84 -13.40 -53.73
C VAL F 45 -34.75 -12.26 -54.15
N GLU F 46 -35.79 -12.60 -54.91
CA GLU F 46 -36.82 -11.63 -55.26
C GLU F 46 -37.92 -11.78 -54.23
N PHE F 47 -37.95 -10.82 -53.29
CA PHE F 47 -38.86 -10.89 -52.14
C PHE F 47 -40.12 -10.03 -52.28
N THR F 48 -41.24 -10.57 -51.80
CA THR F 48 -42.52 -9.87 -51.72
C THR F 48 -43.14 -10.08 -50.35
N LEU F 49 -43.55 -9.00 -49.71
CA LEU F 49 -44.36 -9.08 -48.51
C LEU F 49 -45.72 -8.49 -48.83
N ILE F 50 -46.78 -9.26 -48.52
CA ILE F 50 -48.16 -8.77 -48.66
C ILE F 50 -48.74 -8.63 -47.26
N ASN F 51 -49.13 -7.41 -46.88
CA ASN F 51 -49.83 -7.21 -45.63
C ASN F 51 -51.33 -7.46 -45.82
N ASP F 52 -51.86 -8.48 -45.16
CA ASP F 52 -53.27 -8.85 -45.36
C ASP F 52 -54.23 -7.70 -45.07
N LYS F 53 -55.34 -7.68 -45.81
CA LYS F 53 -56.30 -6.59 -45.72
C LYS F 53 -56.93 -6.48 -44.32
N ASN F 54 -57.05 -7.60 -43.61
CA ASN F 54 -57.66 -7.58 -42.29
C ASN F 54 -56.65 -7.32 -41.15
N SER F 55 -55.38 -7.06 -41.49
CA SER F 55 -54.42 -6.63 -40.50
C SER F 55 -54.83 -5.28 -39.92
N LYS F 56 -54.49 -5.04 -38.65
CA LYS F 56 -54.81 -3.78 -37.98
C LYS F 56 -53.57 -2.91 -37.84
N ASN F 57 -52.42 -3.45 -38.25
CA ASN F 57 -51.13 -2.76 -38.07
C ASN F 57 -50.31 -2.79 -39.34
N SER F 58 -49.43 -1.81 -39.47
CA SER F 58 -48.43 -1.81 -40.53
C SER F 58 -47.31 -2.80 -40.21
N HIS F 59 -46.73 -3.39 -41.25
CA HIS F 59 -45.68 -4.42 -41.12
C HIS F 59 -44.57 -4.27 -42.16
N SER F 60 -43.45 -4.96 -41.94
CA SER F 60 -42.28 -4.85 -42.81
C SER F 60 -41.48 -6.13 -42.77
N MET F 61 -40.43 -6.21 -43.57
CA MET F 61 -39.51 -7.36 -43.50
C MET F 61 -38.04 -6.96 -43.51
N ASP F 62 -37.32 -7.47 -42.51
CA ASP F 62 -35.87 -7.27 -42.34
C ASP F 62 -35.19 -8.64 -42.41
N PHE F 63 -34.35 -8.86 -43.42
CA PHE F 63 -33.54 -10.08 -43.51
C PHE F 63 -32.12 -9.74 -43.08
N HIS F 64 -31.60 -10.44 -42.08
CA HIS F 64 -30.17 -10.27 -41.70
C HIS F 64 -29.24 -10.78 -42.77
N ALA F 65 -29.80 -11.48 -43.76
CA ALA F 65 -29.03 -11.95 -44.91
C ALA F 65 -28.88 -10.91 -46.03
N ALA F 66 -29.56 -9.78 -45.88
CA ALA F 66 -29.63 -8.77 -46.94
C ALA F 66 -28.77 -7.57 -46.62
N ARG F 67 -28.16 -6.99 -47.66
CA ARG F 67 -27.40 -5.75 -47.54
C ARG F 67 -28.12 -4.71 -48.42
N LEU F 68 -28.92 -3.88 -47.78
CA LEU F 68 -29.87 -3.02 -48.48
C LEU F 68 -29.93 -1.64 -47.83
N ASP F 69 -31.05 -0.95 -48.00
CA ASP F 69 -31.29 0.36 -47.40
C ASP F 69 -32.42 0.25 -46.39
N VAL F 70 -32.11 0.47 -45.11
CA VAL F 70 -33.14 0.36 -44.08
C VAL F 70 -34.36 1.25 -44.38
N VAL F 71 -34.11 2.46 -44.86
CA VAL F 71 -35.18 3.46 -45.08
C VAL F 71 -36.20 3.00 -46.13
N GLU F 72 -35.76 2.66 -47.34
CA GLU F 72 -36.69 2.27 -48.41
C GLU F 72 -37.08 0.79 -48.40
N ASP F 73 -36.08 -0.10 -48.29
CA ASP F 73 -36.33 -1.53 -48.43
C ASP F 73 -37.10 -2.13 -47.25
N PHE F 74 -36.72 -1.72 -46.04
CA PHE F 74 -37.33 -2.26 -44.82
C PHE F 74 -38.51 -1.42 -44.33
N GLU F 75 -39.04 -0.56 -45.21
CA GLU F 75 -40.18 0.29 -44.87
C GLU F 75 -41.44 -0.51 -44.50
N SER F 76 -42.27 0.10 -43.68
CA SER F 76 -43.53 -0.49 -43.25
C SER F 76 -44.61 -0.27 -44.29
N ILE F 77 -45.49 -1.26 -44.44
CA ILE F 77 -46.63 -1.16 -45.37
C ILE F 77 -47.91 -1.37 -44.58
N LYS F 78 -48.95 -0.63 -44.97
CA LYS F 78 -50.27 -0.70 -44.33
C LYS F 78 -51.02 -1.97 -44.76
N PRO F 79 -52.05 -2.35 -43.98
CA PRO F 79 -52.92 -3.46 -44.39
C PRO F 79 -53.45 -3.23 -45.80
N GLY F 80 -53.39 -4.29 -46.62
CA GLY F 80 -53.78 -4.21 -48.01
C GLY F 80 -52.66 -3.80 -48.97
N GLU F 81 -51.49 -3.43 -48.44
CA GLU F 81 -50.37 -3.04 -49.30
C GLU F 81 -49.34 -4.17 -49.52
N THR F 82 -48.49 -3.99 -50.53
CA THR F 82 -47.44 -4.95 -50.89
C THR F 82 -46.08 -4.25 -50.99
N LYS F 83 -45.03 -4.89 -50.49
CA LYS F 83 -43.67 -4.38 -50.65
C LYS F 83 -42.83 -5.42 -51.38
N LYS F 84 -42.05 -4.97 -52.36
CA LYS F 84 -41.15 -5.85 -53.09
C LYS F 84 -39.73 -5.32 -53.00
N TYR F 85 -38.77 -6.19 -52.73
CA TYR F 85 -37.37 -5.86 -52.94
C TYR F 85 -36.53 -7.07 -53.31
N THR F 86 -35.38 -6.81 -53.91
CA THR F 86 -34.48 -7.85 -54.34
C THR F 86 -33.14 -7.71 -53.65
N PHE F 87 -32.55 -8.84 -53.26
CA PHE F 87 -31.19 -8.85 -52.69
C PHE F 87 -30.46 -10.14 -53.01
N THR F 88 -29.15 -10.07 -53.10
CA THR F 88 -28.33 -11.26 -53.22
C THR F 88 -27.89 -11.70 -51.83
N ALA F 89 -27.85 -13.01 -51.61
CA ALA F 89 -27.38 -13.55 -50.34
C ALA F 89 -25.87 -13.70 -50.42
N ASP F 90 -25.14 -12.66 -50.01
CA ASP F 90 -23.71 -12.58 -50.25
C ASP F 90 -22.85 -13.43 -49.32
N ASN F 91 -23.41 -13.81 -48.17
CA ASN F 91 -22.65 -14.56 -47.16
C ASN F 91 -23.37 -15.81 -46.70
N PRO F 92 -22.63 -16.93 -46.64
CA PRO F 92 -23.27 -18.17 -46.22
C PRO F 92 -23.50 -18.18 -44.70
N GLY F 93 -24.45 -19.00 -44.26
CA GLY F 93 -24.66 -19.23 -42.83
C GLY F 93 -26.12 -19.30 -42.43
N VAL F 94 -26.44 -18.69 -41.30
CA VAL F 94 -27.78 -18.71 -40.75
C VAL F 94 -28.14 -17.32 -40.22
N PHE F 95 -29.31 -16.82 -40.61
CA PHE F 95 -29.66 -15.43 -40.34
C PHE F 95 -31.07 -15.25 -39.82
N PHE F 96 -31.18 -14.35 -38.84
CA PHE F 96 -32.47 -13.87 -38.31
C PHE F 96 -33.23 -13.12 -39.41
N TYR F 97 -34.53 -13.33 -39.50
CA TYR F 97 -35.42 -12.37 -40.21
C TYR F 97 -36.58 -12.00 -39.33
N HIS F 98 -37.08 -10.77 -39.47
CA HIS F 98 -38.17 -10.30 -38.62
C HIS F 98 -38.80 -9.08 -39.18
N CYS F 99 -40.01 -8.77 -38.72
CA CYS F 99 -40.63 -7.49 -38.99
C CYS F 99 -39.77 -6.39 -38.35
N GLY F 100 -39.65 -5.26 -39.04
CA GLY F 100 -38.92 -4.12 -38.51
C GLY F 100 -39.79 -2.91 -38.25
N SER F 101 -41.09 -3.12 -38.06
CA SER F 101 -42.05 -2.03 -37.89
C SER F 101 -42.14 -1.53 -36.45
N ASP F 102 -42.66 -0.32 -36.29
CA ASP F 102 -42.72 0.37 -35.00
C ASP F 102 -43.80 -0.19 -34.06
N PRO F 103 -43.43 -0.57 -32.81
CA PRO F 103 -42.09 -0.75 -32.27
C PRO F 103 -41.62 -2.19 -32.44
N MET F 104 -40.41 -2.33 -32.99
CA MET F 104 -39.84 -3.64 -33.30
C MET F 104 -39.92 -4.64 -32.14
N ILE F 105 -39.71 -4.16 -30.91
CA ILE F 105 -39.79 -5.02 -29.73
C ILE F 105 -41.12 -5.82 -29.72
N GLN F 106 -42.24 -5.15 -30.01
CA GLN F 106 -43.58 -5.78 -30.01
C GLN F 106 -43.84 -6.68 -31.22
N HIS F 107 -43.41 -6.24 -32.40
CA HIS F 107 -43.57 -7.03 -33.61
C HIS F 107 -42.82 -8.34 -33.51
N ILE F 108 -41.59 -8.28 -33.01
CA ILE F 108 -40.85 -9.50 -32.67
C ILE F 108 -41.55 -10.34 -31.58
N ALA F 109 -41.91 -9.70 -30.47
CA ALA F 109 -42.49 -10.43 -29.32
C ALA F 109 -43.79 -11.15 -29.70
N ARG F 110 -44.57 -10.54 -30.58
CA ARG F 110 -45.85 -11.10 -30.97
C ARG F 110 -45.74 -12.21 -32.02
N GLY F 111 -44.54 -12.49 -32.53
CA GLY F 111 -44.30 -13.66 -33.37
C GLY F 111 -43.76 -13.44 -34.79
N MET F 112 -43.46 -12.19 -35.14
CA MET F 112 -42.99 -11.88 -36.48
C MET F 112 -41.51 -12.08 -36.63
N TYR F 113 -41.09 -13.34 -36.56
CA TYR F 113 -39.70 -13.73 -36.72
C TYR F 113 -39.56 -15.06 -37.42
N GLY F 114 -38.38 -15.31 -38.00
CA GLY F 114 -38.05 -16.58 -38.61
C GLY F 114 -36.56 -16.67 -38.92
N VAL F 115 -36.18 -17.68 -39.70
CA VAL F 115 -34.78 -17.90 -40.10
C VAL F 115 -34.64 -17.98 -41.63
N ILE F 116 -33.57 -17.42 -42.17
CA ILE F 116 -33.16 -17.72 -43.54
C ILE F 116 -31.81 -18.44 -43.52
N ILE F 117 -31.79 -19.64 -44.12
CA ILE F 117 -30.58 -20.42 -44.22
C ILE F 117 -29.93 -20.17 -45.59
N VAL F 118 -28.65 -19.83 -45.56
CA VAL F 118 -27.90 -19.57 -46.78
C VAL F 118 -26.79 -20.63 -46.90
N ASP F 119 -27.09 -21.70 -47.65
CA ASP F 119 -26.12 -22.80 -47.83
C ASP F 119 -24.81 -22.32 -48.49
N PRO F 120 -23.65 -22.78 -48.01
CA PRO F 120 -22.41 -22.35 -48.65
C PRO F 120 -22.38 -22.77 -50.11
N LYS F 121 -21.77 -21.94 -50.96
CA LYS F 121 -21.64 -22.31 -52.37
C LYS F 121 -20.71 -23.51 -52.50
N ASP F 122 -19.74 -23.59 -51.60
CA ASP F 122 -18.85 -24.74 -51.50
C ASP F 122 -19.54 -25.82 -50.65
N ALA F 123 -20.08 -26.83 -51.32
CA ALA F 123 -20.80 -27.93 -50.67
C ALA F 123 -19.99 -28.69 -49.61
N ASN F 124 -18.66 -28.56 -49.68
CA ASN F 124 -17.74 -29.23 -48.77
C ASN F 124 -17.23 -28.37 -47.60
N ALA F 125 -17.65 -27.11 -47.54
CA ALA F 125 -17.16 -26.19 -46.51
C ALA F 125 -17.61 -26.63 -45.12
N LEU F 126 -18.83 -27.15 -45.02
CA LEU F 126 -19.32 -27.71 -43.76
C LEU F 126 -19.26 -29.24 -43.83
N PRO F 127 -18.92 -29.91 -42.71
CA PRO F 127 -19.06 -31.38 -42.73
C PRO F 127 -20.52 -31.74 -42.97
N LYS F 128 -20.75 -32.89 -43.62
CA LYS F 128 -22.10 -33.27 -44.03
C LYS F 128 -22.97 -33.57 -42.81
N ALA F 129 -24.13 -32.92 -42.75
CA ALA F 129 -25.09 -33.20 -41.68
C ALA F 129 -26.00 -34.37 -42.05
N ASP F 130 -26.30 -35.21 -41.06
CA ASP F 130 -27.27 -36.29 -41.24
C ASP F 130 -28.67 -35.86 -40.85
N ARG F 131 -28.75 -34.84 -40.00
CA ARG F 131 -30.02 -34.25 -39.58
C ARG F 131 -29.83 -32.74 -39.50
N GLU F 132 -30.91 -32.00 -39.76
CA GLU F 132 -30.96 -30.55 -39.51
C GLU F 132 -32.23 -30.17 -38.78
N TYR F 133 -32.09 -29.31 -37.76
CA TYR F 133 -33.22 -28.81 -37.00
C TYR F 133 -33.10 -27.32 -36.78
N VAL F 134 -34.21 -26.60 -36.96
CA VAL F 134 -34.25 -25.17 -36.68
C VAL F 134 -34.79 -24.98 -35.27
N LEU F 135 -34.08 -24.17 -34.49
CA LEU F 135 -34.54 -23.78 -33.16
C LEU F 135 -34.41 -22.27 -33.00
N ILE F 136 -35.54 -21.60 -32.80
CA ILE F 136 -35.59 -20.15 -32.61
C ILE F 136 -36.09 -19.81 -31.21
N GLN F 137 -35.21 -19.18 -30.44
CA GLN F 137 -35.55 -18.75 -29.09
C GLN F 137 -36.21 -17.37 -29.11
N ALA F 138 -37.24 -17.22 -28.29
CA ALA F 138 -37.89 -15.94 -28.11
C ALA F 138 -38.49 -15.85 -26.73
N GLU F 139 -38.73 -14.63 -26.25
CA GLU F 139 -39.47 -14.44 -25.03
C GLU F 139 -40.97 -14.34 -25.32
N HIS F 140 -41.78 -15.01 -24.51
CA HIS F 140 -43.22 -14.83 -24.59
C HIS F 140 -43.66 -13.87 -23.53
N TYR F 141 -44.44 -12.86 -23.90
CA TYR F 141 -45.02 -11.90 -22.96
C TYR F 141 -46.51 -12.17 -22.74
N GLU F 142 -46.95 -12.13 -21.48
CA GLU F 142 -48.34 -12.49 -21.12
C GLU F 142 -49.39 -11.69 -21.89
N ASN F 143 -49.26 -10.38 -21.88
CA ASN F 143 -50.16 -9.48 -22.61
C ASN F 143 -49.45 -8.87 -23.83
N PRO F 144 -49.81 -9.32 -25.05
CA PRO F 144 -49.11 -8.85 -26.25
C PRO F 144 -49.29 -7.36 -26.56
N ASP F 145 -50.27 -6.71 -25.91
CA ASP F 145 -50.48 -5.27 -26.09
C ASP F 145 -49.68 -4.41 -25.11
N ASP F 146 -49.20 -5.01 -24.02
CA ASP F 146 -48.49 -4.29 -22.94
C ASP F 146 -47.02 -4.03 -23.31
N LYS F 147 -46.78 -2.90 -23.98
CA LYS F 147 -45.44 -2.54 -24.46
C LYS F 147 -44.50 -2.20 -23.32
N THR F 148 -45.04 -1.66 -22.23
CA THR F 148 -44.25 -1.32 -21.05
C THR F 148 -43.59 -2.56 -20.42
N ALA F 149 -44.37 -3.65 -20.30
CA ALA F 149 -43.84 -4.90 -19.79
C ALA F 149 -42.70 -5.42 -20.67
N MET F 150 -42.81 -5.24 -21.98
CA MET F 150 -41.75 -5.67 -22.91
C MET F 150 -40.50 -4.83 -22.67
N MET F 151 -40.69 -3.51 -22.60
CA MET F 151 -39.60 -2.56 -22.33
C MET F 151 -38.91 -2.82 -20.99
N GLN F 152 -39.68 -3.33 -20.03
CA GLN F 152 -39.15 -3.67 -18.70
C GLN F 152 -38.62 -5.10 -18.63
N ASN F 153 -38.69 -5.84 -19.74
CA ASN F 153 -38.16 -7.21 -19.83
C ASN F 153 -38.92 -8.18 -18.90
N LYS F 154 -40.20 -7.91 -18.72
CA LYS F 154 -40.99 -8.73 -17.80
C LYS F 154 -41.73 -9.81 -18.57
N TRP F 155 -40.95 -10.77 -19.07
CA TRP F 155 -41.48 -11.87 -19.83
C TRP F 155 -42.09 -12.94 -18.94
N SER F 156 -43.00 -13.74 -19.50
CA SER F 156 -43.61 -14.87 -18.78
CA SER F 156 -43.60 -14.86 -18.77
C SER F 156 -42.83 -16.16 -18.99
N ASN F 157 -42.38 -16.38 -20.23
CA ASN F 157 -41.63 -17.58 -20.62
C ASN F 157 -40.55 -17.25 -21.64
N VAL F 158 -39.56 -18.13 -21.76
CA VAL F 158 -38.55 -18.10 -22.81
C VAL F 158 -38.72 -19.41 -23.56
N VAL F 159 -38.92 -19.35 -24.88
CA VAL F 159 -39.41 -20.53 -25.60
C VAL F 159 -38.60 -20.85 -26.86
N PHE F 160 -38.71 -22.10 -27.34
CA PHE F 160 -38.18 -22.46 -28.65
C PHE F 160 -39.31 -22.67 -29.66
N ASN F 161 -39.16 -22.10 -30.84
CA ASN F 161 -40.17 -22.20 -31.90
C ASN F 161 -41.61 -21.89 -31.47
N GLY F 162 -41.74 -20.88 -30.60
CA GLY F 162 -43.04 -20.31 -30.24
C GLY F 162 -43.81 -21.00 -29.12
N GLY F 163 -43.25 -22.07 -28.55
CA GLY F 163 -44.01 -22.90 -27.60
C GLY F 163 -43.28 -23.24 -26.30
N VAL F 164 -43.97 -23.09 -25.18
CA VAL F 164 -43.40 -23.41 -23.86
C VAL F 164 -43.17 -24.91 -23.80
N PHE F 165 -41.93 -25.33 -23.55
CA PHE F 165 -41.53 -26.75 -23.55
C PHE F 165 -42.07 -27.54 -24.75
N LYS F 166 -42.09 -26.88 -25.91
CA LYS F 166 -42.63 -27.49 -27.12
C LYS F 166 -42.02 -28.87 -27.39
N TYR F 167 -40.71 -28.99 -27.15
CA TYR F 167 -40.00 -30.24 -27.41
C TYR F 167 -39.48 -30.96 -26.16
N ASP F 168 -40.21 -30.84 -25.06
CA ASP F 168 -39.73 -31.40 -23.80
C ASP F 168 -40.77 -32.31 -23.14
N PRO F 169 -40.89 -33.55 -23.64
CA PRO F 169 -41.87 -34.48 -23.03
C PRO F 169 -41.46 -34.91 -21.62
N VAL F 170 -40.19 -34.72 -21.28
CA VAL F 170 -39.65 -35.09 -19.96
C VAL F 170 -40.16 -34.16 -18.85
N HIS F 171 -40.18 -32.84 -19.12
CA HIS F 171 -40.69 -31.85 -18.13
C HIS F 171 -42.12 -31.45 -18.35
N ASP F 172 -42.71 -31.92 -19.45
CA ASP F 172 -44.12 -31.65 -19.72
C ASP F 172 -44.75 -32.86 -20.42
N SER F 173 -45.62 -33.56 -19.69
CA SER F 173 -46.27 -34.77 -20.21
C SER F 173 -47.13 -34.50 -21.45
N GLU F 174 -47.56 -33.26 -21.62
CA GLU F 174 -48.42 -32.88 -22.75
C GLU F 174 -47.61 -32.51 -24.02
N ALA F 175 -46.29 -32.45 -23.91
CA ALA F 175 -45.44 -32.20 -25.08
C ALA F 175 -45.44 -33.41 -26.00
N THR F 176 -45.68 -33.18 -27.28
CA THR F 176 -45.86 -34.28 -28.25
C THR F 176 -44.80 -34.28 -29.37
N SER F 177 -43.79 -33.42 -29.24
CA SER F 177 -42.74 -33.31 -30.25
C SER F 177 -41.35 -33.33 -29.62
N TRP F 178 -40.37 -33.81 -30.38
CA TRP F 178 -38.97 -33.80 -29.96
C TRP F 178 -38.09 -34.09 -31.13
N LEU F 179 -36.80 -33.82 -30.99
CA LEU F 179 -35.85 -33.99 -32.08
C LEU F 179 -35.36 -35.43 -32.07
N GLN F 180 -35.04 -35.96 -33.24
CA GLN F 180 -34.66 -37.36 -33.38
C GLN F 180 -33.39 -37.50 -34.17
N ALA F 181 -32.54 -38.42 -33.74
CA ALA F 181 -31.35 -38.82 -34.49
C ALA F 181 -30.89 -40.22 -34.09
N LYS F 182 -29.92 -40.74 -34.84
CA LYS F 182 -29.28 -41.98 -34.48
C LYS F 182 -27.96 -41.63 -33.82
N PRO F 183 -27.43 -42.53 -32.96
CA PRO F 183 -26.08 -42.32 -32.47
C PRO F 183 -25.09 -42.26 -33.63
N GLY F 184 -24.05 -41.43 -33.51
CA GLY F 184 -23.05 -41.32 -34.55
C GLY F 184 -23.38 -40.29 -35.64
N GLU F 185 -24.66 -39.95 -35.79
CA GLU F 185 -25.04 -39.00 -36.84
C GLU F 185 -24.66 -37.57 -36.44
N ARG F 186 -24.27 -36.77 -37.43
CA ARG F 186 -24.03 -35.33 -37.21
C ARG F 186 -25.35 -34.56 -37.27
N VAL F 187 -25.76 -34.00 -36.14
CA VAL F 187 -27.01 -33.24 -36.08
C VAL F 187 -26.70 -31.76 -36.10
N ARG F 188 -27.17 -31.07 -37.14
CA ARG F 188 -26.90 -29.64 -37.30
C ARG F 188 -28.06 -28.80 -36.79
N ILE F 189 -27.78 -27.96 -35.79
CA ILE F 189 -28.77 -27.05 -35.26
C ILE F 189 -28.58 -25.65 -35.85
N TYR F 190 -29.62 -25.17 -36.54
CA TYR F 190 -29.69 -23.78 -36.95
C TYR F 190 -30.43 -23.03 -35.86
N PHE F 191 -29.69 -22.24 -35.10
CA PHE F 191 -30.24 -21.53 -33.95
C PHE F 191 -30.28 -20.03 -34.18
N VAL F 192 -31.44 -19.44 -33.94
CA VAL F 192 -31.62 -17.98 -34.00
C VAL F 192 -32.13 -17.55 -32.64
N ASN F 193 -31.53 -16.50 -32.08
CA ASN F 193 -32.12 -15.91 -30.88
C ASN F 193 -32.89 -14.68 -31.28
N ALA F 194 -34.23 -14.79 -31.35
CA ALA F 194 -35.06 -13.69 -31.83
C ALA F 194 -35.23 -12.58 -30.78
N GLY F 195 -35.06 -12.93 -29.51
CA GLY F 195 -35.24 -11.95 -28.44
C GLY F 195 -36.72 -11.79 -28.12
N PRO F 196 -37.22 -10.55 -28.05
CA PRO F 196 -36.53 -9.31 -28.44
C PRO F 196 -35.35 -8.91 -27.56
N ASN F 197 -35.34 -9.30 -26.29
CA ASN F 197 -34.41 -8.73 -25.31
C ASN F 197 -33.27 -9.63 -24.83
N GLU F 198 -33.56 -10.92 -24.69
CA GLU F 198 -32.72 -11.81 -23.86
C GLU F 198 -31.57 -12.47 -24.62
N LEU F 199 -30.57 -12.88 -23.87
CA LEU F 199 -29.42 -13.63 -24.33
C LEU F 199 -29.69 -15.12 -24.14
N SER F 200 -29.07 -15.95 -24.99
CA SER F 200 -29.12 -17.40 -24.79
C SER F 200 -27.72 -17.96 -24.56
N SER F 201 -27.60 -18.89 -23.61
CA SER F 201 -26.33 -19.58 -23.35
C SER F 201 -26.55 -21.06 -23.63
N LEU F 202 -26.37 -21.45 -24.89
CA LEU F 202 -26.90 -22.72 -25.36
C LEU F 202 -25.99 -23.91 -25.09
N HIS F 203 -26.58 -24.95 -24.48
CA HIS F 203 -25.85 -26.14 -24.01
C HIS F 203 -26.63 -27.41 -24.25
N PRO F 204 -25.99 -28.46 -24.80
CA PRO F 204 -26.69 -29.73 -24.87
C PRO F 204 -26.38 -30.56 -23.63
N ILE F 205 -27.35 -30.70 -22.74
CA ILE F 205 -27.13 -31.50 -21.53
C ILE F 205 -26.80 -32.93 -21.92
N ALA F 206 -25.68 -33.41 -21.38
CA ALA F 206 -25.14 -34.75 -21.66
C ALA F 206 -24.41 -34.86 -23.00
N GLY F 207 -24.17 -33.73 -23.64
CA GLY F 207 -23.36 -33.71 -24.86
C GLY F 207 -22.43 -32.52 -24.91
N ILE F 208 -21.90 -32.24 -26.10
CA ILE F 208 -20.97 -31.13 -26.34
C ILE F 208 -21.23 -30.68 -27.79
N TRP F 209 -21.04 -29.40 -28.08
CA TRP F 209 -21.11 -28.95 -29.49
C TRP F 209 -19.84 -29.37 -30.17
N ASP F 210 -19.94 -30.29 -31.13
CA ASP F 210 -18.78 -30.73 -31.91
C ASP F 210 -18.10 -29.54 -32.58
N ARG F 211 -18.93 -28.69 -33.18
CA ARG F 211 -18.46 -27.48 -33.85
C ARG F 211 -19.54 -26.42 -33.70
N VAL F 212 -19.11 -25.16 -33.64
CA VAL F 212 -20.06 -24.04 -33.64
C VAL F 212 -19.58 -23.01 -34.67
N TYR F 213 -20.52 -22.50 -35.47
CA TYR F 213 -20.24 -21.48 -36.47
C TYR F 213 -21.03 -20.19 -36.20
N PRO F 214 -20.34 -19.16 -35.66
CA PRO F 214 -20.96 -17.84 -35.54
C PRO F 214 -21.50 -17.31 -36.88
N SER F 215 -22.77 -16.89 -36.86
CA SER F 215 -23.55 -16.56 -38.07
C SER F 215 -23.57 -17.67 -39.14
N GLY F 216 -23.20 -18.89 -38.74
CA GLY F 216 -23.25 -20.04 -39.64
C GLY F 216 -22.09 -20.12 -40.62
N ASN F 217 -21.15 -19.19 -40.52
CA ASN F 217 -20.11 -19.06 -41.54
C ASN F 217 -18.99 -20.03 -41.25
N PRO F 218 -18.64 -20.88 -42.24
CA PRO F 218 -17.54 -21.84 -42.11
C PRO F 218 -16.23 -21.23 -41.64
N LYS F 219 -16.00 -19.95 -41.95
CA LYS F 219 -14.75 -19.30 -41.58
C LYS F 219 -14.56 -19.10 -40.09
N ASN F 220 -15.65 -19.07 -39.34
CA ASN F 220 -15.59 -18.75 -37.91
C ASN F 220 -15.63 -19.98 -36.99
N VAL F 221 -15.39 -21.17 -37.54
CA VAL F 221 -15.56 -22.43 -36.78
C VAL F 221 -14.84 -22.44 -35.42
N GLN F 222 -15.57 -22.89 -34.41
CA GLN F 222 -15.06 -23.17 -33.08
C GLN F 222 -15.31 -24.64 -32.77
N TYR F 223 -14.46 -25.24 -31.95
CA TYR F 223 -14.49 -26.69 -31.72
C TYR F 223 -14.82 -27.07 -30.29
N ALA F 224 -15.61 -28.13 -30.14
CA ALA F 224 -15.86 -28.76 -28.83
C ALA F 224 -16.20 -27.75 -27.74
N LEU F 225 -17.20 -26.91 -27.99
CA LEU F 225 -17.68 -25.94 -26.99
C LEU F 225 -18.78 -26.56 -26.16
N GLN F 226 -18.67 -26.49 -24.83
CA GLN F 226 -19.77 -26.96 -24.00
C GLN F 226 -20.99 -26.07 -24.13
N SER F 227 -20.77 -24.76 -24.30
CA SER F 227 -21.87 -23.81 -24.35
C SER F 227 -21.51 -22.71 -25.31
N TYR F 228 -22.52 -22.00 -25.79
CA TYR F 228 -22.26 -20.90 -26.71
C TYR F 228 -23.27 -19.77 -26.50
N LEU F 229 -22.77 -18.54 -26.37
CA LEU F 229 -23.62 -17.37 -26.19
C LEU F 229 -24.15 -16.82 -27.51
N ILE F 230 -25.49 -16.78 -27.63
CA ILE F 230 -26.15 -16.15 -28.78
C ILE F 230 -26.93 -14.92 -28.29
N GLY F 231 -26.45 -13.73 -28.65
CA GLY F 231 -27.10 -12.48 -28.27
C GLY F 231 -28.45 -12.32 -28.95
N ALA F 232 -29.27 -11.40 -28.42
CA ALA F 232 -30.55 -11.07 -29.04
C ALA F 232 -30.25 -10.59 -30.46
N GLY F 233 -31.02 -11.09 -31.43
CA GLY F 233 -30.83 -10.71 -32.84
C GLY F 233 -29.64 -11.41 -33.49
N ASP F 234 -29.12 -12.46 -32.86
CA ASP F 234 -28.01 -13.21 -33.42
C ASP F 234 -28.40 -14.66 -33.78
N ALA F 235 -27.55 -15.31 -34.55
CA ALA F 235 -27.78 -16.69 -34.98
C ALA F 235 -26.46 -17.45 -35.13
N ALA F 236 -26.54 -18.77 -34.97
CA ALA F 236 -25.37 -19.63 -35.10
C ALA F 236 -25.76 -21.04 -35.54
N THR F 237 -24.81 -21.74 -36.16
CA THR F 237 -24.95 -23.16 -36.49
C THR F 237 -24.15 -23.99 -35.49
N LEU F 238 -24.78 -25.01 -34.89
CA LEU F 238 -24.13 -25.82 -33.87
C LEU F 238 -24.36 -27.29 -34.17
N ASP F 239 -23.28 -28.06 -34.24
CA ASP F 239 -23.33 -29.50 -34.55
C ASP F 239 -23.21 -30.34 -33.28
N LEU F 240 -23.96 -31.45 -33.25
CA LEU F 240 -24.06 -32.33 -32.08
C LEU F 240 -24.01 -33.77 -32.60
N ILE F 241 -23.15 -34.59 -32.00
CA ILE F 241 -23.07 -36.03 -32.29
C ILE F 241 -23.09 -36.78 -30.95
N SER F 242 -24.07 -37.66 -30.75
CA SER F 242 -24.06 -38.50 -29.56
C SER F 242 -23.41 -39.85 -29.87
N PRO F 243 -22.52 -40.32 -29.00
CA PRO F 243 -21.91 -41.62 -29.26
C PRO F 243 -22.80 -42.80 -28.81
N VAL F 244 -23.91 -42.48 -28.14
CA VAL F 244 -24.76 -43.49 -27.50
C VAL F 244 -26.25 -43.24 -27.76
N GLU F 245 -27.04 -44.31 -27.63
CA GLU F 245 -28.48 -44.18 -27.55
C GLU F 245 -28.85 -43.45 -26.26
N GLY F 246 -29.95 -42.73 -26.29
CA GLY F 246 -30.43 -42.00 -25.13
C GLY F 246 -30.92 -40.63 -25.51
N ALA F 247 -30.75 -39.66 -24.61
CA ALA F 247 -31.21 -38.29 -24.88
C ALA F 247 -30.14 -37.27 -24.53
N ASN F 248 -30.19 -36.13 -25.23
CA ASN F 248 -29.60 -34.89 -24.74
C ASN F 248 -30.74 -33.89 -24.62
N ALA F 249 -30.52 -32.83 -23.85
CA ALA F 249 -31.52 -31.76 -23.74
C ALA F 249 -30.84 -30.44 -24.06
N ILE F 250 -31.19 -29.86 -25.20
CA ILE F 250 -30.64 -28.57 -25.60
C ILE F 250 -31.31 -27.49 -24.75
N VAL F 251 -30.52 -26.78 -23.96
CA VAL F 251 -31.08 -25.78 -23.05
C VAL F 251 -30.40 -24.43 -23.17
N ASP F 252 -31.14 -23.38 -22.83
CA ASP F 252 -30.55 -22.10 -22.50
C ASP F 252 -30.15 -22.25 -21.04
N HIS F 253 -28.83 -22.28 -20.81
CA HIS F 253 -28.25 -22.61 -19.50
C HIS F 253 -28.32 -21.47 -18.49
N SER F 254 -28.86 -20.32 -18.88
CA SER F 254 -29.28 -19.35 -17.87
C SER F 254 -30.55 -19.96 -17.26
N MET F 255 -30.46 -20.52 -16.06
CA MET F 255 -31.48 -21.50 -15.64
C MET F 255 -32.92 -20.96 -15.55
N ARG F 256 -33.10 -19.70 -15.18
CA ARG F 256 -34.45 -19.12 -15.13
C ARG F 256 -35.10 -19.12 -16.52
N HIS F 257 -34.29 -19.06 -17.58
CA HIS F 257 -34.75 -19.28 -18.96
C HIS F 257 -35.21 -20.70 -19.21
N ALA F 258 -34.33 -21.65 -18.90
CA ALA F 258 -34.62 -23.09 -19.11
C ALA F 258 -35.92 -23.50 -18.41
N HIS F 259 -36.03 -23.14 -17.13
CA HIS F 259 -37.19 -23.51 -16.30
C HIS F 259 -38.47 -22.87 -16.73
N SER F 260 -38.36 -21.80 -17.51
CA SER F 260 -39.52 -21.10 -18.04
C SER F 260 -39.94 -21.62 -19.43
N GLY F 261 -39.24 -22.62 -19.97
CA GLY F 261 -39.66 -23.21 -21.22
C GLY F 261 -38.59 -23.53 -22.26
N ALA F 262 -37.36 -23.04 -22.03
CA ALA F 262 -36.31 -23.13 -23.05
C ALA F 262 -35.48 -24.40 -22.90
N ILE F 263 -36.12 -25.53 -23.17
CA ILE F 263 -35.48 -26.86 -23.16
C ILE F 263 -36.09 -27.68 -24.29
N ALA F 264 -35.23 -28.23 -25.13
CA ALA F 264 -35.63 -29.11 -26.23
C ALA F 264 -34.90 -30.45 -26.15
N VAL F 265 -35.66 -31.53 -26.12
CA VAL F 265 -35.06 -32.86 -26.02
C VAL F 265 -34.74 -33.40 -27.43
N ILE F 266 -33.57 -34.01 -27.56
CA ILE F 266 -33.23 -34.78 -28.74
C ILE F 266 -33.00 -36.24 -28.33
N MET F 267 -33.73 -37.13 -28.99
CA MET F 267 -33.70 -38.54 -28.68
C MET F 267 -32.83 -39.26 -29.69
N PHE F 268 -31.82 -39.97 -29.18
CA PHE F 268 -30.93 -40.72 -30.04
C PHE F 268 -31.35 -42.19 -29.98
N THR F 269 -31.91 -42.70 -31.08
CA THR F 269 -32.36 -44.10 -31.15
C THR F 269 -31.91 -44.75 -32.45
N ASN F 270 -31.71 -46.07 -32.43
CA ASN F 270 -31.30 -46.79 -33.64
C ASN F 270 -32.35 -46.81 -34.76
N ASP F 271 -33.61 -46.57 -34.41
CA ASP F 271 -34.66 -46.51 -35.43
C ASP F 271 -35.39 -45.15 -35.46
N ALA F 272 -34.61 -44.07 -35.36
CA ALA F 272 -35.15 -42.73 -35.53
C ALA F 272 -35.86 -42.64 -36.89
N ASP F 273 -36.95 -41.88 -36.94
CA ASP F 273 -37.74 -41.67 -38.16
C ASP F 273 -36.87 -41.11 -39.30
N PRO F 274 -36.75 -41.86 -40.42
CA PRO F 274 -35.94 -41.35 -41.55
C PRO F 274 -36.38 -40.00 -42.10
N GLU F 275 -37.57 -39.53 -41.76
CA GLU F 275 -38.05 -38.26 -42.26
C GLU F 275 -37.67 -37.10 -41.33
N ALA F 276 -37.32 -37.43 -40.09
CA ALA F 276 -37.05 -36.42 -39.06
C ALA F 276 -35.75 -35.66 -39.37
N GLY F 277 -35.82 -34.33 -39.27
CA GLY F 277 -34.65 -33.48 -39.52
C GLY F 277 -34.16 -33.47 -40.95
N ARG F 278 -35.07 -33.79 -41.88
CA ARG F 278 -34.76 -33.80 -43.31
C ARG F 278 -35.92 -33.19 -44.10
N GLY F 279 -35.64 -32.72 -45.31
CA GLY F 279 -36.67 -32.10 -46.16
C GLY F 279 -37.26 -30.83 -45.55
N GLU F 280 -38.59 -30.73 -45.51
CA GLU F 280 -39.22 -29.58 -44.85
C GLU F 280 -39.77 -29.89 -43.45
N ASN F 281 -39.21 -30.94 -42.85
CA ASN F 281 -39.47 -31.30 -41.45
C ASN F 281 -38.53 -30.57 -40.47
N ILE F 282 -37.55 -29.82 -41.00
CA ILE F 282 -36.47 -29.29 -40.13
C ILE F 282 -36.92 -28.34 -39.01
N LEU F 283 -37.98 -27.57 -39.24
CA LEU F 283 -38.61 -26.81 -38.16
C LEU F 283 -39.86 -27.59 -37.78
N ILE F 284 -39.81 -28.29 -36.65
CA ILE F 284 -40.89 -29.20 -36.23
C ILE F 284 -42.08 -28.41 -35.70
N ARG F 285 -43.21 -28.54 -36.38
CA ARG F 285 -44.41 -27.83 -35.99
C ARG F 285 -45.34 -28.71 -35.16
CU CU G . -28.65 -31.57 -5.91
CU CU H . -24.77 -27.70 -17.14
C1 GOL I . -27.95 -5.86 -6.53
O1 GOL I . -27.32 -5.44 -5.31
C2 GOL I . -28.89 -7.02 -6.23
O2 GOL I . -29.73 -6.69 -5.12
C3 GOL I . -29.76 -7.28 -7.46
O3 GOL I . -30.33 -8.59 -7.40
C1 GOL J . -2.06 -16.21 -0.72
O1 GOL J . -2.47 -17.29 -1.58
C2 GOL J . -3.10 -15.93 0.36
O2 GOL J . -4.11 -16.94 0.30
C3 GOL J . -2.42 -15.89 1.73
O3 GOL J . -2.20 -17.24 2.16
CU CU K . -14.02 9.43 -11.07
CU CU L . -12.24 -1.50 -16.87
CL CL M . -3.73 10.95 -28.58
CL CL N . -12.34 13.36 -28.97
CU CU O . 45.33 27.05 25.98
CU CU P . 32.96 25.60 26.81
CL CL Q . 42.04 20.90 43.01
CU CU R . 28.20 -13.35 29.46
CU CU S . 24.74 -1.78 32.61
CU CU T . 13.28 14.35 -1.14
CU CU U . 11.88 13.06 11.19
CL CL V . 12.20 31.48 5.75
CU CU W . -44.98 -6.40 -37.94
CU CU X . -32.63 -7.72 -36.71
C1 GOL Y . -41.45 -36.34 -32.92
O1 GOL Y . -41.74 -34.94 -32.83
C2 GOL Y . -42.65 -37.12 -32.45
O2 GOL Y . -43.82 -36.69 -33.17
C3 GOL Y . -42.45 -38.62 -32.69
O3 GOL Y . -43.50 -39.32 -32.01
C1 GOL Z . -57.67 -8.08 -54.68
O1 GOL Z . -57.78 -6.89 -53.90
C2 GOL Z . -58.30 -9.22 -53.88
O2 GOL Z . -57.43 -9.53 -52.79
C3 GOL Z . -58.47 -10.43 -54.79
O3 GOL Z . -58.70 -11.61 -54.01
C1 GOL AA . -39.22 -12.33 -16.11
O1 GOL AA . -40.38 -11.58 -15.76
C2 GOL AA . -38.75 -13.19 -14.93
O2 GOL AA . -38.38 -12.34 -13.83
C3 GOL AA . -39.84 -14.18 -14.53
O3 GOL AA . -39.26 -15.35 -13.95
#